data_4D43
#
_entry.id   4D43
#
_cell.length_a   89.180
_cell.length_b   94.880
_cell.length_c   94.900
_cell.angle_alpha   98.45
_cell.angle_beta   111.49
_cell.angle_gamma   97.30
#
_symmetry.space_group_name_H-M   'P 1'
#
loop_
_entity.id
_entity.type
_entity.pdbx_description
1 polymer 'ENOYL-[ACYL-CARRIER-PROTEIN] REDUCTASE [NADPH]'
2 non-polymer 'GLUTAMIC ACID'
3 non-polymer (4R)-2-METHYLPENTANE-2,4-DIOL
4 non-polymer 'NADP NICOTINAMIDE-ADENINE-DINUCLEOTIDE PHOSPHATE'
5 non-polymer 2-(2-chloro-4-nitrophenoxy)-5-ethyl-4-fluorophenol
6 water water
#
_entity_poly.entity_id   1
_entity_poly.type   'polypeptide(L)'
_entity_poly.pdbx_seq_one_letter_code
;MKHHHHHHPMSDYDIPTTENLYFQGAMVNLENKTYVIMGIANKRSIAFGVAKVLDQLGAKLVFTYRKERSRKELEKLLEQ
LNQPEAHLYQIDVQSDEEVINGFEQIGKDVGNIDGVYHSIAFANMEDLRGRFSETSREGFLLAQDISSYSLTIVAHEAKK
LMPEGGSIVATTYLGGEFAVQNYNVMGVAKASLEANVKYLALDLGPDNIRVNAISAGPIRTLSAKGVGGFNTILKEIEER
APLKRNVDQVEVGKTAAYLLSDLSSGVTGENIHVDSGFHAIK
;
_entity_poly.pdbx_strand_id   A,B,C,D,E,F,G,H
#
loop_
_chem_comp.id
_chem_comp.type
_chem_comp.name
_chem_comp.formula
9W7 non-polymer 2-(2-chloro-4-nitrophenoxy)-5-ethyl-4-fluorophenol 'C14 H11 Cl F N O4'
MRD non-polymer (4R)-2-METHYLPENTANE-2,4-DIOL 'C6 H14 O2'
NAP non-polymer 'NADP NICOTINAMIDE-ADENINE-DINUCLEOTIDE PHOSPHATE' 'C21 H28 N7 O17 P3'
#
# COMPACT_ATOMS: atom_id res chain seq x y z
N ASN A 29 -43.33 12.62 -29.85
CA ASN A 29 -44.16 13.62 -30.58
C ASN A 29 -45.40 14.10 -29.83
N LEU A 30 -45.52 15.41 -29.68
CA LEU A 30 -46.46 16.01 -28.74
C LEU A 30 -47.52 16.88 -29.40
N GLU A 31 -47.83 16.64 -30.67
CA GLU A 31 -48.90 17.40 -31.31
C GLU A 31 -50.26 16.98 -30.78
N ASN A 32 -51.20 17.92 -30.73
CA ASN A 32 -52.48 17.65 -30.08
C ASN A 32 -52.32 17.38 -28.58
N LYS A 33 -51.14 17.68 -28.03
CA LYS A 33 -50.97 17.71 -26.57
C LYS A 33 -50.92 19.14 -26.04
N THR A 34 -51.42 19.38 -24.84
CA THR A 34 -51.38 20.73 -24.27
C THR A 34 -50.76 20.68 -22.88
N TYR A 35 -49.78 21.53 -22.60
CA TYR A 35 -49.09 21.51 -21.31
C TYR A 35 -49.12 22.91 -20.66
N VAL A 36 -49.36 22.95 -19.35
CA VAL A 36 -49.16 24.17 -18.58
C VAL A 36 -47.76 24.21 -17.96
N ILE A 37 -47.04 25.28 -18.27
CA ILE A 37 -45.72 25.54 -17.73
C ILE A 37 -45.76 26.72 -16.73
N MET A 38 -45.41 26.45 -15.48
CA MET A 38 -45.43 27.50 -14.46
C MET A 38 -44.01 27.86 -14.06
N GLY A 39 -43.66 29.14 -14.17
CA GLY A 39 -42.40 29.63 -13.61
C GLY A 39 -41.29 30.11 -14.54
N ILE A 40 -41.64 30.55 -15.74
CA ILE A 40 -40.71 31.33 -16.55
C ILE A 40 -40.63 32.77 -16.05
N ALA A 41 -39.40 33.23 -15.81
CA ALA A 41 -39.16 34.65 -15.51
C ALA A 41 -38.37 35.34 -16.62
N ASN A 42 -37.37 34.64 -17.17
CA ASN A 42 -36.59 35.14 -18.30
C ASN A 42 -36.04 33.98 -19.13
N LYS A 43 -35.19 34.32 -20.10
CA LYS A 43 -34.64 33.35 -21.04
C LYS A 43 -33.75 32.32 -20.35
N ARG A 44 -33.30 32.58 -19.12
CA ARG A 44 -32.46 31.59 -18.45
CA ARG A 44 -32.46 31.60 -18.43
C ARG A 44 -33.24 30.65 -17.50
N SER A 45 -34.54 30.87 -17.36
CA SER A 45 -35.33 30.02 -16.47
C SER A 45 -35.31 28.58 -16.92
N ILE A 46 -35.24 27.68 -15.95
CA ILE A 46 -35.29 26.25 -16.27
C ILE A 46 -36.55 25.94 -17.05
N ALA A 47 -37.69 26.52 -16.67
CA ALA A 47 -38.95 26.31 -17.37
C ALA A 47 -38.94 26.76 -18.83
N PHE A 48 -38.08 27.72 -19.17
CA PHE A 48 -37.93 28.12 -20.58
C PHE A 48 -37.20 27.07 -21.41
N GLY A 49 -36.30 26.33 -20.76
CA GLY A 49 -35.70 25.13 -21.35
C GLY A 49 -36.77 24.13 -21.78
N VAL A 50 -37.65 23.86 -20.82
CA VAL A 50 -38.77 22.96 -20.95
C VAL A 50 -39.66 23.45 -22.06
N ALA A 51 -39.98 24.75 -22.05
CA ALA A 51 -40.81 25.33 -23.11
C ALA A 51 -40.26 25.09 -24.52
N LYS A 52 -38.99 25.38 -24.74
CA LYS A 52 -38.43 25.23 -26.08
C LYS A 52 -38.52 23.78 -26.50
N VAL A 53 -38.31 22.86 -25.56
CA VAL A 53 -38.28 21.46 -25.97
C VAL A 53 -39.70 21.06 -26.36
N LEU A 54 -40.69 21.39 -25.54
CA LEU A 54 -42.06 20.97 -25.79
C LEU A 54 -42.59 21.68 -27.03
N ASP A 55 -42.18 22.93 -27.20
CA ASP A 55 -42.61 23.71 -28.37
C ASP A 55 -42.05 23.03 -29.62
N GLN A 56 -40.80 22.61 -29.52
CA GLN A 56 -40.06 22.08 -30.67
C GLN A 56 -40.71 20.75 -31.03
N LEU A 57 -41.40 20.12 -30.07
CA LEU A 57 -42.03 18.82 -30.28
C LEU A 57 -43.53 18.90 -30.69
N GLY A 58 -44.02 20.11 -30.92
CA GLY A 58 -45.39 20.28 -31.40
C GLY A 58 -46.44 20.47 -30.31
N ALA A 59 -46.03 20.64 -29.05
CA ALA A 59 -47.00 20.83 -27.98
C ALA A 59 -47.62 22.22 -28.06
N LYS A 60 -48.91 22.33 -27.72
CA LYS A 60 -49.51 23.62 -27.40
C LYS A 60 -49.13 23.96 -25.95
N LEU A 61 -48.68 25.20 -25.70
CA LEU A 61 -48.21 25.61 -24.38
C LEU A 61 -49.06 26.73 -23.80
N VAL A 62 -49.30 26.64 -22.50
CA VAL A 62 -49.99 27.66 -21.72
C VAL A 62 -49.03 28.04 -20.61
N PHE A 63 -48.92 29.34 -20.30
CA PHE A 63 -47.91 29.79 -19.36
C PHE A 63 -48.51 30.52 -18.17
N THR A 64 -47.99 30.28 -16.97
CA THR A 64 -48.38 31.07 -15.81
C THR A 64 -47.19 31.86 -15.24
N TYR A 65 -47.48 33.02 -14.65
CA TYR A 65 -46.44 33.90 -14.08
C TYR A 65 -47.00 34.52 -12.80
N ARG A 66 -46.09 35.01 -11.95
CA ARG A 66 -46.49 35.89 -10.86
C ARG A 66 -46.38 37.39 -11.17
N LYS A 67 -45.16 37.88 -11.40
CA LYS A 67 -44.91 39.31 -11.57
C LYS A 67 -45.20 39.83 -12.98
N GLU A 68 -45.66 41.07 -13.08
CA GLU A 68 -45.77 41.79 -14.34
CA GLU A 68 -45.81 41.67 -14.39
C GLU A 68 -44.51 41.64 -15.20
N ARG A 69 -43.35 41.77 -14.55
CA ARG A 69 -42.08 41.81 -15.30
C ARG A 69 -41.91 40.51 -16.06
N SER A 70 -42.43 39.44 -15.49
CA SER A 70 -42.28 38.10 -16.04
C SER A 70 -43.25 37.83 -17.19
N ARG A 71 -44.47 38.37 -17.10
CA ARG A 71 -45.38 38.33 -18.25
C ARG A 71 -44.75 39.04 -19.45
N LYS A 72 -44.10 40.18 -19.22
CA LYS A 72 -43.48 40.94 -20.30
C LYS A 72 -42.36 40.13 -20.93
N GLU A 73 -41.51 39.50 -20.10
CA GLU A 73 -40.55 38.53 -20.61
C GLU A 73 -41.24 37.43 -21.41
N LEU A 74 -42.34 36.89 -20.90
CA LEU A 74 -43.05 35.81 -21.59
C LEU A 74 -43.47 36.27 -22.98
N GLU A 75 -43.94 37.51 -23.07
CA GLU A 75 -44.40 38.00 -24.36
C GLU A 75 -43.27 38.05 -25.39
N LYS A 76 -42.12 38.58 -25.00
CA LYS A 76 -40.90 38.61 -25.81
C LYS A 76 -40.40 37.21 -26.22
N LEU A 77 -40.34 36.29 -25.26
CA LEU A 77 -39.75 34.97 -25.45
C LEU A 77 -40.60 34.12 -26.39
N LEU A 78 -41.89 34.38 -26.44
CA LEU A 78 -42.78 33.68 -27.38
C LEU A 78 -42.52 34.00 -28.85
N GLU A 79 -41.90 35.15 -29.12
CA GLU A 79 -41.47 35.51 -30.48
C GLU A 79 -40.58 34.43 -31.08
N GLN A 80 -39.87 33.68 -30.22
CA GLN A 80 -38.97 32.67 -30.73
C GLN A 80 -39.45 31.24 -30.53
N LEU A 81 -40.69 31.08 -30.07
CA LEU A 81 -41.38 29.79 -30.09
C LEU A 81 -42.26 29.68 -31.34
N ASN A 82 -42.79 28.49 -31.51
CA ASN A 82 -43.69 28.17 -32.59
C ASN A 82 -45.14 28.23 -32.16
N GLN A 83 -45.41 28.76 -30.97
CA GLN A 83 -46.79 28.84 -30.46
C GLN A 83 -47.60 29.78 -31.35
N PRO A 84 -48.74 29.33 -31.90
CA PRO A 84 -49.48 30.33 -32.70
C PRO A 84 -50.18 31.40 -31.85
N GLU A 85 -50.36 31.16 -30.56
CA GLU A 85 -50.92 32.19 -29.69
C GLU A 85 -50.37 32.22 -28.28
N ALA A 86 -50.44 33.39 -27.68
CA ALA A 86 -50.12 33.62 -26.28
C ALA A 86 -51.23 33.10 -25.37
N HIS A 87 -50.94 32.06 -24.61
CA HIS A 87 -51.82 31.70 -23.51
C HIS A 87 -51.10 32.01 -22.21
N LEU A 88 -51.36 33.20 -21.67
CA LEU A 88 -50.66 33.71 -20.49
C LEU A 88 -51.60 33.98 -19.30
N TYR A 89 -51.32 33.40 -18.14
CA TYR A 89 -52.14 33.61 -16.94
C TYR A 89 -51.31 33.99 -15.72
N GLN A 90 -51.79 34.99 -14.98
CA GLN A 90 -51.16 35.32 -13.72
C GLN A 90 -51.64 34.35 -12.65
N ILE A 91 -50.71 33.67 -11.98
CA ILE A 91 -51.07 32.77 -10.91
C ILE A 91 -49.95 32.84 -9.90
N ASP A 92 -50.20 33.59 -8.84
CA ASP A 92 -49.34 33.59 -7.67
C ASP A 92 -49.71 32.43 -6.76
N VAL A 93 -48.87 31.40 -6.70
CA VAL A 93 -49.33 30.15 -6.07
C VAL A 93 -49.53 30.32 -4.54
N GLN A 94 -49.29 31.51 -4.00
CA GLN A 94 -49.63 31.76 -2.61
C GLN A 94 -51.13 31.95 -2.40
N SER A 95 -51.85 32.17 -3.50
CA SER A 95 -53.28 32.42 -3.38
C SER A 95 -54.06 31.22 -3.93
N ASP A 96 -54.86 30.56 -3.08
CA ASP A 96 -55.75 29.49 -3.53
C ASP A 96 -56.67 29.99 -4.65
N GLU A 97 -57.25 31.16 -4.43
CA GLU A 97 -58.19 31.73 -5.40
CA GLU A 97 -58.17 31.77 -5.40
C GLU A 97 -57.53 31.89 -6.78
N GLU A 98 -56.25 32.30 -6.82
CA GLU A 98 -55.57 32.53 -8.08
C GLU A 98 -55.27 31.23 -8.84
N VAL A 99 -54.87 30.20 -8.10
CA VAL A 99 -54.65 28.88 -8.66
C VAL A 99 -55.97 28.27 -9.15
N ILE A 100 -57.02 28.32 -8.33
CA ILE A 100 -58.34 27.81 -8.69
C ILE A 100 -58.88 28.51 -9.95
N ASN A 101 -58.84 29.83 -9.94
CA ASN A 101 -59.47 30.60 -11.00
C ASN A 101 -58.60 30.54 -12.25
N GLY A 102 -57.29 30.57 -12.02
CA GLY A 102 -56.31 30.40 -13.08
C GLY A 102 -56.56 29.15 -13.90
N PHE A 103 -56.56 27.98 -13.26
CA PHE A 103 -56.78 26.72 -14.02
C PHE A 103 -58.18 26.65 -14.58
N GLU A 104 -59.16 27.15 -13.83
CA GLU A 104 -60.52 27.15 -14.35
C GLU A 104 -60.56 27.87 -15.68
N GLN A 105 -59.81 28.95 -15.80
CA GLN A 105 -59.85 29.78 -17.00
C GLN A 105 -59.08 29.17 -18.16
N ILE A 106 -57.94 28.55 -17.85
CA ILE A 106 -57.21 27.76 -18.85
C ILE A 106 -58.11 26.70 -19.52
N GLY A 107 -58.88 25.98 -18.71
CA GLY A 107 -59.82 24.98 -19.20
C GLY A 107 -60.88 25.59 -20.10
N LYS A 108 -61.41 26.75 -19.74
CA LYS A 108 -62.40 27.42 -20.59
C LYS A 108 -61.75 27.79 -21.91
N ASP A 109 -60.47 28.17 -21.85
CA ASP A 109 -59.77 28.79 -22.99
C ASP A 109 -59.15 27.79 -23.97
N VAL A 110 -58.59 26.68 -23.47
CA VAL A 110 -57.95 25.68 -24.33
C VAL A 110 -58.47 24.24 -24.17
N GLY A 111 -59.34 23.98 -23.20
CA GLY A 111 -59.90 22.64 -23.00
C GLY A 111 -59.00 21.81 -22.09
N ASN A 112 -59.18 20.49 -22.13
CA ASN A 112 -58.43 19.58 -21.28
C ASN A 112 -56.94 19.62 -21.58
N ILE A 113 -56.13 19.35 -20.56
CA ILE A 113 -54.69 19.46 -20.73
C ILE A 113 -54.05 18.10 -20.54
N ASP A 114 -52.81 17.98 -20.99
CA ASP A 114 -52.03 16.74 -20.75
C ASP A 114 -51.08 16.71 -19.56
N GLY A 115 -50.75 17.88 -19.01
CA GLY A 115 -49.79 17.86 -17.90
C GLY A 115 -49.37 19.25 -17.51
N VAL A 116 -48.71 19.33 -16.35
CA VAL A 116 -48.21 20.57 -15.79
C VAL A 116 -46.70 20.39 -15.53
N TYR A 117 -45.92 21.38 -15.94
CA TYR A 117 -44.56 21.53 -15.44
C TYR A 117 -44.48 22.62 -14.35
N HIS A 118 -44.15 22.20 -13.13
CA HIS A 118 -43.99 23.10 -11.99
C HIS A 118 -42.52 23.47 -11.84
N SER A 119 -42.22 24.76 -11.92
CA SER A 119 -40.83 25.22 -11.84
C SER A 119 -40.76 26.44 -10.93
N ILE A 120 -41.28 26.27 -9.72
CA ILE A 120 -41.53 27.41 -8.84
C ILE A 120 -40.92 27.15 -7.46
N ALA A 121 -40.14 28.09 -6.95
CA ALA A 121 -39.70 28.04 -5.56
C ALA A 121 -39.34 29.43 -5.08
N PHE A 122 -39.33 29.62 -3.77
CA PHE A 122 -38.94 30.89 -3.18
C PHE A 122 -38.55 30.71 -1.72
N ALA A 123 -37.59 31.51 -1.28
CA ALA A 123 -37.23 31.60 0.14
C ALA A 123 -36.65 33.00 0.38
N ASN A 124 -36.74 33.55 1.59
CA ASN A 124 -36.11 34.84 1.85
C ASN A 124 -34.60 34.72 1.78
N MET A 125 -34.02 35.61 0.98
N MET A 125 -33.96 35.73 1.21
CA MET A 125 -32.60 35.63 0.62
CA MET A 125 -32.50 35.83 1.29
C MET A 125 -31.73 35.07 1.72
C MET A 125 -32.02 35.86 2.73
N GLU A 126 -31.88 35.67 2.90
N GLU A 126 -32.71 36.66 3.53
CA GLU A 126 -30.92 35.54 3.99
CA GLU A 126 -32.50 36.75 4.96
C GLU A 126 -30.90 34.16 4.64
C GLU A 126 -32.32 35.38 5.66
N ASP A 127 -31.89 33.34 4.33
N ASP A 127 -33.27 34.47 5.45
CA ASP A 127 -31.92 31.97 4.84
CA ASP A 127 -33.12 33.10 5.93
C ASP A 127 -31.00 31.04 4.05
C ASP A 127 -32.05 32.31 5.19
N LEU A 128 -30.44 31.52 2.94
N LEU A 128 -32.15 32.26 3.86
CA LEU A 128 -29.71 30.64 2.02
CA LEU A 128 -31.18 31.57 3.00
C LEU A 128 -28.19 30.69 2.18
C LEU A 128 -29.71 31.85 3.36
N ARG A 129 -27.73 30.91 3.41
N ARG A 129 -29.40 33.11 3.64
CA ARG A 129 -26.36 31.31 3.66
CA ARG A 129 -28.03 33.55 3.88
C ARG A 129 -26.14 31.38 5.16
C ARG A 129 -27.55 33.53 5.35
N GLY A 130 -24.89 31.23 5.58
N GLY A 130 -28.39 33.11 6.28
CA GLY A 130 -24.56 31.24 7.01
CA GLY A 130 -27.95 32.93 7.65
C GLY A 130 -25.15 30.03 7.71
C GLY A 130 -27.77 31.47 7.95
N ARG A 131 -26.24 30.25 8.47
N ARG A 131 -27.37 31.15 9.18
CA ARG A 131 -26.71 29.24 9.42
CA ARG A 131 -27.27 29.78 9.68
C ARG A 131 -28.23 29.00 9.49
C ARG A 131 -28.59 29.02 9.65
N PHE A 132 -28.57 27.72 9.35
CA PHE A 132 -29.91 27.11 9.23
C PHE A 132 -30.62 27.11 10.59
N SER A 133 -29.86 26.86 11.64
CA SER A 133 -30.47 26.87 12.98
C SER A 133 -31.15 28.22 13.31
N GLU A 134 -30.88 29.27 12.52
CA GLU A 134 -31.37 30.61 12.84
C GLU A 134 -32.60 30.98 11.99
N THR A 135 -33.01 30.07 11.11
CA THR A 135 -34.20 30.27 10.28
C THR A 135 -35.45 30.71 11.07
N SER A 136 -36.10 31.75 10.58
CA SER A 136 -37.32 32.29 11.16
C SER A 136 -38.47 31.34 10.85
N ARG A 137 -39.46 31.31 11.73
CA ARG A 137 -40.67 30.52 11.47
C ARG A 137 -41.35 31.00 10.18
N GLU A 138 -41.47 32.31 10.01
CA GLU A 138 -42.26 32.84 8.88
C GLU A 138 -41.52 32.51 7.58
N GLY A 139 -40.20 32.59 7.60
CA GLY A 139 -39.41 32.24 6.45
C GLY A 139 -39.46 30.75 6.13
N PHE A 140 -39.48 29.91 7.16
CA PHE A 140 -39.49 28.49 6.90
C PHE A 140 -40.84 28.09 6.29
N LEU A 141 -41.92 28.66 6.80
CA LEU A 141 -43.26 28.34 6.32
C LEU A 141 -43.57 28.91 4.95
N LEU A 142 -43.06 30.12 4.65
CA LEU A 142 -43.10 30.75 3.33
C LEU A 142 -42.44 29.90 2.24
N ALA A 143 -41.27 29.34 2.57
CA ALA A 143 -40.63 28.46 1.62
C ALA A 143 -41.40 27.16 1.42
N GLN A 144 -41.98 26.57 2.46
CA GLN A 144 -42.87 25.40 2.33
C GLN A 144 -44.09 25.72 1.47
N ASP A 145 -44.67 26.87 1.75
CA ASP A 145 -45.86 27.30 1.06
C ASP A 145 -45.63 27.43 -0.45
N ILE A 146 -44.63 28.21 -0.86
CA ILE A 146 -44.44 28.42 -2.28
C ILE A 146 -43.78 27.23 -2.99
N SER A 147 -42.86 26.56 -2.29
CA SER A 147 -41.96 25.63 -2.93
C SER A 147 -42.44 24.19 -2.84
N SER A 148 -43.45 23.94 -2.00
CA SER A 148 -43.95 22.59 -1.82
C SER A 148 -45.47 22.54 -1.89
N TYR A 149 -46.11 23.20 -0.93
CA TYR A 149 -47.55 23.17 -0.92
C TYR A 149 -48.13 23.61 -2.28
N SER A 150 -47.47 24.54 -2.97
CA SER A 150 -48.02 24.95 -4.27
C SER A 150 -48.26 23.77 -5.24
N LEU A 151 -47.46 22.74 -5.14
CA LEU A 151 -47.65 21.59 -6.02
C LEU A 151 -48.97 20.88 -5.70
N THR A 152 -49.27 20.71 -4.41
CA THR A 152 -50.50 20.02 -3.97
C THR A 152 -51.76 20.67 -4.54
N ILE A 153 -51.90 21.97 -4.36
CA ILE A 153 -53.08 22.67 -4.87
C ILE A 153 -53.10 22.79 -6.42
N VAL A 154 -51.98 23.06 -7.06
CA VAL A 154 -51.89 23.01 -8.54
C VAL A 154 -52.37 21.64 -9.06
N ALA A 155 -51.91 20.55 -8.44
CA ALA A 155 -52.30 19.21 -8.84
C ALA A 155 -53.82 19.05 -8.72
N HIS A 156 -54.37 19.48 -7.59
CA HIS A 156 -55.78 19.33 -7.34
C HIS A 156 -56.55 20.10 -8.43
N GLU A 157 -56.07 21.27 -8.82
CA GLU A 157 -56.83 22.11 -9.76
C GLU A 157 -56.64 21.65 -11.20
N ALA A 158 -55.43 21.19 -11.51
CA ALA A 158 -55.07 20.67 -12.84
C ALA A 158 -55.72 19.32 -13.17
N LYS A 159 -55.96 18.51 -12.14
CA LYS A 159 -56.68 17.25 -12.28
C LYS A 159 -58.07 17.38 -12.92
N LYS A 160 -58.78 18.47 -12.63
CA LYS A 160 -60.08 18.77 -13.23
C LYS A 160 -59.96 18.86 -14.75
N LEU A 161 -58.79 19.21 -15.25
CA LEU A 161 -58.59 19.32 -16.70
C LEU A 161 -57.94 18.07 -17.30
N MET A 162 -57.86 16.99 -16.51
CA MET A 162 -57.18 15.77 -16.95
C MET A 162 -58.06 14.53 -16.71
N PRO A 163 -59.30 14.60 -17.22
CA PRO A 163 -60.23 13.48 -16.99
C PRO A 163 -59.72 12.11 -17.47
N GLU A 164 -58.88 12.10 -18.50
CA GLU A 164 -58.31 10.85 -19.03
C GLU A 164 -57.00 10.43 -18.39
N GLY A 165 -56.39 11.29 -17.58
CA GLY A 165 -55.04 11.05 -17.10
C GLY A 165 -54.09 12.11 -17.64
N GLY A 166 -52.84 12.04 -17.23
CA GLY A 166 -51.89 13.08 -17.52
C GLY A 166 -50.67 13.00 -16.63
N SER A 167 -49.85 14.05 -16.71
CA SER A 167 -48.53 13.93 -16.13
C SER A 167 -48.11 15.26 -15.51
N ILE A 168 -47.68 15.19 -14.26
CA ILE A 168 -47.21 16.39 -13.56
C ILE A 168 -45.75 16.28 -13.11
N VAL A 169 -44.93 17.30 -13.43
CA VAL A 169 -43.51 17.29 -13.11
C VAL A 169 -43.13 18.55 -12.32
N ALA A 170 -42.51 18.35 -11.15
CA ALA A 170 -41.95 19.43 -10.35
C ALA A 170 -40.43 19.38 -10.41
N THR A 171 -39.81 20.52 -10.13
CA THR A 171 -38.36 20.68 -10.25
C THR A 171 -37.74 20.70 -8.86
N THR A 172 -36.81 19.78 -8.62
CA THR A 172 -36.15 19.75 -7.31
C THR A 172 -34.63 19.88 -7.39
N TYR A 173 -33.95 19.80 -6.24
CA TYR A 173 -32.49 19.85 -6.21
C TYR A 173 -32.00 18.85 -5.13
N LEU A 174 -30.85 18.25 -5.41
CA LEU A 174 -30.07 17.35 -4.56
C LEU A 174 -30.05 17.78 -3.08
N GLY A 175 -30.09 19.09 -2.81
CA GLY A 175 -30.15 19.53 -1.42
C GLY A 175 -31.41 19.13 -0.67
N GLY A 176 -32.41 18.65 -1.41
CA GLY A 176 -33.55 17.97 -0.81
C GLY A 176 -33.26 16.57 -0.28
N GLU A 177 -32.17 15.93 -0.70
CA GLU A 177 -31.93 14.56 -0.30
C GLU A 177 -30.78 14.52 0.70
N PHE A 178 -29.94 15.56 0.66
CA PHE A 178 -28.74 15.72 1.50
C PHE A 178 -28.61 17.17 1.88
N ALA A 179 -27.95 17.44 3.00
CA ALA A 179 -27.70 18.79 3.43
C ALA A 179 -26.55 19.35 2.58
N VAL A 180 -26.86 20.32 1.70
CA VAL A 180 -25.90 21.03 0.86
C VAL A 180 -25.61 22.40 1.49
N GLN A 181 -24.33 22.73 1.74
CA GLN A 181 -23.97 24.01 2.39
C GLN A 181 -24.67 25.18 1.71
N ASN A 182 -25.20 26.10 2.50
CA ASN A 182 -25.83 27.31 1.96
C ASN A 182 -27.21 27.13 1.31
N TYR A 183 -27.66 25.90 1.13
CA TYR A 183 -29.01 25.67 0.66
C TYR A 183 -30.09 25.74 1.74
N ASN A 184 -29.72 25.36 2.97
CA ASN A 184 -30.51 25.66 4.18
C ASN A 184 -32.04 25.49 4.10
N VAL A 185 -32.78 26.56 4.38
CA VAL A 185 -34.24 26.41 4.41
C VAL A 185 -34.79 25.79 3.10
N MET A 186 -34.20 26.11 1.94
CA MET A 186 -34.75 25.61 0.69
C MET A 186 -34.58 24.09 0.58
N GLY A 187 -33.51 23.57 1.17
CA GLY A 187 -33.33 22.10 1.13
C GLY A 187 -34.43 21.37 1.92
N VAL A 188 -34.83 21.93 3.06
CA VAL A 188 -35.99 21.36 3.72
C VAL A 188 -37.28 21.55 2.87
N ALA A 189 -37.44 22.66 2.14
CA ALA A 189 -38.64 22.75 1.33
C ALA A 189 -38.60 21.75 0.18
N LYS A 190 -37.41 21.44 -0.33
CA LYS A 190 -37.30 20.49 -1.46
C LYS A 190 -37.54 19.07 -0.99
N ALA A 191 -37.12 18.74 0.24
CA ALA A 191 -37.41 17.46 0.85
C ALA A 191 -38.94 17.30 1.00
N SER A 192 -39.58 18.38 1.43
CA SER A 192 -41.04 18.43 1.49
C SER A 192 -41.68 18.16 0.09
N LEU A 193 -41.16 18.88 -0.91
CA LEU A 193 -41.63 18.78 -2.31
C LEU A 193 -41.54 17.33 -2.83
N GLU A 194 -40.45 16.68 -2.48
CA GLU A 194 -40.11 15.38 -3.02
C GLU A 194 -41.05 14.35 -2.39
N ALA A 195 -41.39 14.50 -1.09
CA ALA A 195 -42.41 13.63 -0.50
C ALA A 195 -43.80 13.96 -1.05
N ASN A 196 -44.05 15.25 -1.27
CA ASN A 196 -45.27 15.71 -1.93
C ASN A 196 -45.52 14.99 -3.26
N VAL A 197 -44.51 14.91 -4.11
CA VAL A 197 -44.56 14.08 -5.32
C VAL A 197 -44.94 12.61 -5.02
N LYS A 198 -44.36 12.04 -3.97
CA LYS A 198 -44.63 10.65 -3.65
C LYS A 198 -46.08 10.45 -3.19
N TYR A 199 -46.59 11.30 -2.31
CA TYR A 199 -47.99 11.25 -1.89
C TYR A 199 -48.98 11.60 -3.01
N LEU A 200 -48.66 12.61 -3.81
CA LEU A 200 -49.51 12.93 -4.98
C LEU A 200 -49.58 11.75 -5.94
N ALA A 201 -48.44 11.10 -6.17
CA ALA A 201 -48.37 9.95 -7.10
C ALA A 201 -49.24 8.77 -6.65
N LEU A 202 -49.24 8.54 -5.33
CA LEU A 202 -50.08 7.52 -4.72
C LEU A 202 -51.56 7.88 -4.81
N ASP A 203 -51.88 9.08 -4.36
CA ASP A 203 -53.24 9.59 -4.44
C ASP A 203 -53.82 9.57 -5.88
N LEU A 204 -53.05 10.05 -6.86
CA LEU A 204 -53.64 10.40 -8.16
C LEU A 204 -53.44 9.31 -9.18
N GLY A 205 -52.63 8.33 -8.79
CA GLY A 205 -52.26 7.17 -9.63
C GLY A 205 -53.47 6.42 -10.13
N PRO A 206 -54.51 6.25 -9.30
CA PRO A 206 -55.64 5.52 -9.88
C PRO A 206 -56.45 6.35 -10.85
N ASP A 207 -56.23 7.66 -10.84
CA ASP A 207 -56.82 8.51 -11.88
C ASP A 207 -55.98 8.55 -13.15
N ASN A 208 -54.94 7.72 -13.20
CA ASN A 208 -53.98 7.72 -14.32
C ASN A 208 -53.26 9.07 -14.49
N ILE A 209 -53.07 9.78 -13.38
CA ILE A 209 -52.18 10.93 -13.37
C ILE A 209 -50.85 10.52 -12.72
N ARG A 210 -49.77 10.67 -13.48
CA ARG A 210 -48.43 10.41 -12.97
C ARG A 210 -47.81 11.69 -12.41
N VAL A 211 -47.05 11.57 -11.33
CA VAL A 211 -46.40 12.73 -10.71
C VAL A 211 -44.96 12.31 -10.48
N ASN A 212 -43.99 13.08 -11.00
CA ASN A 212 -42.56 12.81 -10.86
C ASN A 212 -41.81 14.13 -10.67
N ALA A 213 -40.51 14.06 -10.42
CA ALA A 213 -39.71 15.27 -10.25
C ALA A 213 -38.49 15.09 -11.10
N ILE A 214 -37.89 16.23 -11.42
CA ILE A 214 -36.54 16.26 -11.98
C ILE A 214 -35.69 17.00 -10.97
N SER A 215 -34.58 16.37 -10.59
CA SER A 215 -33.57 16.98 -9.74
C SER A 215 -32.53 17.56 -10.69
N ALA A 216 -32.59 18.86 -10.94
CA ALA A 216 -31.65 19.54 -11.86
C ALA A 216 -30.32 19.81 -11.15
N GLY A 217 -29.21 19.59 -11.84
CA GLY A 217 -27.94 20.15 -11.39
C GLY A 217 -28.01 21.68 -11.41
N PRO A 218 -26.99 22.32 -10.82
CA PRO A 218 -26.99 23.78 -10.73
C PRO A 218 -26.88 24.44 -12.11
N ILE A 219 -27.65 25.51 -12.34
CA ILE A 219 -27.76 26.17 -13.63
C ILE A 219 -27.88 27.68 -13.36
N ARG A 220 -27.13 28.51 -14.06
CA ARG A 220 -27.21 29.94 -13.88
C ARG A 220 -28.60 30.49 -14.22
N THR A 221 -29.38 30.79 -13.20
CA THR A 221 -30.70 31.40 -13.39
C THR A 221 -30.75 32.66 -12.55
N LEU A 222 -31.82 33.42 -12.67
CA LEU A 222 -32.00 34.58 -11.80
C LEU A 222 -32.04 34.16 -10.31
N SER A 223 -32.70 33.06 -9.98
CA SER A 223 -32.80 32.61 -8.59
C SER A 223 -31.52 32.01 -8.03
N ALA A 224 -30.67 31.50 -8.91
CA ALA A 224 -29.37 30.97 -8.48
C ALA A 224 -28.53 32.00 -7.72
N LYS A 225 -28.79 33.29 -7.97
CA LYS A 225 -28.05 34.38 -7.33
C LYS A 225 -28.27 34.48 -5.83
N GLY A 226 -29.32 33.83 -5.32
CA GLY A 226 -29.63 33.82 -3.88
C GLY A 226 -28.96 32.68 -3.11
N VAL A 227 -28.36 31.76 -3.84
CA VAL A 227 -27.71 30.66 -3.20
C VAL A 227 -26.24 31.07 -3.02
N GLY A 228 -25.78 31.24 -1.78
CA GLY A 228 -24.38 31.57 -1.53
C GLY A 228 -23.40 30.50 -1.99
N GLY A 229 -22.26 30.95 -2.49
CA GLY A 229 -21.23 30.04 -3.04
C GLY A 229 -21.62 29.27 -4.30
N PHE A 230 -22.49 29.85 -5.12
CA PHE A 230 -22.99 29.18 -6.33
C PHE A 230 -21.92 28.79 -7.36
N ASN A 231 -21.00 29.69 -7.65
CA ASN A 231 -19.92 29.41 -8.57
C ASN A 231 -19.04 28.26 -8.10
N THR A 232 -18.81 28.18 -6.79
CA THR A 232 -18.17 27.02 -6.19
C THR A 232 -19.01 25.73 -6.39
N ILE A 233 -20.33 25.83 -6.36
CA ILE A 233 -21.16 24.65 -6.64
C ILE A 233 -20.99 24.23 -8.12
N LEU A 234 -20.95 25.21 -9.02
CA LEU A 234 -20.73 24.93 -10.45
C LEU A 234 -19.39 24.25 -10.67
N LYS A 235 -18.34 24.77 -10.07
CA LYS A 235 -17.01 24.22 -10.27
C LYS A 235 -16.91 22.81 -9.72
N GLU A 236 -17.53 22.55 -8.59
CA GLU A 236 -17.50 21.19 -8.09
C GLU A 236 -18.11 20.18 -9.04
N ILE A 237 -19.17 20.53 -9.78
CA ILE A 237 -19.75 19.63 -10.73
C ILE A 237 -18.79 19.35 -11.88
N GLU A 238 -18.21 20.38 -12.49
CA GLU A 238 -17.21 20.16 -13.52
C GLU A 238 -16.11 19.21 -13.06
N GLU A 239 -15.73 19.27 -11.80
CA GLU A 239 -14.56 18.56 -11.33
C GLU A 239 -14.84 17.14 -10.92
N ARG A 240 -16.04 16.91 -10.40
CA ARG A 240 -16.37 15.68 -9.67
CA ARG A 240 -16.32 15.66 -9.74
C ARG A 240 -17.52 14.88 -10.29
N ALA A 241 -18.53 15.54 -10.84
CA ALA A 241 -19.62 14.75 -11.48
C ALA A 241 -19.05 13.80 -12.59
N PRO A 242 -19.55 12.54 -12.67
CA PRO A 242 -19.20 11.64 -13.77
C PRO A 242 -19.06 12.25 -15.18
N LEU A 243 -19.90 13.21 -15.57
CA LEU A 243 -19.74 13.77 -16.94
C LEU A 243 -18.74 14.91 -16.96
N LYS A 244 -18.20 15.33 -15.82
CA LYS A 244 -17.22 16.44 -15.79
C LYS A 244 -17.66 17.68 -16.58
N ARG A 245 -18.97 17.95 -16.60
CA ARG A 245 -19.50 19.23 -17.12
C ARG A 245 -20.79 19.55 -16.35
N ASN A 246 -21.23 20.81 -16.42
CA ASN A 246 -22.55 21.20 -15.89
C ASN A 246 -23.66 20.88 -16.90
N VAL A 247 -24.91 20.86 -16.45
CA VAL A 247 -26.00 20.59 -17.38
C VAL A 247 -26.63 21.92 -17.77
N ASP A 248 -27.51 21.94 -18.76
CA ASP A 248 -28.29 23.16 -19.00
C ASP A 248 -29.81 23.03 -19.09
N GLN A 249 -30.48 24.17 -19.29
CA GLN A 249 -31.93 24.21 -19.18
C GLN A 249 -32.57 23.25 -20.18
N VAL A 250 -32.06 23.22 -21.40
CA VAL A 250 -32.54 22.30 -22.42
C VAL A 250 -32.43 20.81 -22.02
N GLU A 251 -31.40 20.46 -21.25
CA GLU A 251 -31.27 19.07 -20.84
C GLU A 251 -32.38 18.69 -19.85
N VAL A 252 -32.70 19.62 -18.96
CA VAL A 252 -33.88 19.45 -18.10
C VAL A 252 -35.15 19.27 -18.95
N GLY A 253 -35.34 20.15 -19.92
CA GLY A 253 -36.54 20.07 -20.77
C GLY A 253 -36.69 18.78 -21.57
N LYS A 254 -35.56 18.22 -22.00
CA LYS A 254 -35.60 16.95 -22.72
C LYS A 254 -36.07 15.81 -21.82
N THR A 255 -35.61 15.78 -20.58
CA THR A 255 -36.12 14.80 -19.60
C THR A 255 -37.60 15.10 -19.28
N ALA A 256 -37.96 16.37 -19.12
CA ALA A 256 -39.36 16.77 -19.00
C ALA A 256 -40.25 16.21 -20.11
N ALA A 257 -39.83 16.32 -21.37
CA ALA A 257 -40.60 15.77 -22.45
C ALA A 257 -40.86 14.28 -22.22
N TYR A 258 -39.82 13.57 -21.82
CA TYR A 258 -39.93 12.13 -21.48
C TYR A 258 -41.04 11.93 -20.45
N LEU A 259 -40.93 12.65 -19.33
CA LEU A 259 -41.79 12.49 -18.16
C LEU A 259 -43.22 12.91 -18.49
N LEU A 260 -43.37 13.89 -19.37
CA LEU A 260 -44.69 14.43 -19.70
C LEU A 260 -45.41 13.64 -20.80
N SER A 261 -44.69 12.77 -21.51
CA SER A 261 -45.26 12.01 -22.62
C SER A 261 -45.49 10.55 -22.22
N ASP A 262 -46.05 9.79 -23.15
CA ASP A 262 -46.28 8.36 -23.01
C ASP A 262 -44.99 7.51 -22.96
N LEU A 263 -43.84 8.09 -23.30
CA LEU A 263 -42.59 7.36 -23.11
C LEU A 263 -42.39 6.87 -21.67
N SER A 264 -42.84 7.64 -20.69
CA SER A 264 -42.71 7.30 -19.27
C SER A 264 -43.96 6.70 -18.59
N SER A 265 -44.76 5.94 -19.36
CA SER A 265 -46.10 5.55 -18.88
C SER A 265 -46.05 4.67 -17.65
N GLY A 266 -44.93 4.01 -17.39
CA GLY A 266 -44.89 3.17 -16.20
C GLY A 266 -44.33 3.87 -14.98
N VAL A 267 -44.00 5.15 -15.14
CA VAL A 267 -43.09 5.80 -14.18
C VAL A 267 -43.85 6.87 -13.43
N THR A 268 -43.95 6.72 -12.12
CA THR A 268 -44.53 7.72 -11.25
C THR A 268 -43.93 7.63 -9.83
N GLY A 269 -43.94 8.75 -9.13
CA GLY A 269 -43.34 8.86 -7.84
C GLY A 269 -41.83 8.81 -7.87
N GLU A 270 -41.28 9.04 -9.05
CA GLU A 270 -39.84 8.98 -9.35
C GLU A 270 -39.20 10.37 -9.36
N ASN A 271 -37.88 10.37 -9.27
CA ASN A 271 -37.15 11.62 -9.13
C ASN A 271 -35.97 11.44 -10.07
N ILE A 272 -35.99 12.07 -11.25
CA ILE A 272 -34.87 11.80 -12.17
C ILE A 272 -33.82 12.91 -12.08
N HIS A 273 -32.58 12.54 -11.79
CA HIS A 273 -31.48 13.51 -11.59
C HIS A 273 -30.91 13.89 -12.96
N VAL A 274 -31.06 15.16 -13.32
CA VAL A 274 -30.46 15.64 -14.55
C VAL A 274 -29.33 16.55 -14.10
N ASP A 275 -28.22 15.91 -13.77
CA ASP A 275 -27.19 16.53 -12.97
C ASP A 275 -25.82 15.97 -13.31
N SER A 276 -25.68 15.31 -14.48
CA SER A 276 -24.38 14.83 -14.90
C SER A 276 -23.85 13.66 -14.08
N GLY A 277 -24.75 13.03 -13.32
CA GLY A 277 -24.41 11.90 -12.49
C GLY A 277 -23.91 12.27 -11.11
N PHE A 278 -24.02 13.54 -10.69
CA PHE A 278 -23.48 14.00 -9.39
C PHE A 278 -24.10 13.39 -8.13
N HIS A 279 -25.39 13.09 -8.24
CA HIS A 279 -26.12 12.33 -7.24
C HIS A 279 -25.54 10.95 -6.91
N ALA A 280 -24.85 10.33 -7.88
CA ALA A 280 -24.44 8.93 -7.68
C ALA A 280 -23.04 8.82 -7.05
N ILE A 281 -22.34 9.94 -6.94
CA ILE A 281 -21.02 9.90 -6.39
C ILE A 281 -20.90 10.55 -4.99
N LYS A 282 -19.77 10.37 -4.33
CA LYS A 282 -19.59 10.94 -3.00
C LYS A 282 -18.10 11.04 -2.69
N ASN B 29 -24.39 4.95 30.79
CA ASN B 29 -24.62 5.56 32.15
C ASN B 29 -24.64 7.09 32.15
N LEU B 30 -25.75 7.61 32.64
CA LEU B 30 -26.12 8.99 32.35
C LEU B 30 -26.19 9.71 33.69
N GLU B 31 -25.49 9.21 34.71
CA GLU B 31 -25.33 9.94 35.98
C GLU B 31 -24.72 11.33 35.73
N ASN B 32 -25.25 12.37 36.39
CA ASN B 32 -24.77 13.74 36.18
C ASN B 32 -25.01 14.32 34.78
N LYS B 33 -25.75 13.61 33.93
CA LYS B 33 -26.36 14.15 32.69
C LYS B 33 -27.79 14.67 32.89
N THR B 34 -28.19 15.61 32.04
CA THR B 34 -29.56 16.12 32.01
C THR B 34 -30.10 16.19 30.59
N TYR B 35 -31.31 15.68 30.43
CA TYR B 35 -32.01 15.72 29.14
C TYR B 35 -33.38 16.33 29.26
N VAL B 36 -33.75 17.19 28.31
CA VAL B 36 -35.06 17.77 28.19
C VAL B 36 -35.86 16.84 27.27
N ILE B 37 -37.00 16.34 27.75
CA ILE B 37 -37.88 15.51 26.96
C ILE B 37 -39.19 16.21 26.65
N MET B 38 -39.55 16.30 25.37
CA MET B 38 -40.66 17.13 24.94
C MET B 38 -41.72 16.23 24.33
N GLY B 39 -42.97 16.32 24.77
CA GLY B 39 -44.06 15.58 24.09
C GLY B 39 -44.58 14.33 24.80
N ILE B 40 -44.34 14.21 26.11
CA ILE B 40 -45.16 13.30 26.92
C ILE B 40 -46.60 13.81 27.09
N ALA B 41 -47.58 13.00 26.67
CA ALA B 41 -49.00 13.23 27.04
C ALA B 41 -49.53 12.24 28.08
N ASN B 42 -49.09 10.98 28.02
CA ASN B 42 -49.58 9.97 28.96
C ASN B 42 -48.64 8.78 28.98
N LYS B 43 -49.12 7.68 29.53
CA LYS B 43 -48.28 6.50 29.80
C LYS B 43 -47.92 5.83 28.48
N ARG B 44 -48.72 6.00 27.45
CA ARG B 44 -48.39 5.37 26.14
C ARG B 44 -47.52 6.23 25.19
N SER B 45 -47.24 7.49 25.53
CA SER B 45 -46.32 8.31 24.73
C SER B 45 -44.98 7.64 24.49
N ILE B 46 -44.53 7.59 23.25
CA ILE B 46 -43.17 7.15 22.94
C ILE B 46 -42.16 7.87 23.84
N ALA B 47 -42.39 9.16 24.11
CA ALA B 47 -41.45 9.93 24.93
C ALA B 47 -41.45 9.44 26.38
N PHE B 48 -42.56 8.92 26.89
CA PHE B 48 -42.54 8.26 28.20
C PHE B 48 -41.67 6.99 28.20
N GLY B 49 -41.68 6.24 27.08
CA GLY B 49 -40.68 5.18 26.90
C GLY B 49 -39.24 5.73 26.97
N VAL B 50 -38.97 6.87 26.35
CA VAL B 50 -37.62 7.47 26.42
C VAL B 50 -37.30 7.76 27.88
N ALA B 51 -38.27 8.37 28.54
CA ALA B 51 -38.07 8.78 29.95
C ALA B 51 -37.73 7.62 30.91
N LYS B 52 -38.47 6.50 30.93
CA LYS B 52 -38.20 5.43 31.91
C LYS B 52 -36.79 4.97 31.64
N VAL B 53 -36.42 4.86 30.35
CA VAL B 53 -35.07 4.32 30.03
C VAL B 53 -33.97 5.23 30.57
N LEU B 54 -34.05 6.55 30.33
CA LEU B 54 -32.98 7.45 30.73
C LEU B 54 -33.04 7.67 32.23
N ASP B 55 -34.24 7.61 32.80
CA ASP B 55 -34.43 7.54 34.25
C ASP B 55 -33.73 6.34 34.88
N GLN B 56 -33.87 5.14 34.29
CA GLN B 56 -33.23 3.96 34.86
C GLN B 56 -31.70 4.03 34.70
N LEU B 57 -31.22 4.73 33.66
CA LEU B 57 -29.78 4.97 33.46
C LEU B 57 -29.16 6.11 34.29
N GLY B 58 -29.93 6.81 35.12
CA GLY B 58 -29.32 7.73 36.08
C GLY B 58 -29.45 9.20 35.76
N ALA B 59 -30.10 9.50 34.63
CA ALA B 59 -30.16 10.83 34.08
C ALA B 59 -31.13 11.75 34.79
N LYS B 60 -30.85 13.06 34.81
CA LYS B 60 -31.84 13.99 35.32
C LYS B 60 -32.69 14.41 34.16
N LEU B 61 -34.01 14.38 34.36
CA LEU B 61 -34.96 14.71 33.32
C LEU B 61 -35.79 15.93 33.64
N VAL B 62 -35.97 16.73 32.58
CA VAL B 62 -36.78 17.95 32.51
C VAL B 62 -37.87 17.63 31.48
N PHE B 63 -39.11 18.10 31.68
CA PHE B 63 -40.25 17.67 30.85
C PHE B 63 -40.99 18.86 30.33
N THR B 64 -41.33 18.85 29.05
CA THR B 64 -42.14 19.94 28.50
C THR B 64 -43.46 19.47 27.91
N TYR B 65 -44.50 20.28 28.04
CA TYR B 65 -45.86 19.78 27.73
C TYR B 65 -46.58 20.95 27.05
N ARG B 66 -47.66 20.65 26.32
CA ARG B 66 -48.46 21.75 25.82
C ARG B 66 -49.73 21.95 26.67
N LYS B 67 -50.52 20.89 26.82
CA LYS B 67 -51.82 21.01 27.48
C LYS B 67 -51.65 20.91 29.00
N GLU B 68 -52.52 21.59 29.73
CA GLU B 68 -52.61 21.40 31.18
C GLU B 68 -52.79 19.94 31.57
N ARG B 69 -53.67 19.24 30.85
CA ARG B 69 -53.92 17.80 31.06
C ARG B 69 -52.66 16.94 30.96
N SER B 70 -51.72 17.36 30.12
CA SER B 70 -50.45 16.65 29.96
C SER B 70 -49.52 16.82 31.18
N ARG B 71 -49.50 18.03 31.72
CA ARG B 71 -48.76 18.30 32.95
CA ARG B 71 -48.75 18.30 32.95
C ARG B 71 -49.31 17.50 34.13
N LYS B 72 -50.64 17.34 34.18
CA LYS B 72 -51.27 16.48 35.19
C LYS B 72 -50.81 15.02 35.05
N GLU B 73 -50.71 14.53 33.82
CA GLU B 73 -50.28 13.15 33.61
C GLU B 73 -48.80 12.98 33.98
N LEU B 74 -47.99 13.99 33.67
CA LEU B 74 -46.58 14.03 34.04
C LEU B 74 -46.42 13.99 35.55
N GLU B 75 -47.22 14.75 36.28
CA GLU B 75 -47.09 14.78 37.74
C GLU B 75 -47.33 13.38 38.31
N LYS B 76 -48.24 12.65 37.69
CA LYS B 76 -48.58 11.29 38.09
C LYS B 76 -47.52 10.26 37.67
N LEU B 77 -47.19 10.27 36.39
CA LEU B 77 -46.18 9.36 35.85
C LEU B 77 -44.80 9.54 36.50
N LEU B 78 -44.48 10.77 36.89
CA LEU B 78 -43.28 11.03 37.69
C LEU B 78 -43.15 10.13 38.92
N GLU B 79 -44.26 9.56 39.40
CA GLU B 79 -44.20 8.70 40.59
C GLU B 79 -43.61 7.30 40.32
N GLN B 80 -43.48 6.92 39.05
CA GLN B 80 -42.91 5.62 38.66
C GLN B 80 -41.42 5.74 38.42
N LEU B 81 -40.95 6.99 38.34
CA LEU B 81 -39.59 7.33 37.98
C LEU B 81 -38.74 7.57 39.25
N ASN B 82 -37.41 7.42 39.17
CA ASN B 82 -36.52 7.81 40.26
C ASN B 82 -36.28 9.32 40.34
N GLN B 83 -36.97 10.12 39.54
CA GLN B 83 -36.69 11.55 39.50
C GLN B 83 -37.06 12.14 40.85
N PRO B 84 -36.10 12.72 41.59
CA PRO B 84 -36.54 13.24 42.89
C PRO B 84 -37.17 14.63 42.82
N GLU B 85 -36.88 15.37 41.74
CA GLU B 85 -37.55 16.65 41.49
C GLU B 85 -38.41 16.53 40.23
N ALA B 86 -39.54 17.22 40.23
CA ALA B 86 -40.35 17.44 39.05
C ALA B 86 -39.87 18.71 38.35
N HIS B 87 -39.45 18.63 37.09
CA HIS B 87 -39.07 19.84 36.36
C HIS B 87 -39.97 19.91 35.14
N LEU B 88 -41.10 20.60 35.27
CA LEU B 88 -42.06 20.62 34.19
C LEU B 88 -42.24 22.04 33.66
N TYR B 89 -42.26 22.14 32.34
CA TYR B 89 -42.32 23.45 31.69
C TYR B 89 -43.30 23.46 30.52
N GLN B 90 -44.20 24.43 30.54
CA GLN B 90 -45.18 24.50 29.49
C GLN B 90 -44.53 25.17 28.28
N ILE B 91 -44.35 24.41 27.22
CA ILE B 91 -43.90 24.95 25.93
C ILE B 91 -44.77 24.45 24.79
N ASP B 92 -45.54 25.38 24.22
CA ASP B 92 -46.22 25.16 22.95
C ASP B 92 -45.25 25.59 21.84
N VAL B 93 -44.77 24.61 21.06
CA VAL B 93 -43.74 24.88 20.06
C VAL B 93 -44.28 25.70 18.88
N GLN B 94 -45.57 26.01 18.82
CA GLN B 94 -46.04 27.09 17.94
C GLN B 94 -45.66 28.52 18.35
N SER B 95 -45.27 28.70 19.60
CA SER B 95 -44.87 30.03 20.04
C SER B 95 -43.36 30.17 20.22
N ASP B 96 -42.76 31.10 19.48
CA ASP B 96 -41.35 31.47 19.64
C ASP B 96 -41.03 31.82 21.10
N GLU B 97 -41.82 32.71 21.70
CA GLU B 97 -41.48 33.18 23.03
CA GLU B 97 -41.65 33.19 23.07
C GLU B 97 -41.60 32.04 24.05
N GLU B 98 -42.52 31.11 23.87
CA GLU B 98 -42.62 29.98 24.77
C GLU B 98 -41.39 29.07 24.75
N VAL B 99 -40.84 28.83 23.58
CA VAL B 99 -39.67 27.99 23.43
C VAL B 99 -38.44 28.75 23.92
N ILE B 100 -38.34 30.02 23.55
CA ILE B 100 -37.23 30.85 24.01
C ILE B 100 -37.25 30.97 25.54
N ASN B 101 -38.39 31.36 26.09
CA ASN B 101 -38.49 31.66 27.53
C ASN B 101 -38.46 30.37 28.34
N GLY B 102 -38.99 29.29 27.75
CA GLY B 102 -39.01 27.98 28.36
C GLY B 102 -37.62 27.41 28.57
N PHE B 103 -36.83 27.38 27.48
CA PHE B 103 -35.42 26.94 27.60
C PHE B 103 -34.56 27.85 28.49
N GLU B 104 -34.77 29.16 28.40
CA GLU B 104 -34.01 30.10 29.22
C GLU B 104 -34.31 29.82 30.70
N GLN B 105 -35.57 29.51 31.02
CA GLN B 105 -35.91 29.15 32.38
C GLN B 105 -35.27 27.83 32.82
N ILE B 106 -35.30 26.86 31.91
CA ILE B 106 -34.69 25.55 32.11
C ILE B 106 -33.21 25.73 32.47
N GLY B 107 -32.51 26.50 31.65
CA GLY B 107 -31.14 26.84 31.94
C GLY B 107 -30.84 27.48 33.29
N LYS B 108 -31.72 28.35 33.81
CA LYS B 108 -31.56 28.93 35.15
C LYS B 108 -31.93 27.94 36.29
N ASP B 109 -32.96 27.12 36.07
CA ASP B 109 -33.36 26.10 37.03
C ASP B 109 -32.38 24.93 37.19
N VAL B 110 -31.88 24.36 36.09
CA VAL B 110 -31.01 23.16 36.18
C VAL B 110 -29.60 23.27 35.56
N GLY B 111 -29.28 24.42 34.99
CA GLY B 111 -27.96 24.61 34.38
C GLY B 111 -27.88 24.11 32.95
N ASN B 112 -26.66 23.88 32.46
CA ASN B 112 -26.49 23.31 31.12
C ASN B 112 -27.01 21.88 31.02
N ILE B 113 -27.42 21.50 29.80
CA ILE B 113 -28.06 20.22 29.54
C ILE B 113 -27.25 19.44 28.51
N ASP B 114 -27.51 18.14 28.36
CA ASP B 114 -26.71 17.28 27.51
C ASP B 114 -27.49 16.87 26.28
N GLY B 115 -28.78 17.17 26.27
CA GLY B 115 -29.54 16.83 25.08
C GLY B 115 -31.04 17.11 25.21
N VAL B 116 -31.72 16.88 24.09
CA VAL B 116 -33.14 17.06 23.90
C VAL B 116 -33.71 15.85 23.13
N TYR B 117 -34.86 15.36 23.58
CA TYR B 117 -35.58 14.31 22.85
C TYR B 117 -36.86 15.01 22.38
N HIS B 118 -37.04 15.10 21.06
CA HIS B 118 -38.15 15.82 20.47
C HIS B 118 -39.21 14.80 20.04
N SER B 119 -40.42 14.88 20.59
CA SER B 119 -41.38 13.80 20.33
C SER B 119 -42.71 14.46 20.04
N ILE B 120 -42.68 15.39 19.09
CA ILE B 120 -43.80 16.28 18.86
C ILE B 120 -44.19 16.25 17.40
N ALA B 121 -45.49 16.07 17.18
CA ALA B 121 -46.05 16.31 15.87
C ALA B 121 -47.55 16.51 16.00
N PHE B 122 -48.16 17.07 14.96
CA PHE B 122 -49.57 17.33 14.89
C PHE B 122 -50.01 17.63 13.45
N ALA B 123 -51.17 17.11 13.06
CA ALA B 123 -51.82 17.54 11.83
C ALA B 123 -53.32 17.45 12.07
N ASN B 124 -54.11 18.29 11.41
CA ASN B 124 -55.57 18.18 11.49
C ASN B 124 -56.10 16.82 11.01
N MET B 125 -56.98 16.17 11.80
CA MET B 125 -57.79 15.05 11.29
C MET B 125 -58.38 15.28 9.89
N GLU B 126 -59.01 16.43 9.66
CA GLU B 126 -59.67 16.73 8.36
C GLU B 126 -58.73 16.74 7.16
N ASP B 127 -57.50 17.22 7.32
CA ASP B 127 -56.46 16.98 6.30
C ASP B 127 -56.04 15.49 6.25
N LEU B 128 -55.77 14.88 7.40
CA LEU B 128 -55.27 13.50 7.46
C LEU B 128 -56.25 12.48 6.86
N ARG B 129 -57.54 12.64 7.13
CA ARG B 129 -58.53 11.66 6.68
C ARG B 129 -59.23 11.98 5.35
N GLY B 130 -58.64 12.86 4.53
CA GLY B 130 -59.11 13.11 3.16
C GLY B 130 -58.02 12.63 2.21
N ARG B 131 -58.26 12.68 0.89
CA ARG B 131 -57.18 12.46 -0.06
C ARG B 131 -56.08 13.50 0.12
N PHE B 132 -54.84 13.11 -0.15
CA PHE B 132 -53.72 14.02 0.06
C PHE B 132 -53.82 15.24 -0.87
N SER B 133 -54.24 15.00 -2.12
CA SER B 133 -54.41 16.09 -3.06
C SER B 133 -55.42 17.16 -2.59
N GLU B 134 -56.24 16.87 -1.57
CA GLU B 134 -57.24 17.85 -1.06
C GLU B 134 -56.78 18.58 0.23
N THR B 135 -55.57 18.27 0.72
CA THR B 135 -54.98 18.91 1.88
C THR B 135 -55.10 20.43 1.78
N SER B 136 -55.47 21.08 2.87
CA SER B 136 -55.66 22.52 2.92
C SER B 136 -54.28 23.16 3.06
N ARG B 137 -54.12 24.37 2.55
CA ARG B 137 -52.91 25.16 2.82
C ARG B 137 -52.65 25.36 4.30
N GLU B 138 -53.70 25.70 5.05
CA GLU B 138 -53.50 26.04 6.45
C GLU B 138 -53.19 24.76 7.26
N GLY B 139 -53.76 23.62 6.86
CA GLY B 139 -53.39 22.34 7.49
C GLY B 139 -51.98 21.88 7.15
N PHE B 140 -51.62 22.04 5.88
CA PHE B 140 -50.26 21.72 5.44
C PHE B 140 -49.21 22.51 6.20
N LEU B 141 -49.41 23.81 6.38
CA LEU B 141 -48.46 24.65 7.11
C LEU B 141 -48.51 24.39 8.62
N LEU B 142 -49.69 24.03 9.15
CA LEU B 142 -49.82 23.64 10.57
C LEU B 142 -48.93 22.45 10.86
N ALA B 143 -49.01 21.45 9.99
CA ALA B 143 -48.26 20.21 10.20
C ALA B 143 -46.77 20.49 10.08
N GLN B 144 -46.40 21.36 9.15
CA GLN B 144 -44.99 21.78 8.96
C GLN B 144 -44.43 22.53 10.16
N ASP B 145 -45.16 23.56 10.57
CA ASP B 145 -44.90 24.30 11.81
C ASP B 145 -44.69 23.42 13.05
N ILE B 146 -45.65 22.56 13.36
CA ILE B 146 -45.54 21.83 14.61
C ILE B 146 -44.56 20.67 14.52
N SER B 147 -44.63 19.92 13.42
CA SER B 147 -43.93 18.65 13.31
C SER B 147 -42.50 18.79 12.73
N SER B 148 -42.19 19.94 12.17
CA SER B 148 -40.84 20.15 11.61
C SER B 148 -40.10 21.36 12.18
N TYR B 149 -40.70 22.53 11.99
CA TYR B 149 -40.04 23.79 12.30
C TYR B 149 -39.75 23.81 13.78
N SER B 150 -40.63 23.21 14.57
CA SER B 150 -40.42 23.13 16.00
C SER B 150 -39.02 22.60 16.32
N LEU B 151 -38.51 21.66 15.53
CA LEU B 151 -37.17 21.15 15.84
C LEU B 151 -36.05 22.19 15.67
N THR B 152 -36.22 23.07 14.68
CA THR B 152 -35.19 24.03 14.35
C THR B 152 -35.05 25.08 15.46
N ILE B 153 -36.17 25.63 15.91
CA ILE B 153 -36.18 26.64 16.97
C ILE B 153 -35.82 26.00 18.34
N VAL B 154 -36.23 24.76 18.56
CA VAL B 154 -35.82 24.09 19.78
C VAL B 154 -34.28 23.96 19.84
N ALA B 155 -33.68 23.61 18.71
CA ALA B 155 -32.21 23.43 18.62
C ALA B 155 -31.45 24.74 18.82
N HIS B 156 -31.97 25.78 18.20
CA HIS B 156 -31.42 27.09 18.40
C HIS B 156 -31.41 27.51 19.88
N GLU B 157 -32.52 27.28 20.56
CA GLU B 157 -32.60 27.70 21.95
C GLU B 157 -31.89 26.70 22.84
N ALA B 158 -31.95 25.42 22.49
CA ALA B 158 -31.24 24.41 23.27
C ALA B 158 -29.71 24.49 23.12
N LYS B 159 -29.21 24.89 21.96
CA LYS B 159 -27.77 25.19 21.79
C LYS B 159 -27.17 26.05 22.92
N LYS B 160 -27.93 27.06 23.37
CA LYS B 160 -27.44 27.98 24.37
C LYS B 160 -27.13 27.30 25.70
N LEU B 161 -27.71 26.13 25.93
CA LEU B 161 -27.43 25.36 27.15
C LEU B 161 -26.53 24.16 26.88
N MET B 162 -25.89 24.12 25.72
CA MET B 162 -24.98 23.02 25.46
C MET B 162 -23.62 23.58 25.03
N PRO B 163 -23.01 24.46 25.87
CA PRO B 163 -21.79 25.11 25.35
C PRO B 163 -20.62 24.14 25.01
N GLU B 164 -20.51 22.97 25.65
CA GLU B 164 -19.54 21.99 25.15
C GLU B 164 -20.10 20.83 24.39
N GLY B 165 -21.33 20.95 23.93
CA GLY B 165 -21.86 20.09 22.89
C GLY B 165 -22.94 19.20 23.47
N GLY B 166 -23.55 18.42 22.60
CA GLY B 166 -24.67 17.62 23.03
C GLY B 166 -25.38 16.86 21.93
N SER B 167 -26.55 16.35 22.29
CA SER B 167 -27.27 15.48 21.39
C SER B 167 -28.74 15.84 21.30
N ILE B 168 -29.26 15.91 20.09
CA ILE B 168 -30.69 16.18 19.85
C ILE B 168 -31.28 15.05 19.02
N VAL B 169 -32.40 14.47 19.46
CA VAL B 169 -33.02 13.37 18.76
C VAL B 169 -34.50 13.68 18.50
N ALA B 170 -34.95 13.68 17.24
CA ALA B 170 -36.37 13.84 16.87
C ALA B 170 -37.02 12.48 16.54
N THR B 171 -38.32 12.39 16.60
CA THR B 171 -38.98 11.14 16.31
C THR B 171 -39.63 11.22 14.94
N THR B 172 -39.35 10.27 14.06
CA THR B 172 -39.98 10.23 12.74
C THR B 172 -40.65 8.88 12.42
N TYR B 173 -41.20 8.76 11.23
CA TYR B 173 -41.81 7.51 10.79
C TYR B 173 -41.53 7.35 9.27
N LEU B 174 -41.54 6.11 8.81
CA LEU B 174 -41.23 5.63 7.48
C LEU B 174 -42.02 6.36 6.40
N GLY B 175 -43.21 6.82 6.77
CA GLY B 175 -44.02 7.64 5.88
C GLY B 175 -43.35 8.96 5.48
N GLY B 176 -42.26 9.38 6.13
CA GLY B 176 -41.41 10.50 5.62
C GLY B 176 -40.51 10.12 4.44
N GLU B 177 -40.26 8.82 4.27
CA GLU B 177 -39.34 8.31 3.25
C GLU B 177 -40.09 7.71 2.06
N PHE B 178 -41.32 7.24 2.28
CA PHE B 178 -42.15 6.62 1.27
C PHE B 178 -43.59 7.07 1.45
N ALA B 179 -44.42 6.92 0.41
CA ALA B 179 -45.79 7.34 0.52
C ALA B 179 -46.55 6.17 1.18
N VAL B 180 -46.95 6.31 2.46
CA VAL B 180 -47.67 5.28 3.22
C VAL B 180 -49.17 5.63 3.19
N GLN B 181 -49.98 4.72 2.67
CA GLN B 181 -51.45 4.93 2.70
C GLN B 181 -51.95 5.58 4.02
N ASN B 182 -52.69 6.68 3.91
CA ASN B 182 -53.42 7.32 5.00
C ASN B 182 -52.55 8.24 5.85
N TYR B 183 -51.24 8.27 5.57
CA TYR B 183 -50.39 9.14 6.36
C TYR B 183 -50.35 10.57 5.81
N ASN B 184 -50.53 10.70 4.49
CA ASN B 184 -50.85 11.97 3.79
C ASN B 184 -50.04 13.16 4.26
N VAL B 185 -50.66 14.19 4.81
CA VAL B 185 -49.90 15.43 5.13
C VAL B 185 -48.78 15.22 6.17
N MET B 186 -48.96 14.28 7.09
CA MET B 186 -47.91 14.01 8.08
C MET B 186 -46.64 13.41 7.47
N GLY B 187 -46.80 12.57 6.45
CA GLY B 187 -45.69 12.09 5.65
C GLY B 187 -44.80 13.17 5.06
N VAL B 188 -45.40 14.22 4.50
CA VAL B 188 -44.67 15.35 3.96
C VAL B 188 -44.04 16.10 5.13
N ALA B 189 -44.72 16.20 6.28
CA ALA B 189 -44.08 16.87 7.42
C ALA B 189 -42.86 16.08 7.98
N LYS B 190 -42.92 14.76 7.88
CA LYS B 190 -41.82 13.91 8.31
C LYS B 190 -40.67 14.01 7.34
N ALA B 191 -40.96 14.26 6.06
CA ALA B 191 -39.85 14.30 5.08
C ALA B 191 -39.02 15.56 5.35
N SER B 192 -39.78 16.64 5.55
CA SER B 192 -39.31 17.93 6.06
C SER B 192 -38.50 17.78 7.35
N LEU B 193 -39.02 17.10 8.34
CA LEU B 193 -38.35 16.91 9.64
C LEU B 193 -37.02 16.18 9.47
N GLU B 194 -37.05 15.14 8.65
CA GLU B 194 -35.87 14.39 8.33
C GLU B 194 -34.80 15.20 7.63
N ALA B 195 -35.17 16.09 6.69
CA ALA B 195 -34.18 17.01 6.10
C ALA B 195 -33.74 18.04 7.13
N ASN B 196 -34.65 18.37 8.04
CA ASN B 196 -34.34 19.36 9.10
C ASN B 196 -33.19 18.85 9.98
N VAL B 197 -33.31 17.58 10.39
CA VAL B 197 -32.22 16.85 11.05
C VAL B 197 -30.85 16.92 10.33
N LYS B 198 -30.85 16.70 9.02
CA LYS B 198 -29.58 16.73 8.29
C LYS B 198 -28.95 18.14 8.28
N TYR B 199 -29.76 19.14 7.92
CA TYR B 199 -29.31 20.49 7.87
C TYR B 199 -28.89 20.95 9.26
N LEU B 200 -29.64 20.62 10.30
CA LEU B 200 -29.17 20.99 11.66
C LEU B 200 -27.88 20.26 12.01
N ALA B 201 -27.71 19.02 11.52
CA ALA B 201 -26.47 18.29 11.73
C ALA B 201 -25.25 19.00 11.14
N LEU B 202 -25.39 19.51 9.93
CA LEU B 202 -24.26 20.13 9.26
C LEU B 202 -23.95 21.48 9.90
N ASP B 203 -25.02 22.21 10.23
CA ASP B 203 -24.96 23.56 10.90
C ASP B 203 -24.39 23.46 12.31
N LEU B 204 -24.82 22.47 13.10
CA LEU B 204 -24.43 22.48 14.54
C LEU B 204 -23.25 21.57 14.87
N GLY B 205 -22.92 20.68 13.94
CA GLY B 205 -21.73 19.84 14.09
C GLY B 205 -20.49 20.54 14.63
N PRO B 206 -20.14 21.71 14.07
CA PRO B 206 -18.88 22.34 14.51
C PRO B 206 -18.92 22.84 15.94
N ASP B 207 -20.11 22.89 16.54
CA ASP B 207 -20.35 23.14 17.98
C ASP B 207 -20.40 21.84 18.78
N ASN B 208 -20.15 20.71 18.11
CA ASN B 208 -20.12 19.43 18.81
C ASN B 208 -21.53 19.02 19.27
N ILE B 209 -22.52 19.57 18.58
CA ILE B 209 -23.89 19.19 18.82
C ILE B 209 -24.34 18.17 17.78
N ARG B 210 -24.74 16.97 18.21
CA ARG B 210 -25.21 15.94 17.23
C ARG B 210 -26.73 15.97 17.09
N VAL B 211 -27.24 15.74 15.88
CA VAL B 211 -28.68 15.75 15.61
C VAL B 211 -29.03 14.52 14.75
N ASN B 212 -30.00 13.73 15.19
CA ASN B 212 -30.37 12.47 14.58
C ASN B 212 -31.86 12.24 14.76
N ALA B 213 -32.38 11.24 14.04
CA ALA B 213 -33.78 10.84 14.10
C ALA B 213 -33.85 9.37 14.46
N ILE B 214 -34.95 9.02 15.14
CA ILE B 214 -35.42 7.64 15.27
C ILE B 214 -36.70 7.45 14.49
N SER B 215 -36.65 6.52 13.54
CA SER B 215 -37.81 6.19 12.77
C SER B 215 -38.51 5.04 13.50
N ALA B 216 -39.50 5.36 14.32
CA ALA B 216 -40.13 4.33 15.13
C ALA B 216 -41.14 3.56 14.26
N GLY B 217 -41.34 2.27 14.57
CA GLY B 217 -42.41 1.45 14.00
C GLY B 217 -43.76 1.92 14.51
N PRO B 218 -44.90 1.51 13.88
CA PRO B 218 -46.19 1.83 14.53
C PRO B 218 -46.33 1.27 15.97
N ILE B 219 -46.84 2.12 16.86
CA ILE B 219 -46.92 1.88 18.29
C ILE B 219 -48.28 2.48 18.74
N ARG B 220 -49.10 1.78 19.54
CA ARG B 220 -50.39 2.33 19.98
CA ARG B 220 -50.39 2.33 19.98
C ARG B 220 -50.25 3.44 21.03
N THR B 221 -50.55 4.67 20.61
CA THR B 221 -50.46 5.85 21.45
C THR B 221 -51.73 6.63 21.21
N LEU B 222 -51.98 7.65 22.04
CA LEU B 222 -53.12 8.52 21.81
C LEU B 222 -53.15 9.13 20.41
N SER B 223 -52.00 9.42 19.79
CA SER B 223 -51.99 10.09 18.49
C SER B 223 -52.13 9.09 17.34
N ALA B 224 -51.97 7.80 17.63
CA ALA B 224 -52.12 6.77 16.59
C ALA B 224 -53.58 6.65 16.15
N LYS B 225 -54.51 7.10 17.00
CA LYS B 225 -55.95 7.19 16.69
C LYS B 225 -56.29 8.11 15.49
N GLY B 226 -55.30 8.90 15.07
CA GLY B 226 -55.50 9.86 14.00
C GLY B 226 -55.15 9.23 12.67
N VAL B 227 -54.41 8.11 12.66
CA VAL B 227 -54.01 7.57 11.38
C VAL B 227 -55.06 6.55 10.92
N GLY B 228 -55.75 6.77 9.81
CA GLY B 228 -56.60 5.72 9.23
C GLY B 228 -55.87 4.39 9.07
N GLY B 229 -56.52 3.28 9.43
CA GLY B 229 -56.01 1.94 9.12
C GLY B 229 -54.91 1.42 10.04
N PHE B 230 -54.61 2.18 11.10
CA PHE B 230 -53.53 1.83 12.04
C PHE B 230 -53.51 0.36 12.52
N ASN B 231 -54.66 -0.23 12.78
CA ASN B 231 -54.69 -1.67 13.04
C ASN B 231 -54.22 -2.54 11.87
N THR B 232 -54.55 -2.13 10.65
CA THR B 232 -54.08 -2.92 9.52
C THR B 232 -52.59 -2.70 9.30
N ILE B 233 -52.01 -1.60 9.81
CA ILE B 233 -50.56 -1.31 9.76
C ILE B 233 -49.80 -2.14 10.81
N LEU B 234 -50.31 -2.16 12.05
CA LEU B 234 -49.80 -3.04 13.09
C LEU B 234 -49.73 -4.49 12.64
N LYS B 235 -50.80 -4.96 12.00
CA LYS B 235 -50.89 -6.36 11.63
C LYS B 235 -49.82 -6.64 10.61
N GLU B 236 -49.62 -5.70 9.70
CA GLU B 236 -48.70 -5.89 8.59
C GLU B 236 -47.23 -5.97 9.03
N ILE B 237 -46.85 -5.28 10.11
CA ILE B 237 -45.53 -5.46 10.69
C ILE B 237 -45.33 -6.90 11.20
N GLU B 238 -46.31 -7.44 11.90
CA GLU B 238 -46.13 -8.71 12.54
C GLU B 238 -45.95 -9.74 11.47
N GLU B 239 -46.66 -9.56 10.36
CA GLU B 239 -46.70 -10.52 9.25
C GLU B 239 -45.53 -10.45 8.24
N ARG B 240 -44.98 -9.25 8.01
CA ARG B 240 -43.94 -9.04 6.99
C ARG B 240 -42.56 -8.60 7.48
N ALA B 241 -42.47 -7.80 8.56
CA ALA B 241 -41.18 -7.37 9.15
C ALA B 241 -40.28 -8.57 9.48
N PRO B 242 -38.98 -8.44 9.20
CA PRO B 242 -38.00 -9.39 9.65
C PRO B 242 -38.29 -9.95 11.04
N LEU B 243 -38.55 -9.12 12.05
CA LEU B 243 -38.69 -9.71 13.40
C LEU B 243 -40.05 -10.35 13.65
N LYS B 244 -40.97 -10.16 12.70
CA LYS B 244 -42.36 -10.62 12.82
C LYS B 244 -43.05 -10.19 14.11
N ARG B 245 -42.74 -9.02 14.63
CA ARG B 245 -43.43 -8.51 15.81
C ARG B 245 -43.36 -7.00 15.77
N ASN B 246 -44.25 -6.34 16.53
CA ASN B 246 -44.22 -4.89 16.55
C ASN B 246 -43.25 -4.43 17.63
N VAL B 247 -42.88 -3.16 17.61
CA VAL B 247 -41.97 -2.65 18.65
C VAL B 247 -42.75 -1.91 19.71
N ASP B 248 -42.04 -1.49 20.77
CA ASP B 248 -42.66 -0.61 21.73
C ASP B 248 -41.84 0.61 22.12
N GLN B 249 -42.36 1.35 23.11
CA GLN B 249 -41.86 2.67 23.45
C GLN B 249 -40.52 2.50 24.16
N VAL B 250 -40.41 1.52 25.03
CA VAL B 250 -39.11 1.17 25.61
C VAL B 250 -37.97 0.89 24.61
N GLU B 251 -38.32 0.23 23.50
CA GLU B 251 -37.31 -0.03 22.48
C GLU B 251 -36.85 1.27 21.85
N VAL B 252 -37.78 2.21 21.61
CA VAL B 252 -37.39 3.53 21.11
C VAL B 252 -36.54 4.21 22.18
N GLY B 253 -37.00 4.14 23.42
CA GLY B 253 -36.19 4.53 24.57
C GLY B 253 -34.73 4.09 24.57
N LYS B 254 -34.48 2.81 24.33
CA LYS B 254 -33.09 2.33 24.36
C LYS B 254 -32.23 2.87 23.19
N THR B 255 -32.77 2.95 21.98
CA THR B 255 -32.07 3.65 20.90
C THR B 255 -31.88 5.13 21.22
N ALA B 256 -32.87 5.79 21.83
CA ALA B 256 -32.65 7.20 22.24
C ALA B 256 -31.47 7.35 23.22
N ALA B 257 -31.29 6.37 24.09
CA ALA B 257 -30.25 6.41 25.10
C ALA B 257 -28.90 6.37 24.40
N TYR B 258 -28.82 5.46 23.45
CA TYR B 258 -27.63 5.35 22.63
C TYR B 258 -27.31 6.70 21.95
N LEU B 259 -28.27 7.26 21.23
CA LEU B 259 -28.09 8.51 20.49
C LEU B 259 -27.79 9.72 21.39
N LEU B 260 -28.36 9.71 22.58
CA LEU B 260 -28.20 10.84 23.50
C LEU B 260 -26.93 10.71 24.33
N SER B 261 -26.26 9.58 24.20
CA SER B 261 -25.05 9.30 24.95
C SER B 261 -23.75 9.36 24.12
N ASP B 262 -22.63 9.27 24.82
CA ASP B 262 -21.32 9.18 24.15
C ASP B 262 -21.10 7.93 23.28
N LEU B 263 -21.93 6.90 23.43
CA LEU B 263 -21.80 5.69 22.65
C LEU B 263 -21.96 5.97 21.17
N SER B 264 -22.71 7.01 20.82
CA SER B 264 -22.96 7.32 19.42
C SER B 264 -22.19 8.57 19.00
N SER B 265 -21.08 8.85 19.68
N SER B 265 -21.03 8.83 19.59
CA SER B 265 -20.13 9.82 19.17
CA SER B 265 -20.36 10.13 19.39
C SER B 265 -19.73 9.38 17.77
C SER B 265 -19.87 10.39 17.96
N GLY B 266 -19.66 10.32 16.84
N GLY B 266 -19.79 9.35 17.14
CA GLY B 266 -19.42 9.97 15.44
CA GLY B 266 -19.45 9.50 15.71
C GLY B 266 -20.67 9.73 14.63
C GLY B 266 -20.62 9.63 14.74
N VAL B 267 -21.82 9.71 15.29
CA VAL B 267 -23.07 9.52 14.56
C VAL B 267 -23.85 10.86 14.62
N THR B 268 -24.04 11.54 13.51
CA THR B 268 -24.98 12.68 13.41
C THR B 268 -25.61 12.67 12.02
N GLY B 269 -26.76 13.35 11.84
CA GLY B 269 -27.47 13.37 10.55
C GLY B 269 -28.06 11.98 10.25
N GLU B 270 -28.22 11.11 11.25
CA GLU B 270 -28.65 9.76 10.92
C GLU B 270 -30.11 9.51 11.33
N ASN B 271 -30.72 8.51 10.67
CA ASN B 271 -32.10 8.08 10.92
C ASN B 271 -32.09 6.58 11.27
N ILE B 272 -32.20 6.22 12.55
CA ILE B 272 -32.19 4.80 12.95
C ILE B 272 -33.63 4.31 12.99
N HIS B 273 -33.93 3.23 12.29
CA HIS B 273 -35.26 2.64 12.24
C HIS B 273 -35.38 1.66 13.41
N VAL B 274 -36.27 1.96 14.34
CA VAL B 274 -36.58 1.00 15.41
C VAL B 274 -37.90 0.36 15.02
N ASP B 275 -37.85 -0.60 14.11
CA ASP B 275 -39.12 -0.96 13.52
C ASP B 275 -39.10 -2.44 13.15
N SER B 276 -38.29 -3.23 13.86
CA SER B 276 -38.25 -4.64 13.56
C SER B 276 -37.79 -4.95 12.14
N GLY B 277 -37.11 -4.03 11.48
CA GLY B 277 -36.61 -4.38 10.14
C GLY B 277 -37.47 -4.00 8.98
N PHE B 278 -38.63 -3.38 9.21
CA PHE B 278 -39.68 -3.22 8.17
C PHE B 278 -39.26 -2.23 7.07
N HIS B 279 -38.33 -1.33 7.41
CA HIS B 279 -37.79 -0.35 6.45
C HIS B 279 -37.01 -1.11 5.38
N ALA B 280 -36.49 -2.29 5.73
CA ALA B 280 -35.51 -2.90 4.85
C ALA B 280 -36.12 -3.84 3.83
N ILE B 281 -37.42 -4.07 3.93
CA ILE B 281 -38.06 -5.10 3.11
C ILE B 281 -39.06 -4.46 2.14
N LYS B 282 -39.39 -5.18 1.09
CA LYS B 282 -40.43 -4.69 0.20
C LYS B 282 -41.28 -5.86 -0.27
N ASN C 29 -23.87 -3.28 29.33
CA ASN C 29 -23.13 -4.18 30.28
C ASN C 29 -23.27 -5.64 29.86
N LEU C 30 -22.15 -6.27 29.52
CA LEU C 30 -22.23 -7.39 28.59
C LEU C 30 -21.54 -8.56 29.27
N GLU C 31 -21.56 -8.55 30.62
CA GLU C 31 -21.21 -9.71 31.47
C GLU C 31 -22.09 -10.92 31.16
N ASN C 32 -21.47 -12.10 31.14
CA ASN C 32 -22.16 -13.33 30.70
C ASN C 32 -22.56 -13.31 29.22
N LYS C 33 -22.14 -12.27 28.49
CA LYS C 33 -22.22 -12.26 27.02
C LYS C 33 -20.93 -12.78 26.37
N THR C 34 -21.04 -13.38 25.18
CA THR C 34 -19.90 -13.87 24.40
C THR C 34 -20.01 -13.46 22.94
N TYR C 35 -18.96 -12.80 22.47
CA TYR C 35 -18.87 -12.32 21.09
C TYR C 35 -17.66 -12.86 20.30
N VAL C 36 -17.91 -13.35 19.09
CA VAL C 36 -16.89 -13.65 18.11
C VAL C 36 -16.56 -12.40 17.24
N ILE C 37 -15.28 -12.02 17.28
CA ILE C 37 -14.75 -10.89 16.53
C ILE C 37 -13.84 -11.44 15.45
N MET C 38 -14.24 -11.25 14.19
CA MET C 38 -13.45 -11.73 13.06
C MET C 38 -12.78 -10.54 12.38
N GLY C 39 -11.47 -10.62 12.17
CA GLY C 39 -10.79 -9.64 11.33
C GLY C 39 -9.83 -8.67 12.02
N ILE C 40 -9.32 -9.02 13.19
CA ILE C 40 -8.16 -8.30 13.76
C ILE C 40 -6.85 -8.72 13.12
N ALA C 41 -6.08 -7.74 12.64
CA ALA C 41 -4.70 -7.94 12.18
C ALA C 41 -3.70 -7.19 13.06
N ASN C 42 -4.08 -6.03 13.58
CA ASN C 42 -3.11 -5.32 14.42
C ASN C 42 -3.82 -4.28 15.26
N LYS C 43 -3.05 -3.51 16.04
CA LYS C 43 -3.59 -2.50 16.94
C LYS C 43 -4.50 -1.44 16.28
N ARG C 44 -4.41 -1.27 14.96
CA ARG C 44 -5.19 -0.23 14.24
C ARG C 44 -6.43 -0.80 13.56
N SER C 45 -6.57 -2.13 13.60
CA SER C 45 -7.78 -2.79 13.06
C SER C 45 -9.01 -2.22 13.75
N ILE C 46 -10.04 -1.98 12.94
CA ILE C 46 -11.33 -1.49 13.44
C ILE C 46 -11.85 -2.54 14.43
N ALA C 47 -11.65 -3.82 14.07
CA ALA C 47 -12.13 -4.87 14.96
C ALA C 47 -11.49 -4.83 16.36
N PHE C 48 -10.25 -4.32 16.48
CA PHE C 48 -9.60 -4.11 17.78
C PHE C 48 -10.24 -2.95 18.57
N GLY C 49 -10.75 -1.92 17.89
CA GLY C 49 -11.63 -0.96 18.57
C GLY C 49 -12.86 -1.63 19.17
N VAL C 50 -13.47 -2.54 18.41
CA VAL C 50 -14.68 -3.24 18.83
C VAL C 50 -14.33 -4.08 20.06
N ALA C 51 -13.23 -4.79 19.92
CA ALA C 51 -12.74 -5.59 21.04
C ALA C 51 -12.46 -4.79 22.35
N LYS C 52 -11.73 -3.68 22.28
CA LYS C 52 -11.41 -2.90 23.48
C LYS C 52 -12.70 -2.48 24.12
N VAL C 53 -13.69 -2.12 23.30
CA VAL C 53 -14.99 -1.65 23.86
C VAL C 53 -15.74 -2.78 24.57
N LEU C 54 -15.90 -3.93 23.91
CA LEU C 54 -16.75 -5.00 24.45
C LEU C 54 -16.02 -5.69 25.59
N ASP C 55 -14.70 -5.53 25.65
CA ASP C 55 -13.89 -6.09 26.73
C ASP C 55 -14.03 -5.18 27.95
N GLN C 56 -14.10 -3.88 27.72
CA GLN C 56 -14.29 -2.96 28.84
C GLN C 56 -15.72 -3.08 29.37
N LEU C 57 -16.66 -3.50 28.52
CA LEU C 57 -18.04 -3.74 28.99
C LEU C 57 -18.24 -5.10 29.62
N GLY C 58 -17.17 -5.86 29.76
CA GLY C 58 -17.30 -7.14 30.45
C GLY C 58 -17.56 -8.32 29.53
N ALA C 59 -17.54 -8.14 28.22
CA ALA C 59 -17.88 -9.26 27.34
C ALA C 59 -16.78 -10.33 27.23
N LYS C 60 -17.19 -11.60 27.14
CA LYS C 60 -16.23 -12.64 26.81
C LYS C 60 -16.01 -12.66 25.30
N LEU C 61 -14.74 -12.69 24.89
CA LEU C 61 -14.36 -12.54 23.50
C LEU C 61 -13.57 -13.72 22.92
N VAL C 62 -13.93 -14.09 21.68
CA VAL C 62 -13.29 -15.12 20.85
C VAL C 62 -12.88 -14.40 19.61
N PHE C 63 -11.67 -14.68 19.14
CA PHE C 63 -11.09 -14.01 17.98
C PHE C 63 -10.81 -15.00 16.86
N THR C 64 -11.10 -14.61 15.62
CA THR C 64 -10.68 -15.39 14.47
C THR C 64 -9.74 -14.59 13.56
N TYR C 65 -8.83 -15.29 12.89
CA TYR C 65 -7.81 -14.65 12.05
C TYR C 65 -7.55 -15.54 10.84
N ARG C 66 -6.88 -15.01 9.83
CA ARG C 66 -6.41 -15.81 8.69
C ARG C 66 -4.92 -16.14 8.79
N LYS C 67 -4.06 -15.14 8.94
CA LYS C 67 -2.60 -15.37 8.80
C LYS C 67 -2.01 -15.53 10.20
N GLU C 68 -1.02 -16.43 10.31
CA GLU C 68 -0.41 -16.61 11.62
CA GLU C 68 -0.23 -16.64 11.51
C GLU C 68 0.22 -15.30 12.10
N ARG C 69 0.66 -14.42 11.19
CA ARG C 69 1.16 -13.11 11.60
C ARG C 69 0.10 -12.40 12.43
N SER C 70 -1.15 -12.45 11.99
CA SER C 70 -2.26 -11.85 12.74
C SER C 70 -2.53 -12.53 14.11
N ARG C 71 -2.43 -13.85 14.16
CA ARG C 71 -2.62 -14.53 15.44
C ARG C 71 -1.56 -14.02 16.41
N LYS C 72 -0.34 -13.87 15.92
CA LYS C 72 0.75 -13.45 16.82
C LYS C 72 0.47 -12.04 17.34
N GLU C 73 -0.08 -11.20 16.47
CA GLU C 73 -0.49 -9.88 16.87
C GLU C 73 -1.60 -9.96 17.94
N LEU C 74 -2.49 -10.96 17.82
CA LEU C 74 -3.63 -11.10 18.72
C LEU C 74 -3.12 -11.51 20.08
N GLU C 75 -2.13 -12.39 20.10
CA GLU C 75 -1.55 -12.85 21.35
C GLU C 75 -0.92 -11.69 22.11
N LYS C 76 -0.21 -10.82 21.40
CA LYS C 76 0.28 -9.56 21.94
C LYS C 76 -0.84 -8.62 22.44
N LEU C 77 -1.78 -8.26 21.56
CA LEU C 77 -2.86 -7.32 21.92
C LEU C 77 -3.77 -7.78 23.10
N LEU C 78 -3.93 -9.09 23.27
CA LEU C 78 -4.66 -9.66 24.41
C LEU C 78 -4.07 -9.31 25.79
N GLU C 79 -2.79 -8.94 25.86
CA GLU C 79 -2.23 -8.43 27.12
C GLU C 79 -2.77 -7.07 27.61
N GLN C 80 -3.39 -6.30 26.72
CA GLN C 80 -4.11 -5.05 27.06
C GLN C 80 -5.57 -5.29 27.43
N LEU C 81 -6.06 -6.49 27.16
CA LEU C 81 -7.46 -6.82 27.40
C LEU C 81 -7.65 -7.39 28.81
N ASN C 82 -8.88 -7.38 29.32
CA ASN C 82 -9.17 -8.12 30.54
C ASN C 82 -9.49 -9.58 30.28
N GLN C 83 -9.16 -10.11 29.11
CA GLN C 83 -9.74 -11.41 28.81
C GLN C 83 -8.90 -12.41 29.58
N PRO C 84 -9.53 -13.21 30.44
CA PRO C 84 -8.68 -14.06 31.27
C PRO C 84 -8.06 -15.18 30.44
N GLU C 85 -8.75 -15.67 29.42
CA GLU C 85 -8.11 -16.60 28.51
C GLU C 85 -8.23 -16.29 27.01
N ALA C 86 -7.26 -16.76 26.25
CA ALA C 86 -7.17 -16.43 24.85
C ALA C 86 -7.97 -17.52 24.14
N HIS C 87 -9.03 -17.12 23.44
CA HIS C 87 -9.73 -18.02 22.54
C HIS C 87 -9.46 -17.55 21.10
N LEU C 88 -8.49 -18.16 20.41
CA LEU C 88 -8.11 -17.75 19.06
C LEU C 88 -8.34 -18.84 18.01
N TYR C 89 -9.03 -18.52 16.92
CA TYR C 89 -9.29 -19.52 15.89
C TYR C 89 -8.93 -19.03 14.49
N GLN C 90 -8.21 -19.85 13.76
CA GLN C 90 -7.88 -19.58 12.38
C GLN C 90 -9.10 -19.92 11.54
N ILE C 91 -9.64 -18.92 10.85
CA ILE C 91 -10.69 -19.14 9.87
C ILE C 91 -10.39 -18.24 8.68
N ASP C 92 -10.00 -18.85 7.55
CA ASP C 92 -10.04 -18.20 6.24
C ASP C 92 -11.45 -18.33 5.69
N VAL C 93 -12.15 -17.22 5.58
CA VAL C 93 -13.53 -17.23 5.12
C VAL C 93 -13.71 -17.68 3.65
N GLN C 94 -12.60 -17.84 2.93
CA GLN C 94 -12.66 -18.42 1.60
C GLN C 94 -12.96 -19.93 1.60
N SER C 95 -12.83 -20.55 2.78
CA SER C 95 -12.97 -21.99 2.90
C SER C 95 -14.23 -22.38 3.65
N ASP C 96 -15.12 -23.14 3.01
CA ASP C 96 -16.33 -23.62 3.71
C ASP C 96 -15.96 -24.43 4.97
N GLU C 97 -15.05 -25.39 4.85
CA GLU C 97 -14.68 -26.16 6.03
CA GLU C 97 -14.53 -26.17 5.98
C GLU C 97 -14.05 -25.30 7.14
N GLU C 98 -13.28 -24.28 6.81
CA GLU C 98 -12.65 -23.56 7.91
C GLU C 98 -13.71 -22.82 8.74
N VAL C 99 -14.68 -22.25 8.03
CA VAL C 99 -15.84 -21.56 8.65
C VAL C 99 -16.70 -22.57 9.43
N ILE C 100 -17.08 -23.64 8.73
CA ILE C 100 -17.82 -24.76 9.36
C ILE C 100 -17.12 -25.30 10.62
N ASN C 101 -15.85 -25.69 10.52
CA ASN C 101 -15.16 -26.27 11.65
C ASN C 101 -14.74 -25.23 12.70
N GLY C 102 -14.53 -23.98 12.30
CA GLY C 102 -14.12 -22.96 13.25
C GLY C 102 -15.20 -22.70 14.27
N PHE C 103 -16.40 -22.42 13.76
CA PHE C 103 -17.54 -22.14 14.61
C PHE C 103 -17.95 -23.34 15.45
N GLU C 104 -17.90 -24.53 14.85
CA GLU C 104 -18.16 -25.76 15.59
C GLU C 104 -17.20 -25.94 16.77
N GLN C 105 -15.93 -25.65 16.54
CA GLN C 105 -14.93 -25.78 17.58
C GLN C 105 -15.14 -24.68 18.61
N ILE C 106 -15.58 -23.51 18.18
CA ILE C 106 -15.88 -22.40 19.07
C ILE C 106 -17.03 -22.78 19.99
N GLY C 107 -18.04 -23.41 19.40
CA GLY C 107 -19.20 -23.82 20.16
C GLY C 107 -18.85 -24.86 21.20
N LYS C 108 -17.88 -25.73 20.90
CA LYS C 108 -17.45 -26.76 21.84
C LYS C 108 -16.55 -26.18 22.92
N ASP C 109 -15.86 -25.09 22.62
CA ASP C 109 -14.90 -24.52 23.56
C ASP C 109 -15.54 -23.53 24.53
N VAL C 110 -16.50 -22.76 24.04
CA VAL C 110 -17.09 -21.72 24.87
C VAL C 110 -18.63 -21.83 24.94
N GLY C 111 -19.21 -22.77 24.20
CA GLY C 111 -20.68 -22.88 24.18
C GLY C 111 -21.36 -21.88 23.26
N ASN C 112 -22.66 -21.67 23.45
CA ASN C 112 -23.46 -20.65 22.74
C ASN C 112 -22.95 -19.22 22.87
N ILE C 113 -23.09 -18.45 21.79
CA ILE C 113 -22.49 -17.13 21.70
C ILE C 113 -23.65 -16.15 21.47
N ASP C 114 -23.41 -14.85 21.66
CA ASP C 114 -24.46 -13.85 21.54
C ASP C 114 -24.37 -13.06 20.25
N GLY C 115 -23.28 -13.24 19.51
CA GLY C 115 -23.13 -12.45 18.30
C GLY C 115 -21.75 -12.57 17.71
N VAL C 116 -21.63 -11.99 16.52
CA VAL C 116 -20.45 -11.96 15.65
C VAL C 116 -20.21 -10.53 15.15
N TYR C 117 -18.98 -10.05 15.31
CA TYR C 117 -18.58 -8.82 14.66
C TYR C 117 -17.72 -9.23 13.50
N HIS C 118 -18.11 -8.80 12.31
CA HIS C 118 -17.48 -9.25 11.07
C HIS C 118 -16.73 -8.05 10.49
N SER C 119 -15.41 -8.17 10.41
CA SER C 119 -14.60 -7.02 10.01
C SER C 119 -13.58 -7.47 8.98
N ILE C 120 -14.10 -7.97 7.85
CA ILE C 120 -13.38 -8.74 6.86
C ILE C 120 -13.77 -8.34 5.45
N ALA C 121 -12.77 -7.95 4.64
CA ALA C 121 -12.88 -7.62 3.20
C ALA C 121 -11.53 -7.82 2.53
N PHE C 122 -11.56 -8.05 1.22
CA PHE C 122 -10.31 -8.09 0.49
C PHE C 122 -10.56 -7.86 -1.01
N ALA C 123 -9.69 -7.10 -1.67
CA ALA C 123 -9.65 -7.07 -3.13
C ALA C 123 -8.20 -6.96 -3.54
N ASN C 124 -7.82 -7.50 -4.70
CA ASN C 124 -6.50 -7.22 -5.28
C ASN C 124 -6.22 -5.74 -5.48
N MET C 125 -5.11 -5.30 -4.89
N MET C 125 -5.02 -5.29 -5.11
CA MET C 125 -4.49 -3.97 -5.07
CA MET C 125 -4.49 -4.00 -5.58
C MET C 125 -4.88 -3.28 -6.35
C MET C 125 -4.58 -3.85 -7.09
N GLU C 126 -4.42 -3.82 -7.47
N GLU C 126 -4.25 -4.92 -7.81
CA GLU C 126 -4.49 -3.11 -8.73
CA GLU C 126 -4.23 -4.90 -9.27
C GLU C 126 -5.94 -2.89 -9.20
C GLU C 126 -5.59 -4.60 -9.91
N ASP C 127 -6.84 -2.83 -8.22
N ASP C 127 -6.67 -4.98 -9.22
CA ASP C 127 -8.23 -2.46 -8.46
CA ASP C 127 -8.02 -4.48 -9.54
C ASP C 127 -8.73 -1.54 -7.35
C ASP C 127 -8.32 -3.10 -8.95
N LEU C 128 -8.10 -0.38 -7.17
N LEU C 128 -8.04 -2.90 -7.67
CA LEU C 128 -8.49 0.55 -6.10
CA LEU C 128 -8.31 -1.61 -7.00
C LEU C 128 -7.80 1.92 -6.26
C LEU C 128 -7.63 -0.40 -7.62
N ARG C 129 -7.89 2.44 -7.48
N ARG C 129 -6.39 -0.56 -8.09
CA ARG C 129 -6.86 3.26 -8.11
CA ARG C 129 -5.64 0.57 -8.64
C ARG C 129 -6.95 2.94 -9.60
C ARG C 129 -5.66 0.63 -10.17
N GLY C 130 -7.08 3.95 -10.44
N GLY C 130 -6.61 -0.06 -10.79
CA GLY C 130 -7.37 3.76 -11.86
CA GLY C 130 -6.97 0.21 -12.18
C GLY C 130 -8.82 3.39 -12.18
C GLY C 130 -8.27 1.01 -12.31
N ARG C 131 -9.01 2.34 -12.98
N ARG C 131 -8.73 1.23 -13.54
CA ARG C 131 -10.24 2.16 -13.74
CA ARG C 131 -10.06 1.82 -13.78
C ARG C 131 -11.03 0.90 -13.38
C ARG C 131 -11.08 0.75 -13.41
N PHE C 132 -12.23 1.13 -12.85
CA PHE C 132 -13.23 0.08 -12.56
C PHE C 132 -13.59 -0.74 -13.84
N SER C 133 -13.72 -0.08 -14.98
CA SER C 133 -14.16 -0.84 -16.16
C SER C 133 -13.12 -1.89 -16.59
N GLU C 134 -11.91 -1.83 -16.00
CA GLU C 134 -10.84 -2.78 -16.31
C GLU C 134 -10.76 -3.94 -15.31
N THR C 135 -11.65 -3.96 -14.32
CA THR C 135 -11.65 -5.01 -13.31
C THR C 135 -11.71 -6.41 -13.98
N SER C 136 -10.83 -7.27 -13.51
CA SER C 136 -10.84 -8.67 -13.89
C SER C 136 -12.03 -9.41 -13.27
N ARG C 137 -12.52 -10.41 -14.00
CA ARG C 137 -13.55 -11.32 -13.50
C ARG C 137 -13.10 -11.97 -12.19
N GLU C 138 -11.91 -12.58 -12.22
CA GLU C 138 -11.27 -13.22 -11.08
C GLU C 138 -11.21 -12.28 -9.87
N GLY C 139 -10.83 -11.02 -10.08
CA GLY C 139 -10.71 -10.09 -8.94
C GLY C 139 -12.06 -9.58 -8.47
N PHE C 140 -13.03 -9.49 -9.39
CA PHE C 140 -14.36 -9.07 -8.99
C PHE C 140 -14.98 -10.13 -8.10
N LEU C 141 -14.80 -11.39 -8.51
CA LEU C 141 -15.37 -12.50 -7.80
C LEU C 141 -14.63 -12.75 -6.48
N LEU C 142 -13.34 -12.43 -6.43
CA LEU C 142 -12.56 -12.60 -5.21
C LEU C 142 -13.09 -11.61 -4.17
N ALA C 143 -13.37 -10.37 -4.61
CA ALA C 143 -13.85 -9.33 -3.71
C ALA C 143 -15.23 -9.69 -3.16
N GLN C 144 -16.06 -10.30 -4.00
CA GLN C 144 -17.39 -10.70 -3.59
C GLN C 144 -17.30 -11.86 -2.59
N ASP C 145 -16.43 -12.81 -2.87
CA ASP C 145 -16.30 -14.01 -2.06
C ASP C 145 -15.85 -13.65 -0.63
N ILE C 146 -14.79 -12.84 -0.51
CA ILE C 146 -14.26 -12.55 0.82
C ILE C 146 -15.07 -11.46 1.52
N SER C 147 -15.50 -10.46 0.77
CA SER C 147 -16.05 -9.27 1.41
C SER C 147 -17.57 -9.32 1.61
N SER C 148 -18.23 -10.28 0.96
CA SER C 148 -19.69 -10.37 1.10
C SER C 148 -20.17 -11.77 1.44
N TYR C 149 -19.86 -12.75 0.58
CA TYR C 149 -20.32 -14.11 0.80
C TYR C 149 -19.93 -14.61 2.18
N SER C 150 -18.78 -14.16 2.68
CA SER C 150 -18.29 -14.64 3.97
C SER C 150 -19.31 -14.39 5.08
N LEU C 151 -20.03 -13.28 4.97
CA LEU C 151 -21.10 -12.98 5.95
C LEU C 151 -22.25 -14.00 5.96
N THR C 152 -22.61 -14.49 4.78
CA THR C 152 -23.70 -15.44 4.66
C THR C 152 -23.36 -16.78 5.30
N ILE C 153 -22.18 -17.29 4.97
CA ILE C 153 -21.79 -18.57 5.52
C ILE C 153 -21.50 -18.45 7.02
N VAL C 154 -20.83 -17.37 7.42
CA VAL C 154 -20.64 -17.11 8.85
C VAL C 154 -21.99 -17.06 9.62
N ALA C 155 -22.98 -16.36 9.09
CA ALA C 155 -24.30 -16.29 9.74
C ALA C 155 -24.92 -17.67 9.88
N HIS C 156 -24.89 -18.47 8.80
CA HIS C 156 -25.44 -19.82 8.81
C HIS C 156 -24.78 -20.67 9.89
N GLU C 157 -23.45 -20.66 10.00
CA GLU C 157 -22.74 -21.49 10.98
C GLU C 157 -22.86 -20.88 12.35
N ALA C 158 -22.92 -19.55 12.41
CA ALA C 158 -22.99 -18.88 13.71
C ALA C 158 -24.39 -19.02 14.32
N LYS C 159 -25.42 -19.02 13.47
CA LYS C 159 -26.79 -19.36 13.90
C LYS C 159 -26.86 -20.59 14.81
N LYS C 160 -26.11 -21.65 14.48
CA LYS C 160 -26.09 -22.89 15.27
C LYS C 160 -25.75 -22.72 16.77
N LEU C 161 -25.07 -21.61 17.08
CA LEU C 161 -24.56 -21.30 18.41
C LEU C 161 -25.42 -20.22 19.02
N MET C 162 -26.57 -19.97 18.42
CA MET C 162 -27.44 -18.93 18.92
C MET C 162 -28.90 -19.42 18.99
N PRO C 163 -29.15 -20.60 19.62
CA PRO C 163 -30.50 -21.19 19.71
C PRO C 163 -31.58 -20.17 20.12
N GLU C 164 -31.13 -19.15 20.85
CA GLU C 164 -31.95 -18.20 21.57
C GLU C 164 -31.91 -16.82 20.93
N GLY C 165 -31.22 -16.66 19.80
CA GLY C 165 -31.17 -15.39 19.10
C GLY C 165 -29.85 -14.71 19.38
N GLY C 166 -29.69 -13.54 18.79
CA GLY C 166 -28.38 -12.87 18.78
C GLY C 166 -28.27 -11.76 17.77
N SER C 167 -27.04 -11.31 17.56
CA SER C 167 -26.77 -10.10 16.79
C SER C 167 -25.53 -10.27 15.94
N ILE C 168 -25.63 -9.96 14.65
CA ILE C 168 -24.47 -10.04 13.76
C ILE C 168 -24.21 -8.67 13.15
N VAL C 169 -22.95 -8.25 13.08
CA VAL C 169 -22.65 -6.91 12.64
C VAL C 169 -21.47 -6.95 11.72
N ALA C 170 -21.66 -6.38 10.53
CA ALA C 170 -20.65 -6.36 9.49
C ALA C 170 -20.21 -4.91 9.27
N THR C 171 -19.03 -4.69 8.71
CA THR C 171 -18.50 -3.34 8.55
C THR C 171 -18.55 -2.96 7.09
N THR C 172 -19.10 -1.81 6.78
CA THR C 172 -19.17 -1.44 5.39
C THR C 172 -18.60 -0.03 5.25
N TYR C 173 -18.74 0.55 4.07
CA TYR C 173 -18.25 1.92 3.86
C TYR C 173 -19.16 2.54 2.79
N LEU C 174 -19.22 3.87 2.81
CA LEU C 174 -20.03 4.75 1.99
C LEU C 174 -19.92 4.42 0.50
N GLY C 175 -18.74 3.98 0.10
CA GLY C 175 -18.54 3.45 -1.24
C GLY C 175 -19.44 2.32 -1.72
N GLY C 176 -20.18 1.66 -0.82
CA GLY C 176 -21.17 0.67 -1.23
C GLY C 176 -22.47 1.34 -1.66
N GLU C 177 -22.66 2.60 -1.29
CA GLU C 177 -23.94 3.28 -1.53
C GLU C 177 -23.79 4.28 -2.65
N PHE C 178 -22.56 4.74 -2.85
CA PHE C 178 -22.24 5.76 -3.83
C PHE C 178 -20.93 5.42 -4.49
N ALA C 179 -20.70 5.92 -5.72
CA ALA C 179 -19.43 5.70 -6.40
C ALA C 179 -18.39 6.66 -5.87
N VAL C 180 -17.44 6.16 -5.08
CA VAL C 180 -16.35 6.92 -4.48
C VAL C 180 -15.11 6.62 -5.30
N GLN C 181 -14.44 7.69 -5.71
CA GLN C 181 -13.23 7.58 -6.54
C GLN C 181 -12.20 6.64 -5.90
N ASN C 182 -11.68 5.71 -6.71
CA ASN C 182 -10.63 4.80 -6.25
C ASN C 182 -11.11 3.63 -5.40
N TYR C 183 -12.37 3.63 -4.94
CA TYR C 183 -12.82 2.47 -4.16
C TYR C 183 -13.21 1.32 -5.12
N ASN C 184 -13.70 1.65 -6.31
CA ASN C 184 -13.78 0.71 -7.43
C ASN C 184 -14.44 -0.64 -7.13
N VAL C 185 -13.77 -1.77 -7.35
CA VAL C 185 -14.38 -3.10 -7.17
C VAL C 185 -14.82 -3.34 -5.71
N MET C 186 -14.21 -2.67 -4.74
CA MET C 186 -14.64 -2.87 -3.35
C MET C 186 -15.99 -2.18 -3.09
N GLY C 187 -16.26 -1.08 -3.79
CA GLY C 187 -17.57 -0.45 -3.75
C GLY C 187 -18.71 -1.40 -4.14
N VAL C 188 -18.49 -2.20 -5.19
CA VAL C 188 -19.45 -3.22 -5.62
C VAL C 188 -19.51 -4.37 -4.61
N ALA C 189 -18.39 -4.75 -3.99
CA ALA C 189 -18.43 -5.75 -2.92
C ALA C 189 -19.20 -5.27 -1.66
N LYS C 190 -19.09 -3.99 -1.35
CA LYS C 190 -19.83 -3.40 -0.22
C LYS C 190 -21.32 -3.22 -0.54
N ALA C 191 -21.67 -3.04 -1.82
CA ALA C 191 -23.10 -2.83 -2.13
C ALA C 191 -23.81 -4.17 -1.87
N SER C 192 -23.07 -5.19 -2.29
CA SER C 192 -23.40 -6.59 -2.17
C SER C 192 -23.52 -7.00 -0.70
N LEU C 193 -22.51 -6.67 0.12
CA LEU C 193 -22.55 -6.86 1.60
C LEU C 193 -23.79 -6.25 2.28
N GLU C 194 -24.00 -4.97 2.05
CA GLU C 194 -25.13 -4.26 2.57
C GLU C 194 -26.46 -4.94 2.22
N ALA C 195 -26.69 -5.37 0.97
CA ALA C 195 -27.94 -6.12 0.67
C ALA C 195 -27.93 -7.51 1.36
N ASN C 196 -26.74 -8.04 1.60
CA ASN C 196 -26.60 -9.35 2.27
C ASN C 196 -27.14 -9.26 3.68
N VAL C 197 -26.72 -8.17 4.35
CA VAL C 197 -27.27 -7.76 5.63
C VAL C 197 -28.81 -7.73 5.65
N LYS C 198 -29.41 -7.12 4.64
CA LYS C 198 -30.87 -7.00 4.58
C LYS C 198 -31.55 -8.37 4.40
N TYR C 199 -31.08 -9.15 3.43
CA TYR C 199 -31.63 -10.47 3.14
C TYR C 199 -31.37 -11.39 4.32
N LEU C 200 -30.19 -11.32 4.93
CA LEU C 200 -29.98 -12.11 6.16
C LEU C 200 -30.95 -11.69 7.26
N ALA C 201 -31.16 -10.39 7.42
CA ALA C 201 -32.15 -9.84 8.37
C ALA C 201 -33.57 -10.42 8.25
N LEU C 202 -34.03 -10.53 7.02
CA LEU C 202 -35.38 -11.01 6.78
C LEU C 202 -35.43 -12.53 7.05
N ASP C 203 -34.35 -13.22 6.69
CA ASP C 203 -34.23 -14.69 6.82
C ASP C 203 -34.19 -15.11 8.28
N LEU C 204 -33.33 -14.46 9.08
CA LEU C 204 -32.99 -14.96 10.41
C LEU C 204 -33.74 -14.20 11.49
N GLY C 205 -34.40 -13.11 11.09
CA GLY C 205 -35.33 -12.43 12.01
C GLY C 205 -36.28 -13.27 12.86
N PRO C 206 -36.99 -14.24 12.26
CA PRO C 206 -37.90 -15.02 13.07
C PRO C 206 -37.24 -15.97 14.04
N ASP C 207 -35.90 -16.11 13.96
CA ASP C 207 -35.08 -16.89 14.87
C ASP C 207 -34.49 -15.95 15.89
N ASN C 208 -34.95 -14.69 15.88
CA ASN C 208 -34.49 -13.69 16.84
C ASN C 208 -33.00 -13.36 16.65
N ILE C 209 -32.53 -13.52 15.42
CA ILE C 209 -31.19 -13.05 15.11
C ILE C 209 -31.26 -11.73 14.37
N ARG C 210 -30.63 -10.70 14.92
CA ARG C 210 -30.63 -9.37 14.22
C ARG C 210 -29.35 -9.20 13.41
N VAL C 211 -29.43 -8.46 12.30
CA VAL C 211 -28.28 -8.41 11.39
C VAL C 211 -28.14 -6.98 10.88
N ASN C 212 -26.96 -6.37 11.06
CA ASN C 212 -26.83 -4.92 10.84
C ASN C 212 -25.44 -4.65 10.33
N ALA C 213 -25.28 -3.43 9.81
CA ALA C 213 -24.00 -2.92 9.36
C ALA C 213 -23.61 -1.64 10.08
N ILE C 214 -22.30 -1.46 10.22
CA ILE C 214 -21.70 -0.17 10.52
C ILE C 214 -20.92 0.34 9.30
N SER C 215 -21.32 1.51 8.82
CA SER C 215 -20.62 2.18 7.74
C SER C 215 -19.60 3.03 8.45
N ALA C 216 -18.38 2.54 8.61
CA ALA C 216 -17.37 3.38 9.27
C ALA C 216 -16.89 4.45 8.29
N GLY C 217 -16.60 5.65 8.78
CA GLY C 217 -15.81 6.68 8.07
C GLY C 217 -14.39 6.18 7.86
N PRO C 218 -13.61 6.84 6.96
CA PRO C 218 -12.25 6.32 6.75
C PRO C 218 -11.31 6.53 7.97
N ILE C 219 -10.41 5.54 8.17
CA ILE C 219 -9.62 5.36 9.39
C ILE C 219 -8.29 4.75 8.97
N ARG C 220 -7.12 5.26 9.39
CA ARG C 220 -5.86 4.60 9.06
C ARG C 220 -5.74 3.22 9.66
N THR C 221 -5.80 2.20 8.79
CA THR C 221 -5.55 0.80 9.13
C THR C 221 -4.57 0.18 8.15
N LEU C 222 -4.14 -1.06 8.36
CA LEU C 222 -3.31 -1.73 7.36
C LEU C 222 -3.97 -1.75 5.96
N SER C 223 -5.26 -2.06 5.89
CA SER C 223 -5.91 -2.19 4.59
C SER C 223 -6.26 -0.84 3.94
N ALA C 224 -6.23 0.25 4.70
CA ALA C 224 -6.34 1.59 4.12
C ALA C 224 -5.24 1.90 3.08
N LYS C 225 -4.07 1.29 3.24
CA LYS C 225 -2.91 1.49 2.38
C LYS C 225 -3.21 0.96 0.98
N GLY C 226 -4.36 0.31 0.89
CA GLY C 226 -4.85 -0.29 -0.35
C GLY C 226 -5.74 0.66 -1.12
N VAL C 227 -6.18 1.76 -0.51
CA VAL C 227 -7.08 2.66 -1.22
C VAL C 227 -6.30 3.87 -1.75
N GLY C 228 -6.22 4.02 -3.08
CA GLY C 228 -5.61 5.20 -3.64
C GLY C 228 -6.25 6.46 -3.08
N GLY C 229 -5.45 7.46 -2.71
CA GLY C 229 -5.98 8.79 -2.40
C GLY C 229 -6.51 8.92 -0.97
N PHE C 230 -6.26 7.88 -0.18
CA PHE C 230 -6.70 7.82 1.21
C PHE C 230 -6.45 9.08 2.05
N ASN C 231 -5.32 9.74 1.89
CA ASN C 231 -5.10 10.97 2.64
C ASN C 231 -6.00 12.14 2.20
N THR C 232 -6.40 12.13 0.93
CA THR C 232 -7.27 13.20 0.46
C THR C 232 -8.69 12.93 0.90
N ILE C 233 -9.06 11.66 1.05
CA ILE C 233 -10.32 11.23 1.70
C ILE C 233 -10.42 11.67 3.18
N LEU C 234 -9.35 11.46 3.95
CA LEU C 234 -9.29 11.89 5.35
C LEU C 234 -9.46 13.39 5.49
N LYS C 235 -8.73 14.13 4.67
CA LYS C 235 -8.75 15.58 4.73
C LYS C 235 -10.13 16.14 4.34
N GLU C 236 -10.83 15.40 3.49
CA GLU C 236 -12.11 15.88 3.00
C GLU C 236 -13.16 15.73 4.12
N ILE C 237 -13.07 14.67 4.91
CA ILE C 237 -13.92 14.50 6.08
C ILE C 237 -13.78 15.69 7.04
N GLU C 238 -12.56 16.19 7.28
CA GLU C 238 -12.38 17.21 8.27
C GLU C 238 -12.90 18.52 7.76
N GLU C 239 -12.76 18.72 6.45
CA GLU C 239 -13.21 19.93 5.80
C GLU C 239 -14.74 20.05 5.66
N ARG C 240 -15.41 18.93 5.39
CA ARG C 240 -16.78 18.95 4.90
CA ARG C 240 -16.79 18.96 4.90
C ARG C 240 -17.77 18.23 5.81
N ALA C 241 -17.35 17.16 6.50
CA ALA C 241 -18.29 16.44 7.40
C ALA C 241 -18.87 17.36 8.50
N PRO C 242 -20.12 17.12 8.87
CA PRO C 242 -20.71 17.87 9.96
C PRO C 242 -19.76 18.07 11.17
N LEU C 243 -19.12 17.01 11.68
CA LEU C 243 -18.37 17.21 12.94
C LEU C 243 -17.00 17.80 12.66
N LYS C 244 -16.65 17.89 11.39
CA LYS C 244 -15.38 18.51 10.98
C LYS C 244 -14.17 17.76 11.58
N ARG C 245 -14.29 16.44 11.71
CA ARG C 245 -13.18 15.64 12.20
C ARG C 245 -13.39 14.22 11.70
N ASN C 246 -12.34 13.43 11.80
CA ASN C 246 -12.45 12.03 11.43
C ASN C 246 -12.83 11.17 12.63
N VAL C 247 -13.28 9.94 12.35
CA VAL C 247 -13.64 9.04 13.44
C VAL C 247 -12.49 8.09 13.76
N ASP C 248 -12.65 7.33 14.83
CA ASP C 248 -11.71 6.27 15.09
C ASP C 248 -12.37 4.96 15.45
N GLN C 249 -11.52 3.98 15.69
CA GLN C 249 -11.93 2.59 15.82
C GLN C 249 -12.76 2.38 17.11
N VAL C 250 -12.44 3.07 18.18
CA VAL C 250 -13.29 3.03 19.39
C VAL C 250 -14.73 3.58 19.21
N GLU C 251 -14.87 4.60 18.36
CA GLU C 251 -16.19 5.07 17.97
C GLU C 251 -16.98 3.99 17.23
N VAL C 252 -16.35 3.21 16.36
CA VAL C 252 -17.03 2.08 15.70
C VAL C 252 -17.35 1.04 16.77
N GLY C 253 -16.36 0.75 17.60
CA GLY C 253 -16.63 -0.13 18.74
C GLY C 253 -17.81 0.23 19.63
N LYS C 254 -17.90 1.51 20.05
CA LYS C 254 -19.04 2.00 20.82
C LYS C 254 -20.37 1.76 20.09
N THR C 255 -20.47 2.01 18.78
CA THR C 255 -21.70 1.68 18.03
C THR C 255 -21.91 0.19 17.90
N ALA C 256 -20.83 -0.57 17.73
CA ALA C 256 -20.95 -2.02 17.70
C ALA C 256 -21.53 -2.61 19.00
N ALA C 257 -21.08 -2.05 20.13
CA ALA C 257 -21.65 -2.38 21.45
C ALA C 257 -23.19 -2.19 21.50
N TYR C 258 -23.60 -1.03 21.00
CA TYR C 258 -25.02 -0.78 20.93
C TYR C 258 -25.69 -1.89 20.10
N LEU C 259 -25.25 -2.08 18.86
CA LEU C 259 -25.84 -3.05 17.93
C LEU C 259 -25.79 -4.51 18.41
N LEU C 260 -24.72 -4.82 19.12
CA LEU C 260 -24.49 -6.17 19.62
C LEU C 260 -25.21 -6.44 20.93
N SER C 261 -25.77 -5.39 21.53
CA SER C 261 -26.48 -5.55 22.78
C SER C 261 -28.01 -5.40 22.65
N ASP C 262 -28.71 -5.58 23.77
CA ASP C 262 -30.16 -5.41 23.88
C ASP C 262 -30.64 -3.95 23.74
N LEU C 263 -29.74 -2.97 23.78
CA LEU C 263 -30.12 -1.59 23.52
C LEU C 263 -30.72 -1.38 22.11
N SER C 264 -30.33 -2.22 21.16
CA SER C 264 -30.80 -2.10 19.79
C SER C 264 -31.78 -3.20 19.41
N SER C 265 -32.46 -3.81 20.40
CA SER C 265 -33.49 -4.79 20.06
C SER C 265 -34.51 -4.01 19.25
N GLY C 266 -35.08 -4.63 18.23
CA GLY C 266 -35.98 -3.81 17.37
C GLY C 266 -35.29 -3.15 16.20
N VAL C 267 -33.96 -3.20 16.18
CA VAL C 267 -33.15 -2.68 15.06
C VAL C 267 -32.58 -3.90 14.28
N THR C 268 -32.96 -4.08 13.02
CA THR C 268 -32.30 -5.13 12.22
C THR C 268 -32.36 -4.65 10.79
N GLY C 269 -31.38 -5.07 9.98
CA GLY C 269 -31.31 -4.67 8.54
C GLY C 269 -30.90 -3.19 8.38
N GLU C 270 -30.34 -2.60 9.44
CA GLU C 270 -30.00 -1.19 9.42
C GLU C 270 -28.50 -1.02 9.09
N ASN C 271 -28.18 0.13 8.51
CA ASN C 271 -26.80 0.56 8.27
C ASN C 271 -26.58 1.87 9.03
N ILE C 272 -25.84 1.83 10.13
CA ILE C 272 -25.57 3.05 10.92
C ILE C 272 -24.20 3.57 10.49
N HIS C 273 -24.13 4.85 10.21
CA HIS C 273 -22.91 5.46 9.71
C HIS C 273 -22.26 6.11 10.91
N VAL C 274 -21.08 5.62 11.24
CA VAL C 274 -20.20 6.23 12.21
C VAL C 274 -19.21 7.03 11.40
N ASP C 275 -19.57 8.24 11.00
CA ASP C 275 -18.68 8.84 10.03
C ASP C 275 -18.64 10.37 10.19
N SER C 276 -18.98 10.87 11.38
CA SER C 276 -19.03 12.32 11.60
C SER C 276 -20.11 13.04 10.78
N GLY C 277 -21.11 12.32 10.26
CA GLY C 277 -22.17 12.96 9.48
C GLY C 277 -22.01 13.05 7.97
N PHE C 278 -20.91 12.51 7.46
CA PHE C 278 -20.48 12.71 6.08
C PHE C 278 -21.49 12.17 5.06
N HIS C 279 -22.17 11.09 5.46
CA HIS C 279 -23.06 10.36 4.56
C HIS C 279 -24.21 11.34 4.29
N ALA C 280 -24.39 12.31 5.19
CA ALA C 280 -25.65 13.06 5.13
C ALA C 280 -25.55 14.30 4.29
N ILE C 281 -24.34 14.65 3.90
CA ILE C 281 -24.13 15.91 3.20
C ILE C 281 -23.73 15.71 1.73
N LYS C 282 -23.79 16.77 0.95
CA LYS C 282 -23.34 16.64 -0.43
C LYS C 282 -22.60 17.88 -0.93
N ASN D 29 -36.44 9.87 -32.40
CA ASN D 29 -35.99 9.30 -33.71
C ASN D 29 -34.56 8.74 -33.66
N LEU D 30 -34.43 7.44 -33.92
CA LEU D 30 -33.18 6.73 -33.70
C LEU D 30 -32.61 6.16 -35.01
N GLU D 31 -33.02 6.72 -36.14
CA GLU D 31 -32.51 6.29 -37.44
C GLU D 31 -31.03 6.63 -37.48
N ASN D 32 -30.22 5.75 -38.05
CA ASN D 32 -28.77 5.94 -38.00
C ASN D 32 -28.16 5.69 -36.63
N LYS D 33 -28.97 5.25 -35.66
CA LYS D 33 -28.43 4.67 -34.44
C LYS D 33 -28.33 3.15 -34.54
N THR D 34 -27.32 2.62 -33.87
CA THR D 34 -27.12 1.19 -33.81
C THR D 34 -26.96 0.78 -32.35
N TYR D 35 -27.76 -0.20 -31.94
CA TYR D 35 -27.78 -0.64 -30.56
C TYR D 35 -27.58 -2.14 -30.46
N VAL D 36 -26.83 -2.57 -29.45
CA VAL D 36 -26.66 -4.01 -29.16
C VAL D 36 -27.59 -4.42 -28.00
N ILE D 37 -28.41 -5.42 -28.29
CA ILE D 37 -29.38 -5.90 -27.31
C ILE D 37 -29.02 -7.31 -26.87
N MET D 38 -28.69 -7.48 -25.60
CA MET D 38 -28.28 -8.77 -25.07
C MET D 38 -29.36 -9.34 -24.15
N GLY D 39 -29.74 -10.61 -24.35
CA GLY D 39 -30.68 -11.30 -23.50
C GLY D 39 -32.11 -11.57 -23.96
N ILE D 40 -32.36 -11.57 -25.27
CA ILE D 40 -33.66 -12.09 -25.75
C ILE D 40 -33.65 -13.61 -25.79
N ALA D 41 -34.61 -14.21 -25.08
CA ALA D 41 -34.83 -15.65 -25.13
C ALA D 41 -36.07 -16.02 -25.94
N ASN D 42 -37.15 -15.27 -25.76
CA ASN D 42 -38.40 -15.53 -26.51
C ASN D 42 -39.22 -14.26 -26.64
N LYS D 43 -40.45 -14.38 -27.13
CA LYS D 43 -41.26 -13.21 -27.42
C LYS D 43 -41.64 -12.47 -26.13
N ARG D 44 -41.44 -13.11 -24.98
CA ARG D 44 -41.78 -12.50 -23.70
C ARG D 44 -40.62 -11.77 -23.02
N SER D 45 -39.39 -12.01 -23.45
CA SER D 45 -38.25 -11.35 -22.81
C SER D 45 -38.41 -9.84 -22.71
N ILE D 46 -38.02 -9.28 -21.57
CA ILE D 46 -38.01 -7.82 -21.45
C ILE D 46 -37.23 -7.22 -22.62
N ALA D 47 -36.13 -7.85 -23.02
CA ALA D 47 -35.30 -7.33 -24.09
C ALA D 47 -36.00 -7.28 -25.46
N PHE D 48 -37.05 -8.07 -25.66
CA PHE D 48 -37.73 -8.01 -26.96
C PHE D 48 -38.71 -6.82 -26.99
N GLY D 49 -39.25 -6.45 -25.83
CA GLY D 49 -39.89 -5.16 -25.60
C GLY D 49 -39.03 -3.96 -25.99
N VAL D 50 -37.77 -3.97 -25.55
CA VAL D 50 -36.78 -3.00 -25.94
C VAL D 50 -36.65 -3.03 -27.47
N ALA D 51 -36.45 -4.21 -28.07
CA ALA D 51 -36.25 -4.34 -29.50
C ALA D 51 -37.41 -3.76 -30.32
N LYS D 52 -38.64 -4.20 -30.04
CA LYS D 52 -39.80 -3.64 -30.71
C LYS D 52 -39.81 -2.11 -30.64
N VAL D 53 -39.46 -1.54 -29.49
CA VAL D 53 -39.51 -0.08 -29.39
C VAL D 53 -38.43 0.60 -30.24
N LEU D 54 -37.19 0.13 -30.13
CA LEU D 54 -36.05 0.74 -30.80
C LEU D 54 -36.20 0.49 -32.31
N ASP D 55 -36.79 -0.65 -32.67
CA ASP D 55 -36.96 -1.02 -34.06
C ASP D 55 -38.04 -0.12 -34.65
N GLN D 56 -39.11 0.07 -33.90
CA GLN D 56 -40.15 1.03 -34.29
C GLN D 56 -39.62 2.44 -34.52
N LEU D 57 -38.61 2.79 -33.73
CA LEU D 57 -38.05 4.13 -33.71
C LEU D 57 -36.95 4.30 -34.76
N GLY D 58 -36.71 3.26 -35.55
CA GLY D 58 -35.75 3.32 -36.67
C GLY D 58 -34.30 2.94 -36.37
N ALA D 59 -34.00 2.41 -35.19
CA ALA D 59 -32.64 1.99 -34.88
C ALA D 59 -32.27 0.74 -35.69
N LYS D 60 -30.98 0.61 -36.00
CA LYS D 60 -30.44 -0.69 -36.41
C LYS D 60 -30.05 -1.46 -35.14
N LEU D 61 -30.43 -2.74 -35.10
CA LEU D 61 -30.23 -3.58 -33.93
C LEU D 61 -29.32 -4.74 -34.24
N VAL D 62 -28.45 -5.00 -33.27
CA VAL D 62 -27.63 -6.20 -33.22
C VAL D 62 -28.09 -6.99 -31.99
N PHE D 63 -28.18 -8.31 -32.11
CA PHE D 63 -28.69 -9.15 -31.03
C PHE D 63 -27.63 -10.15 -30.51
N THR D 64 -27.53 -10.34 -29.21
CA THR D 64 -26.69 -11.41 -28.73
C THR D 64 -27.45 -12.45 -27.90
N TYR D 65 -27.00 -13.70 -27.94
CA TYR D 65 -27.72 -14.78 -27.26
C TYR D 65 -26.70 -15.77 -26.66
N ARG D 66 -27.13 -16.59 -25.71
CA ARG D 66 -26.27 -17.64 -25.21
C ARG D 66 -26.47 -18.98 -25.93
N LYS D 67 -27.67 -19.54 -25.85
CA LYS D 67 -27.84 -20.86 -26.42
C LYS D 67 -28.44 -20.82 -27.83
N GLU D 68 -28.08 -21.80 -28.65
CA GLU D 68 -28.57 -21.88 -30.02
C GLU D 68 -30.09 -21.75 -30.11
N ARG D 69 -30.78 -22.46 -29.21
CA ARG D 69 -32.23 -22.37 -29.07
C ARG D 69 -32.70 -20.92 -28.98
N SER D 70 -31.91 -20.03 -28.37
CA SER D 70 -32.31 -18.62 -28.42
C SER D 70 -32.04 -17.96 -29.77
N ARG D 71 -31.01 -18.41 -30.49
CA ARG D 71 -30.74 -17.97 -31.86
C ARG D 71 -31.92 -18.22 -32.78
N LYS D 72 -32.41 -19.46 -32.78
CA LYS D 72 -33.53 -19.84 -33.66
C LYS D 72 -34.77 -19.01 -33.37
N GLU D 73 -35.17 -18.97 -32.10
CA GLU D 73 -36.16 -18.02 -31.62
C GLU D 73 -35.95 -16.65 -32.22
N LEU D 74 -34.74 -16.11 -32.06
CA LEU D 74 -34.41 -14.77 -32.53
C LEU D 74 -34.68 -14.62 -34.02
N GLU D 75 -34.29 -15.62 -34.79
CA GLU D 75 -34.51 -15.57 -36.22
C GLU D 75 -36.00 -15.50 -36.52
N LYS D 76 -36.78 -16.30 -35.81
CA LYS D 76 -38.23 -16.29 -35.95
C LYS D 76 -38.79 -14.94 -35.53
N LEU D 77 -38.36 -14.46 -34.36
CA LEU D 77 -38.85 -13.20 -33.80
C LEU D 77 -38.59 -11.98 -34.68
N LEU D 78 -37.39 -11.93 -35.27
CA LEU D 78 -36.99 -10.84 -36.15
C LEU D 78 -37.82 -10.57 -37.41
N GLU D 79 -38.63 -11.54 -37.83
CA GLU D 79 -39.58 -11.31 -38.90
C GLU D 79 -40.67 -10.32 -38.50
N GLN D 80 -40.93 -10.24 -37.20
CA GLN D 80 -41.85 -9.26 -36.62
C GLN D 80 -41.28 -7.85 -36.65
N LEU D 81 -39.99 -7.70 -36.90
CA LEU D 81 -39.33 -6.39 -36.80
C LEU D 81 -39.16 -5.79 -38.18
N ASN D 82 -38.73 -4.53 -38.28
CA ASN D 82 -38.41 -3.92 -39.57
C ASN D 82 -36.97 -4.18 -39.99
N GLN D 83 -36.13 -4.67 -39.08
CA GLN D 83 -34.72 -4.91 -39.35
C GLN D 83 -34.60 -5.60 -40.69
N PRO D 84 -33.79 -5.05 -41.62
CA PRO D 84 -33.60 -5.71 -42.92
C PRO D 84 -32.44 -6.70 -42.94
N GLU D 85 -31.57 -6.69 -41.93
CA GLU D 85 -30.71 -7.87 -41.76
C GLU D 85 -30.69 -8.39 -40.34
N ALA D 86 -30.53 -9.70 -40.23
CA ALA D 86 -30.27 -10.34 -38.95
C ALA D 86 -28.80 -10.27 -38.57
N HIS D 87 -28.51 -9.59 -37.47
CA HIS D 87 -27.16 -9.57 -36.91
C HIS D 87 -27.22 -10.26 -35.54
N LEU D 88 -26.92 -11.56 -35.51
CA LEU D 88 -26.98 -12.36 -34.28
C LEU D 88 -25.61 -12.93 -33.92
N TYR D 89 -25.26 -12.88 -32.63
CA TYR D 89 -23.92 -13.24 -32.14
C TYR D 89 -24.10 -14.01 -30.85
N GLN D 90 -23.47 -15.17 -30.79
CA GLN D 90 -23.46 -15.94 -29.56
C GLN D 90 -22.42 -15.36 -28.59
N ILE D 91 -22.89 -14.84 -27.46
CA ILE D 91 -22.00 -14.36 -26.42
C ILE D 91 -22.57 -14.91 -25.11
N ASP D 92 -21.92 -15.94 -24.57
CA ASP D 92 -22.05 -16.29 -23.15
C ASP D 92 -21.14 -15.39 -22.30
N VAL D 93 -21.76 -14.59 -21.44
CA VAL D 93 -21.04 -13.60 -20.65
C VAL D 93 -20.21 -14.20 -19.52
N GLN D 94 -20.22 -15.51 -19.41
CA GLN D 94 -19.34 -16.16 -18.46
C GLN D 94 -17.94 -16.30 -19.00
N SER D 95 -17.78 -16.08 -20.30
CA SER D 95 -16.51 -16.18 -21.00
C SER D 95 -16.02 -14.80 -21.45
N ASP D 96 -14.85 -14.39 -20.95
CA ASP D 96 -14.21 -13.16 -21.41
C ASP D 96 -14.02 -13.19 -22.93
N GLU D 97 -13.48 -14.30 -23.42
CA GLU D 97 -13.25 -14.51 -24.84
C GLU D 97 -14.48 -14.28 -25.69
N GLU D 98 -15.59 -14.88 -25.28
CA GLU D 98 -16.82 -14.67 -26.02
C GLU D 98 -17.28 -13.21 -26.02
N VAL D 99 -17.20 -12.53 -24.87
CA VAL D 99 -17.53 -11.10 -24.83
C VAL D 99 -16.54 -10.34 -25.73
N ILE D 100 -15.25 -10.60 -25.57
CA ILE D 100 -14.21 -9.85 -26.28
C ILE D 100 -14.37 -10.00 -27.79
N ASN D 101 -14.50 -11.24 -28.25
CA ASN D 101 -14.57 -11.57 -29.68
C ASN D 101 -15.93 -11.24 -30.32
N GLY D 102 -16.98 -11.41 -29.53
CA GLY D 102 -18.35 -10.99 -29.87
C GLY D 102 -18.44 -9.53 -30.26
N PHE D 103 -18.03 -8.63 -29.37
CA PHE D 103 -17.99 -7.20 -29.71
C PHE D 103 -17.02 -6.82 -30.83
N GLU D 104 -15.90 -7.54 -30.91
CA GLU D 104 -14.96 -7.27 -31.95
C GLU D 104 -15.61 -7.56 -33.30
N GLN D 105 -16.32 -8.67 -33.38
CA GLN D 105 -16.94 -9.10 -34.62
C GLN D 105 -18.02 -8.10 -35.02
N ILE D 106 -18.72 -7.58 -34.00
CA ILE D 106 -19.85 -6.68 -34.17
C ILE D 106 -19.34 -5.39 -34.77
N GLY D 107 -18.23 -4.91 -34.20
CA GLY D 107 -17.47 -3.80 -34.77
C GLY D 107 -17.07 -4.02 -36.22
N LYS D 108 -16.48 -5.18 -36.53
CA LYS D 108 -16.14 -5.50 -37.91
C LYS D 108 -17.35 -5.59 -38.85
N ASP D 109 -18.50 -6.03 -38.34
CA ASP D 109 -19.64 -6.34 -39.20
C ASP D 109 -20.54 -5.13 -39.37
N VAL D 110 -20.52 -4.26 -38.38
CA VAL D 110 -21.57 -3.27 -38.29
C VAL D 110 -20.98 -1.87 -38.11
N GLY D 111 -19.80 -1.78 -37.53
CA GLY D 111 -19.22 -0.48 -37.24
C GLY D 111 -19.35 -0.07 -35.78
N ASN D 112 -19.11 1.21 -35.53
CA ASN D 112 -19.37 1.80 -34.23
C ASN D 112 -20.83 1.72 -33.78
N ILE D 113 -21.06 1.61 -32.48
CA ILE D 113 -22.42 1.48 -31.97
C ILE D 113 -22.81 2.71 -31.12
N ASP D 114 -24.08 2.82 -30.77
CA ASP D 114 -24.47 3.95 -29.93
C ASP D 114 -24.79 3.57 -28.48
N GLY D 115 -24.89 2.26 -28.20
CA GLY D 115 -25.27 1.82 -26.87
C GLY D 115 -25.58 0.34 -26.79
N VAL D 116 -25.81 -0.11 -25.56
CA VAL D 116 -26.02 -1.53 -25.29
C VAL D 116 -27.16 -1.65 -24.31
N TYR D 117 -28.14 -2.51 -24.61
CA TYR D 117 -29.13 -2.86 -23.58
C TYR D 117 -28.74 -4.20 -22.94
N HIS D 118 -28.38 -4.19 -21.65
CA HIS D 118 -28.02 -5.45 -20.97
C HIS D 118 -29.24 -6.03 -20.26
N SER D 119 -29.71 -7.22 -20.65
CA SER D 119 -30.89 -7.79 -20.01
C SER D 119 -30.58 -9.23 -19.57
N ILE D 120 -29.52 -9.40 -18.80
CA ILE D 120 -29.02 -10.76 -18.52
C ILE D 120 -28.92 -10.99 -17.00
N ALA D 121 -29.48 -12.10 -16.53
CA ALA D 121 -29.29 -12.48 -15.13
C ALA D 121 -29.40 -13.99 -14.98
N PHE D 122 -28.79 -14.52 -13.92
CA PHE D 122 -28.94 -15.94 -13.63
C PHE D 122 -28.61 -16.27 -12.19
N ALA D 123 -29.36 -17.20 -11.62
CA ALA D 123 -29.03 -17.83 -10.33
C ALA D 123 -29.51 -19.27 -10.39
N ASN D 124 -29.00 -20.12 -9.51
CA ASN D 124 -29.51 -21.50 -9.40
C ASN D 124 -30.86 -21.53 -8.71
N MET D 125 -31.79 -22.27 -9.31
CA MET D 125 -33.04 -22.68 -8.63
C MET D 125 -32.90 -23.04 -7.16
N GLU D 126 -32.07 -24.04 -6.86
CA GLU D 126 -31.77 -24.45 -5.47
C GLU D 126 -31.49 -23.24 -4.57
N ASP D 127 -30.72 -22.27 -5.05
CA ASP D 127 -30.37 -21.12 -4.23
C ASP D 127 -31.53 -20.16 -4.06
N LEU D 128 -32.23 -19.90 -5.16
CA LEU D 128 -33.48 -19.13 -5.16
C LEU D 128 -34.59 -19.67 -4.26
N ARG D 129 -34.78 -20.99 -4.26
CA ARG D 129 -35.69 -21.74 -3.37
C ARG D 129 -35.40 -21.50 -1.88
N GLY D 130 -34.34 -22.14 -1.39
CA GLY D 130 -33.99 -22.21 0.04
C GLY D 130 -34.05 -20.91 0.85
N ARG D 131 -33.73 -21.00 2.14
CA ARG D 131 -33.47 -19.83 2.96
C ARG D 131 -32.23 -19.08 2.44
N PHE D 132 -32.16 -17.76 2.56
CA PHE D 132 -30.98 -17.06 2.04
C PHE D 132 -29.70 -17.48 2.77
N SER D 133 -29.79 -17.73 4.06
CA SER D 133 -28.61 -18.16 4.81
C SER D 133 -28.00 -19.48 4.32
N GLU D 134 -28.74 -20.25 3.51
CA GLU D 134 -28.27 -21.55 3.08
C GLU D 134 -27.67 -21.48 1.67
N THR D 135 -27.67 -20.29 1.06
CA THR D 135 -26.97 -20.11 -0.22
C THR D 135 -25.53 -20.67 -0.23
N SER D 136 -25.19 -21.44 -1.27
CA SER D 136 -23.82 -21.95 -1.42
C SER D 136 -22.88 -20.91 -2.04
N ARG D 137 -21.59 -21.13 -1.86
CA ARG D 137 -20.59 -20.15 -2.26
C ARG D 137 -20.64 -20.09 -3.78
N GLU D 138 -20.76 -21.28 -4.35
CA GLU D 138 -20.74 -21.44 -5.79
CA GLU D 138 -20.76 -21.46 -5.78
C GLU D 138 -21.98 -20.78 -6.42
N GLY D 139 -23.15 -20.95 -5.83
CA GLY D 139 -24.33 -20.28 -6.40
C GLY D 139 -24.32 -18.77 -6.18
N PHE D 140 -23.73 -18.31 -5.09
CA PHE D 140 -23.70 -16.86 -4.82
C PHE D 140 -22.76 -16.19 -5.84
N LEU D 141 -21.63 -16.87 -6.12
CA LEU D 141 -20.66 -16.30 -7.03
C LEU D 141 -21.10 -16.43 -8.49
N LEU D 142 -21.80 -17.51 -8.85
CA LEU D 142 -22.42 -17.64 -10.19
C LEU D 142 -23.36 -16.45 -10.53
N ALA D 143 -24.22 -16.14 -9.57
CA ALA D 143 -25.16 -15.05 -9.69
C ALA D 143 -24.45 -13.71 -9.89
N GLN D 144 -23.38 -13.46 -9.11
CA GLN D 144 -22.59 -12.25 -9.23
C GLN D 144 -21.99 -12.18 -10.61
N ASP D 145 -21.39 -13.30 -11.00
CA ASP D 145 -20.73 -13.45 -12.28
C ASP D 145 -21.63 -13.06 -13.44
N ILE D 146 -22.74 -13.77 -13.60
CA ILE D 146 -23.60 -13.57 -14.77
C ILE D 146 -24.44 -12.30 -14.65
N SER D 147 -24.86 -11.94 -13.44
CA SER D 147 -25.84 -10.87 -13.25
C SER D 147 -25.22 -9.49 -12.97
N SER D 148 -23.99 -9.47 -12.47
CA SER D 148 -23.32 -8.21 -12.21
C SER D 148 -22.04 -8.02 -13.03
N TYR D 149 -21.06 -8.91 -12.86
CA TYR D 149 -19.77 -8.72 -13.49
C TYR D 149 -19.86 -8.65 -15.04
N SER D 150 -20.80 -9.39 -15.62
CA SER D 150 -20.96 -9.31 -17.06
C SER D 150 -21.15 -7.88 -17.53
N LEU D 151 -21.77 -7.02 -16.74
CA LEU D 151 -21.95 -5.65 -17.22
C LEU D 151 -20.59 -4.93 -17.38
N THR D 152 -19.66 -5.25 -16.49
CA THR D 152 -18.37 -4.56 -16.49
C THR D 152 -17.56 -4.92 -17.72
N ILE D 153 -17.43 -6.22 -17.98
CA ILE D 153 -16.70 -6.67 -19.16
C ILE D 153 -17.43 -6.24 -20.45
N VAL D 154 -18.76 -6.28 -20.47
CA VAL D 154 -19.49 -5.83 -21.66
C VAL D 154 -19.19 -4.32 -21.94
N ALA D 155 -19.19 -3.53 -20.87
CA ALA D 155 -18.96 -2.09 -20.95
C ALA D 155 -17.54 -1.79 -21.43
N HIS D 156 -16.56 -2.49 -20.88
CA HIS D 156 -15.18 -2.33 -21.36
C HIS D 156 -15.04 -2.66 -22.86
N GLU D 157 -15.69 -3.74 -23.29
CA GLU D 157 -15.58 -4.12 -24.70
C GLU D 157 -16.43 -3.21 -25.58
N ALA D 158 -17.63 -2.84 -25.12
CA ALA D 158 -18.50 -2.00 -25.96
C ALA D 158 -17.94 -0.58 -26.10
N LYS D 159 -17.14 -0.17 -25.12
CA LYS D 159 -16.46 1.14 -25.13
C LYS D 159 -15.62 1.35 -26.38
N LYS D 160 -15.00 0.26 -26.82
CA LYS D 160 -14.17 0.27 -28.04
C LYS D 160 -14.93 0.65 -29.30
N LEU D 161 -16.25 0.51 -29.27
CA LEU D 161 -17.09 0.78 -30.43
C LEU D 161 -17.86 2.09 -30.26
N MET D 162 -17.58 2.78 -29.15
CA MET D 162 -18.24 4.05 -28.85
C MET D 162 -17.25 5.19 -28.64
N PRO D 163 -16.34 5.41 -29.62
CA PRO D 163 -15.28 6.43 -29.49
C PRO D 163 -15.82 7.86 -29.31
N GLU D 164 -17.05 8.08 -29.75
CA GLU D 164 -17.65 9.40 -29.60
C GLU D 164 -18.64 9.49 -28.44
N GLY D 165 -18.69 8.45 -27.60
CA GLY D 165 -19.64 8.37 -26.51
C GLY D 165 -20.83 7.46 -26.82
N GLY D 166 -21.73 7.30 -25.86
CA GLY D 166 -22.85 6.39 -26.06
C GLY D 166 -23.57 6.05 -24.78
N SER D 167 -24.35 4.96 -24.80
CA SER D 167 -25.28 4.74 -23.70
C SER D 167 -25.43 3.28 -23.31
N ILE D 168 -25.23 2.97 -22.04
CA ILE D 168 -25.42 1.58 -21.60
C ILE D 168 -26.53 1.45 -20.54
N VAL D 169 -27.45 0.50 -20.75
CA VAL D 169 -28.58 0.33 -19.84
C VAL D 169 -28.64 -1.11 -19.30
N ALA D 170 -28.72 -1.26 -17.99
CA ALA D 170 -28.91 -2.62 -17.45
C ALA D 170 -30.28 -2.79 -16.80
N THR D 171 -30.78 -4.02 -16.72
CA THR D 171 -32.11 -4.24 -16.16
C THR D 171 -32.02 -4.71 -14.72
N THR D 172 -32.63 -4.00 -13.80
CA THR D 172 -32.54 -4.42 -12.40
C THR D 172 -33.92 -4.64 -11.79
N TYR D 173 -33.97 -4.93 -10.49
CA TYR D 173 -35.23 -5.18 -9.85
C TYR D 173 -35.15 -4.56 -8.46
N LEU D 174 -36.29 -4.12 -7.93
CA LEU D 174 -36.40 -3.56 -6.59
C LEU D 174 -35.81 -4.40 -5.44
N GLY D 175 -35.78 -5.72 -5.62
CA GLY D 175 -35.09 -6.57 -4.65
C GLY D 175 -33.60 -6.36 -4.55
N GLY D 176 -33.01 -5.48 -5.35
CA GLY D 176 -31.63 -5.07 -5.10
C GLY D 176 -31.53 -3.91 -4.14
N GLU D 177 -32.67 -3.30 -3.77
CA GLU D 177 -32.69 -2.13 -2.89
C GLU D 177 -33.30 -2.45 -1.54
N PHE D 178 -34.11 -3.51 -1.53
CA PHE D 178 -34.74 -4.09 -0.37
C PHE D 178 -34.79 -5.60 -0.43
N ALA D 179 -34.93 -6.22 0.74
CA ALA D 179 -35.04 -7.67 0.78
C ALA D 179 -36.48 -8.05 0.42
N VAL D 180 -36.63 -8.79 -0.68
CA VAL D 180 -37.91 -9.22 -1.21
C VAL D 180 -37.93 -10.73 -1.01
N GLN D 181 -38.99 -11.24 -0.40
CA GLN D 181 -39.12 -12.67 -0.17
C GLN D 181 -38.87 -13.50 -1.44
N ASN D 182 -38.10 -14.57 -1.31
CA ASN D 182 -37.95 -15.49 -2.45
C ASN D 182 -36.98 -15.01 -3.52
N TYR D 183 -36.53 -13.77 -3.45
CA TYR D 183 -35.60 -13.27 -4.43
C TYR D 183 -34.12 -13.48 -4.05
N ASN D 184 -33.85 -13.59 -2.74
CA ASN D 184 -32.63 -14.20 -2.21
C ASN D 184 -31.31 -13.81 -2.90
N VAL D 185 -30.56 -14.78 -3.40
CA VAL D 185 -29.24 -14.51 -3.99
C VAL D 185 -29.31 -13.47 -5.15
N MET D 186 -30.41 -13.47 -5.91
CA MET D 186 -30.52 -12.56 -7.04
C MET D 186 -30.63 -11.10 -6.56
N GLY D 187 -31.22 -10.94 -5.37
CA GLY D 187 -31.33 -9.62 -4.78
C GLY D 187 -29.98 -9.04 -4.39
N VAL D 188 -29.12 -9.85 -3.76
CA VAL D 188 -27.75 -9.40 -3.56
C VAL D 188 -27.01 -9.21 -4.93
N ALA D 189 -27.30 -9.99 -5.99
CA ALA D 189 -26.64 -9.68 -7.25
C ALA D 189 -27.12 -8.39 -7.92
N LYS D 190 -28.40 -8.06 -7.79
CA LYS D 190 -28.91 -6.79 -8.29
C LYS D 190 -28.32 -5.59 -7.55
N ALA D 191 -28.18 -5.64 -6.23
CA ALA D 191 -27.48 -4.57 -5.48
C ALA D 191 -26.05 -4.38 -5.97
N SER D 192 -25.42 -5.50 -6.29
CA SER D 192 -24.12 -5.50 -6.97
C SER D 192 -24.17 -4.80 -8.35
N LEU D 193 -25.13 -5.21 -9.19
CA LEU D 193 -25.33 -4.63 -10.54
C LEU D 193 -25.58 -3.10 -10.48
N GLU D 194 -26.34 -2.68 -9.47
CA GLU D 194 -26.75 -1.27 -9.33
C GLU D 194 -25.55 -0.43 -8.89
N ALA D 195 -24.66 -0.98 -8.05
CA ALA D 195 -23.43 -0.25 -7.73
C ALA D 195 -22.44 -0.24 -8.90
N ASN D 196 -22.33 -1.37 -9.60
CA ASN D 196 -21.68 -1.47 -10.88
C ASN D 196 -22.04 -0.33 -11.84
N VAL D 197 -23.34 -0.13 -12.02
CA VAL D 197 -23.81 0.94 -12.88
C VAL D 197 -23.22 2.26 -12.40
N LYS D 198 -23.21 2.45 -11.08
CA LYS D 198 -22.77 3.72 -10.52
C LYS D 198 -21.26 3.89 -10.70
N TYR D 199 -20.48 2.86 -10.39
CA TYR D 199 -19.02 2.89 -10.64
C TYR D 199 -18.69 3.04 -12.15
N LEU D 200 -19.44 2.37 -13.00
CA LEU D 200 -19.16 2.47 -14.45
C LEU D 200 -19.48 3.87 -14.95
N ALA D 201 -20.52 4.48 -14.40
CA ALA D 201 -20.92 5.85 -14.75
C ALA D 201 -19.83 6.89 -14.44
N LEU D 202 -19.15 6.68 -13.33
CA LEU D 202 -18.11 7.59 -12.89
C LEU D 202 -16.87 7.39 -13.74
N ASP D 203 -16.49 6.13 -13.96
CA ASP D 203 -15.34 5.75 -14.79
C ASP D 203 -15.48 6.21 -16.23
N LEU D 204 -16.69 6.08 -16.78
CA LEU D 204 -16.85 6.15 -18.24
C LEU D 204 -17.42 7.48 -18.67
N GLY D 205 -17.92 8.24 -17.68
CA GLY D 205 -18.46 9.60 -17.89
C GLY D 205 -17.57 10.53 -18.70
N PRO D 206 -16.27 10.56 -18.39
CA PRO D 206 -15.39 11.42 -19.19
C PRO D 206 -15.30 10.99 -20.65
N ASP D 207 -15.60 9.74 -20.92
CA ASP D 207 -15.58 9.22 -22.30
C ASP D 207 -16.93 9.45 -23.01
N ASN D 208 -17.79 10.25 -22.38
CA ASN D 208 -19.18 10.49 -22.80
C ASN D 208 -20.01 9.23 -23.00
N ILE D 209 -19.75 8.24 -22.14
CA ILE D 209 -20.57 7.06 -22.01
C ILE D 209 -21.36 7.11 -20.70
N ARG D 210 -22.67 7.19 -20.89
CA ARG D 210 -23.62 7.19 -19.79
C ARG D 210 -24.03 5.75 -19.47
N VAL D 211 -24.19 5.48 -18.17
CA VAL D 211 -24.56 4.13 -17.74
C VAL D 211 -25.69 4.23 -16.74
N ASN D 212 -26.80 3.57 -17.02
CA ASN D 212 -28.02 3.67 -16.21
C ASN D 212 -28.69 2.30 -15.99
N ALA D 213 -29.63 2.24 -15.03
CA ALA D 213 -30.42 1.04 -14.82
C ALA D 213 -31.90 1.37 -15.05
N ILE D 214 -32.66 0.42 -15.60
CA ILE D 214 -34.11 0.43 -15.42
C ILE D 214 -34.49 -0.62 -14.37
N SER D 215 -35.30 -0.22 -13.39
CA SER D 215 -35.75 -1.14 -12.35
C SER D 215 -37.17 -1.53 -12.74
N ALA D 216 -37.33 -2.70 -13.36
CA ALA D 216 -38.64 -3.10 -13.92
C ALA D 216 -39.48 -3.69 -12.80
N GLY D 217 -40.78 -3.37 -12.80
CA GLY D 217 -41.74 -4.11 -12.03
C GLY D 217 -41.76 -5.58 -12.48
N PRO D 218 -42.49 -6.43 -11.73
CA PRO D 218 -42.60 -7.84 -12.12
C PRO D 218 -43.33 -8.03 -13.46
N ILE D 219 -42.85 -8.94 -14.30
CA ILE D 219 -43.37 -9.18 -15.65
C ILE D 219 -43.26 -10.69 -15.92
N ARG D 220 -44.31 -11.29 -16.47
CA ARG D 220 -44.31 -12.72 -16.75
C ARG D 220 -43.40 -13.05 -17.94
N THR D 221 -42.22 -13.57 -17.66
CA THR D 221 -41.24 -13.94 -18.67
C THR D 221 -40.78 -15.37 -18.38
N LEU D 222 -39.98 -15.96 -19.26
CA LEU D 222 -39.45 -17.30 -19.01
C LEU D 222 -38.76 -17.40 -17.65
N SER D 223 -38.00 -16.38 -17.25
CA SER D 223 -37.28 -16.45 -15.98
C SER D 223 -38.15 -16.22 -14.75
N ALA D 224 -39.26 -15.51 -14.91
CA ALA D 224 -40.18 -15.31 -13.79
C ALA D 224 -40.69 -16.64 -13.21
N LYS D 225 -40.67 -17.71 -14.00
CA LYS D 225 -41.01 -19.04 -13.48
C LYS D 225 -40.15 -19.51 -12.31
N GLY D 226 -38.87 -19.13 -12.27
CA GLY D 226 -38.01 -19.53 -11.14
C GLY D 226 -38.14 -18.71 -9.86
N VAL D 227 -38.98 -17.67 -9.86
CA VAL D 227 -39.16 -16.89 -8.63
C VAL D 227 -40.41 -17.41 -7.90
N GLY D 228 -40.22 -18.05 -6.74
CA GLY D 228 -41.35 -18.53 -5.95
C GLY D 228 -42.42 -17.47 -5.70
N GLY D 229 -43.69 -17.88 -5.84
CA GLY D 229 -44.83 -16.98 -5.55
C GLY D 229 -44.93 -15.74 -6.42
N PHE D 230 -44.40 -15.82 -7.62
CA PHE D 230 -44.50 -14.74 -8.60
C PHE D 230 -45.90 -14.10 -8.74
N ASN D 231 -46.95 -14.92 -8.80
CA ASN D 231 -48.28 -14.43 -9.06
C ASN D 231 -48.79 -13.57 -7.90
N THR D 232 -48.29 -13.90 -6.71
CA THR D 232 -48.50 -13.09 -5.52
C THR D 232 -47.79 -11.74 -5.65
N ILE D 233 -46.64 -11.69 -6.31
CA ILE D 233 -45.94 -10.42 -6.50
C ILE D 233 -46.72 -9.54 -7.51
N LEU D 234 -47.28 -10.19 -8.54
CA LEU D 234 -48.15 -9.50 -9.52
C LEU D 234 -49.32 -8.84 -8.80
N LYS D 235 -49.99 -9.62 -7.99
CA LYS D 235 -51.22 -9.18 -7.40
C LYS D 235 -50.93 -8.02 -6.46
N GLU D 236 -49.80 -8.07 -5.76
CA GLU D 236 -49.54 -7.01 -4.82
C GLU D 236 -49.30 -5.67 -5.51
N ILE D 237 -48.81 -5.66 -6.75
CA ILE D 237 -48.65 -4.45 -7.50
C ILE D 237 -50.03 -3.93 -7.89
N GLU D 238 -50.90 -4.82 -8.39
CA GLU D 238 -52.25 -4.41 -8.74
C GLU D 238 -52.87 -3.70 -7.58
N GLU D 239 -52.65 -4.25 -6.39
CA GLU D 239 -53.35 -3.75 -5.23
C GLU D 239 -52.72 -2.50 -4.63
N ARG D 240 -51.40 -2.40 -4.63
CA ARG D 240 -50.77 -1.37 -3.80
CA ARG D 240 -50.73 -1.39 -3.80
C ARG D 240 -49.99 -0.30 -4.56
N ALA D 241 -49.56 -0.58 -5.80
CA ALA D 241 -48.75 0.42 -6.52
C ALA D 241 -49.68 1.60 -6.90
N PRO D 242 -49.14 2.84 -6.88
CA PRO D 242 -49.92 4.00 -7.32
C PRO D 242 -50.75 3.81 -8.60
N LEU D 243 -50.24 3.13 -9.63
CA LEU D 243 -51.01 3.02 -10.87
C LEU D 243 -51.97 1.84 -10.79
N LYS D 244 -51.86 1.04 -9.73
CA LYS D 244 -52.77 -0.09 -9.51
C LYS D 244 -52.83 -0.97 -10.73
N ARG D 245 -51.72 -1.19 -11.42
CA ARG D 245 -51.68 -2.21 -12.49
C ARG D 245 -50.24 -2.62 -12.62
N ASN D 246 -49.99 -3.62 -13.45
CA ASN D 246 -48.62 -4.08 -13.67
C ASN D 246 -48.07 -3.38 -14.89
N VAL D 247 -46.76 -3.44 -15.10
CA VAL D 247 -46.17 -2.89 -16.31
C VAL D 247 -45.95 -4.02 -17.34
N ASP D 248 -45.54 -3.67 -18.55
CA ASP D 248 -45.17 -4.69 -19.53
C ASP D 248 -43.85 -4.38 -20.22
N GLN D 249 -43.44 -5.30 -21.08
CA GLN D 249 -42.09 -5.26 -21.66
C GLN D 249 -41.94 -4.00 -22.51
N VAL D 250 -43.02 -3.58 -23.15
CA VAL D 250 -42.99 -2.38 -24.01
C VAL D 250 -42.77 -1.11 -23.16
N GLU D 251 -43.36 -1.08 -21.97
CA GLU D 251 -43.13 0.08 -21.12
C GLU D 251 -41.67 0.16 -20.67
N VAL D 252 -41.03 -0.98 -20.45
CA VAL D 252 -39.58 -0.95 -20.17
C VAL D 252 -38.80 -0.42 -21.39
N GLY D 253 -39.17 -0.94 -22.55
CA GLY D 253 -38.65 -0.45 -23.82
C GLY D 253 -38.73 1.04 -24.10
N LYS D 254 -39.84 1.68 -23.73
CA LYS D 254 -40.01 3.13 -23.90
C LYS D 254 -39.07 3.95 -23.03
N THR D 255 -38.89 3.57 -21.77
CA THR D 255 -37.81 4.12 -20.94
C THR D 255 -36.39 3.73 -21.40
N ALA D 256 -36.20 2.54 -21.95
CA ALA D 256 -34.96 2.22 -22.61
C ALA D 256 -34.67 3.20 -23.76
N ALA D 257 -35.63 3.45 -24.64
CA ALA D 257 -35.45 4.42 -25.73
C ALA D 257 -35.01 5.78 -25.21
N TYR D 258 -35.69 6.26 -24.16
CA TYR D 258 -35.20 7.50 -23.51
C TYR D 258 -33.72 7.37 -23.05
N LEU D 259 -33.40 6.32 -22.30
CA LEU D 259 -32.08 6.23 -21.67
C LEU D 259 -30.99 6.05 -22.73
N LEU D 260 -31.35 5.45 -23.86
CA LEU D 260 -30.39 5.13 -24.92
C LEU D 260 -30.20 6.31 -25.89
N SER D 261 -31.10 7.27 -25.82
CA SER D 261 -31.05 8.35 -26.79
C SER D 261 -30.54 9.62 -26.12
N ASP D 262 -30.55 10.66 -26.93
CA ASP D 262 -30.08 11.97 -26.50
C ASP D 262 -31.08 12.71 -25.62
N LEU D 263 -32.32 12.25 -25.51
CA LEU D 263 -33.25 12.87 -24.56
C LEU D 263 -32.72 12.80 -23.13
N SER D 264 -31.88 11.80 -22.86
CA SER D 264 -31.34 11.63 -21.51
C SER D 264 -29.89 12.09 -21.33
N SER D 265 -29.43 13.05 -22.15
N SER D 265 -29.44 13.08 -22.12
CA SER D 265 -28.13 13.63 -21.89
CA SER D 265 -28.00 13.41 -22.21
C SER D 265 -28.18 14.32 -20.54
C SER D 265 -27.36 13.83 -20.90
N GLY D 266 -27.11 14.20 -19.77
N GLY D 266 -28.17 14.32 -19.96
CA GLY D 266 -27.09 14.70 -18.39
CA GLY D 266 -27.71 14.82 -18.66
C GLY D 266 -27.59 13.69 -17.38
C GLY D 266 -27.60 13.76 -17.57
N VAL D 267 -28.20 12.61 -17.85
CA VAL D 267 -28.54 11.56 -16.90
C VAL D 267 -27.58 10.39 -16.99
N THR D 268 -26.97 10.09 -15.87
CA THR D 268 -26.07 8.93 -15.73
C THR D 268 -25.94 8.50 -14.25
N GLY D 269 -25.64 7.23 -14.02
CA GLY D 269 -25.64 6.64 -12.68
C GLY D 269 -27.01 6.54 -12.04
N GLU D 270 -28.06 6.52 -12.88
CA GLU D 270 -29.46 6.63 -12.44
C GLU D 270 -30.17 5.27 -12.60
N ASN D 271 -31.17 5.08 -11.75
CA ASN D 271 -31.97 3.86 -11.67
C ASN D 271 -33.41 4.36 -11.95
N ILE D 272 -33.94 4.23 -13.16
CA ILE D 272 -35.36 4.62 -13.32
C ILE D 272 -36.28 3.44 -13.05
N HIS D 273 -37.25 3.62 -12.15
CA HIS D 273 -38.13 2.51 -11.77
C HIS D 273 -39.31 2.51 -12.72
N VAL D 274 -39.44 1.46 -13.52
CA VAL D 274 -40.58 1.32 -14.40
C VAL D 274 -41.49 0.24 -13.80
N ASP D 275 -42.30 0.66 -12.83
CA ASP D 275 -42.92 -0.29 -11.91
C ASP D 275 -44.23 0.21 -11.33
N SER D 276 -44.91 1.10 -12.05
CA SER D 276 -46.16 1.68 -11.61
C SER D 276 -46.11 2.45 -10.31
N GLY D 277 -44.92 2.92 -9.92
CA GLY D 277 -44.74 3.68 -8.67
C GLY D 277 -44.50 2.85 -7.41
N PHE D 278 -44.39 1.52 -7.51
CA PHE D 278 -44.27 0.65 -6.32
C PHE D 278 -43.06 0.93 -5.41
N HIS D 279 -41.95 1.28 -6.03
CA HIS D 279 -40.76 1.75 -5.29
C HIS D 279 -41.04 2.95 -4.37
N ALA D 280 -42.07 3.77 -4.66
CA ALA D 280 -42.21 4.99 -3.84
C ALA D 280 -43.14 4.79 -2.64
N ILE D 281 -43.81 3.64 -2.57
CA ILE D 281 -44.70 3.40 -1.49
C ILE D 281 -44.17 2.37 -0.48
N LYS D 282 -44.67 2.40 0.76
CA LYS D 282 -44.42 1.29 1.69
C LYS D 282 -45.67 0.96 2.51
N ASN E 29 35.41 -11.74 32.09
CA ASN E 29 34.80 -12.48 33.25
C ASN E 29 33.28 -12.50 33.20
N LEU E 30 32.70 -13.70 33.13
CA LEU E 30 31.28 -13.87 32.87
C LEU E 30 30.54 -14.53 34.03
N GLU E 31 31.07 -14.39 35.25
CA GLU E 31 30.33 -14.82 36.44
C GLU E 31 29.05 -14.00 36.59
N ASN E 32 27.97 -14.64 37.02
CA ASN E 32 26.67 -13.96 37.12
C ASN E 32 26.09 -13.56 35.75
N LYS E 33 26.58 -14.20 34.70
CA LYS E 33 25.91 -14.18 33.39
C LYS E 33 25.32 -15.54 33.07
N THR E 34 24.24 -15.53 32.31
CA THR E 34 23.56 -16.75 31.89
C THR E 34 23.37 -16.72 30.37
N TYR E 35 23.79 -17.78 29.69
CA TYR E 35 23.69 -17.83 28.23
C TYR E 35 23.01 -19.13 27.85
N VAL E 36 22.17 -19.03 26.83
CA VAL E 36 21.51 -20.20 26.23
C VAL E 36 22.31 -20.55 24.97
N ILE E 37 22.73 -21.81 24.88
CA ILE E 37 23.52 -22.35 23.77
C ILE E 37 22.69 -23.39 23.04
N MET E 38 22.37 -23.17 21.78
CA MET E 38 21.51 -24.07 21.01
C MET E 38 22.37 -24.77 19.97
N GLY E 39 22.24 -26.09 19.89
CA GLY E 39 22.81 -26.89 18.81
C GLY E 39 24.07 -27.67 19.14
N ILE E 40 24.27 -28.10 20.38
CA ILE E 40 25.27 -29.14 20.62
C ILE E 40 24.69 -30.52 20.28
N ALA E 41 25.46 -31.32 19.56
CA ALA E 41 25.08 -32.71 19.23
C ALA E 41 26.11 -33.70 19.79
N ASN E 42 27.38 -33.31 19.81
CA ASN E 42 28.41 -34.14 20.43
C ASN E 42 29.62 -33.29 20.78
N LYS E 43 30.68 -33.96 21.24
CA LYS E 43 31.88 -33.25 21.71
C LYS E 43 32.53 -32.43 20.59
N ARG E 44 32.19 -32.72 19.33
CA ARG E 44 32.81 -32.02 18.20
CA ARG E 44 32.86 -31.98 18.27
C ARG E 44 32.04 -30.77 17.82
N SER E 45 30.80 -30.65 18.30
CA SER E 45 29.97 -29.53 17.84
C SER E 45 30.65 -28.19 18.09
N ILE E 46 30.50 -27.25 17.15
CA ILE E 46 31.02 -25.88 17.40
C ILE E 46 30.47 -25.32 18.73
N ALA E 47 29.18 -25.51 18.99
CA ALA E 47 28.57 -24.99 20.20
C ALA E 47 29.20 -25.52 21.49
N PHE E 48 29.78 -26.72 21.48
CA PHE E 48 30.46 -27.23 22.66
C PHE E 48 31.82 -26.55 22.88
N GLY E 49 32.39 -25.98 21.82
CA GLY E 49 33.62 -25.20 21.96
C GLY E 49 33.27 -23.88 22.63
N VAL E 50 32.16 -23.29 22.20
CA VAL E 50 31.61 -22.13 22.86
C VAL E 50 31.31 -22.49 24.31
N ALA E 51 30.64 -23.62 24.55
CA ALA E 51 30.31 -23.90 25.94
C ALA E 51 31.54 -23.99 26.87
N LYS E 52 32.55 -24.74 26.43
CA LYS E 52 33.78 -24.86 27.22
C LYS E 52 34.36 -23.50 27.57
N VAL E 53 34.38 -22.59 26.60
CA VAL E 53 34.89 -21.25 26.86
C VAL E 53 34.05 -20.48 27.89
N LEU E 54 32.74 -20.47 27.71
CA LEU E 54 31.86 -19.66 28.53
C LEU E 54 31.84 -20.29 29.93
N ASP E 55 32.02 -21.61 29.95
CA ASP E 55 32.06 -22.33 31.20
C ASP E 55 33.38 -22.02 31.91
N GLN E 56 34.50 -22.04 31.18
CA GLN E 56 35.77 -21.69 31.81
C GLN E 56 35.76 -20.24 32.31
N LEU E 57 34.97 -19.38 31.68
CA LEU E 57 34.90 -17.98 32.07
C LEU E 57 33.92 -17.67 33.22
N GLY E 58 33.23 -18.70 33.72
CA GLY E 58 32.34 -18.51 34.88
C GLY E 58 30.85 -18.39 34.61
N ALA E 59 30.41 -18.40 33.34
CA ALA E 59 28.99 -18.22 33.01
C ALA E 59 28.12 -19.42 33.45
N LYS E 60 26.88 -19.15 33.84
CA LYS E 60 25.84 -20.19 33.92
C LYS E 60 25.31 -20.52 32.50
N LEU E 61 25.17 -21.80 32.17
CA LEU E 61 24.75 -22.19 30.82
C LEU E 61 23.52 -23.07 30.78
N VAL E 62 22.72 -22.81 29.76
CA VAL E 62 21.47 -23.53 29.53
C VAL E 62 21.61 -24.05 28.12
N PHE E 63 21.21 -25.31 27.90
CA PHE E 63 21.45 -25.97 26.63
C PHE E 63 20.12 -26.37 26.04
N THR E 64 19.93 -26.16 24.74
CA THR E 64 18.81 -26.76 24.05
C THR E 64 19.26 -27.71 22.96
N TYR E 65 18.43 -28.70 22.62
CA TYR E 65 18.78 -29.77 21.68
C TYR E 65 17.53 -30.20 20.93
N ARG E 66 17.69 -30.95 19.85
CA ARG E 66 16.52 -31.48 19.15
C ARG E 66 16.31 -32.97 19.44
N LYS E 67 17.34 -33.77 19.19
CA LYS E 67 17.18 -35.22 19.26
C LYS E 67 17.47 -35.72 20.67
N GLU E 68 16.70 -36.69 21.12
CA GLU E 68 17.04 -37.48 22.30
CA GLU E 68 17.06 -37.39 22.35
C GLU E 68 18.55 -37.76 22.35
N ARG E 69 19.13 -38.04 21.19
CA ARG E 69 20.49 -38.59 21.19
C ARG E 69 21.45 -37.49 21.62
N SER E 70 21.06 -36.26 21.30
CA SER E 70 21.83 -35.06 21.62
C SER E 70 21.72 -34.66 23.08
N ARG E 71 20.54 -34.90 23.67
CA ARG E 71 20.38 -34.71 25.11
C ARG E 71 21.26 -35.70 25.90
N LYS E 72 21.38 -36.94 25.44
CA LYS E 72 22.30 -37.90 26.05
C LYS E 72 23.78 -37.51 25.92
N GLU E 73 24.17 -36.98 24.76
CA GLU E 73 25.52 -36.44 24.64
C GLU E 73 25.75 -35.29 25.60
N LEU E 74 24.79 -34.38 25.68
CA LEU E 74 24.88 -33.23 26.56
C LEU E 74 25.09 -33.70 27.98
N GLU E 75 24.25 -34.63 28.42
CA GLU E 75 24.38 -35.11 29.79
C GLU E 75 25.78 -35.63 30.10
N LYS E 76 26.38 -36.34 29.15
CA LYS E 76 27.75 -36.81 29.24
C LYS E 76 28.76 -35.65 29.18
N LEU E 77 28.57 -34.71 28.25
CA LEU E 77 29.54 -33.62 28.11
C LEU E 77 29.55 -32.70 29.31
N LEU E 78 28.40 -32.55 29.98
CA LEU E 78 28.30 -31.75 31.21
C LEU E 78 29.21 -32.20 32.35
N GLU E 79 29.65 -33.46 32.36
CA GLU E 79 30.61 -33.87 33.40
C GLU E 79 31.99 -33.24 33.24
N GLN E 80 32.34 -32.85 32.01
CA GLN E 80 33.57 -32.15 31.70
C GLN E 80 33.51 -30.67 32.04
N LEU E 81 32.33 -30.14 32.32
CA LEU E 81 32.19 -28.71 32.57
C LEU E 81 32.09 -28.42 34.08
N ASN E 82 32.17 -27.14 34.43
CA ASN E 82 31.99 -26.75 35.81
C ASN E 82 30.55 -26.48 36.18
N GLN E 83 29.58 -26.72 35.29
CA GLN E 83 28.20 -26.36 35.64
C GLN E 83 27.71 -27.23 36.80
N PRO E 84 27.25 -26.64 37.92
CA PRO E 84 26.76 -27.51 38.98
C PRO E 84 25.38 -28.11 38.68
N GLU E 85 24.50 -27.34 38.05
CA GLU E 85 23.21 -27.86 37.59
C GLU E 85 23.21 -28.10 36.09
N ALA E 86 22.51 -29.13 35.64
CA ALA E 86 22.17 -29.37 34.24
C ALA E 86 20.85 -28.71 33.83
N HIS E 87 20.90 -27.70 32.96
CA HIS E 87 19.67 -27.09 32.44
C HIS E 87 19.52 -27.40 30.95
N LEU E 88 18.77 -28.46 30.62
CA LEU E 88 18.65 -28.98 29.26
C LEU E 88 17.22 -28.89 28.75
N TYR E 89 17.00 -28.37 27.54
CA TYR E 89 15.63 -28.24 27.03
C TYR E 89 15.56 -28.73 25.59
N GLN E 90 14.51 -29.47 25.26
CA GLN E 90 14.27 -29.88 23.90
C GLN E 90 13.59 -28.74 23.15
N ILE E 91 14.28 -28.13 22.21
CA ILE E 91 13.63 -27.19 21.31
C ILE E 91 13.98 -27.57 19.88
N ASP E 92 12.99 -28.09 19.16
CA ASP E 92 13.04 -28.17 17.68
C ASP E 92 12.62 -26.85 17.00
N VAL E 93 13.58 -26.15 16.42
CA VAL E 93 13.29 -24.78 15.96
C VAL E 93 12.32 -24.72 14.77
N GLN E 94 11.83 -25.88 14.30
CA GLN E 94 10.80 -25.92 13.29
C GLN E 94 9.43 -25.69 13.91
N SER E 95 9.40 -25.72 15.23
CA SER E 95 8.15 -25.57 15.95
C SER E 95 8.12 -24.27 16.72
N ASP E 96 7.19 -23.38 16.37
CA ASP E 96 7.03 -22.15 17.15
C ASP E 96 6.70 -22.46 18.61
N GLU E 97 5.73 -23.36 18.83
CA GLU E 97 5.36 -23.77 20.20
C GLU E 97 6.56 -24.24 21.02
N GLU E 98 7.46 -25.00 20.42
CA GLU E 98 8.63 -25.47 21.16
C GLU E 98 9.59 -24.31 21.51
N VAL E 99 9.75 -23.35 20.60
CA VAL E 99 10.63 -22.20 20.84
C VAL E 99 10.01 -21.30 21.93
N ILE E 100 8.73 -21.00 21.77
CA ILE E 100 8.00 -20.15 22.70
C ILE E 100 7.96 -20.75 24.11
N ASN E 101 7.64 -22.03 24.24
CA ASN E 101 7.49 -22.67 25.54
C ASN E 101 8.84 -23.03 26.12
N GLY E 102 9.78 -23.32 25.22
CA GLY E 102 11.18 -23.55 25.56
C GLY E 102 11.78 -22.38 26.30
N PHE E 103 11.70 -21.19 25.71
CA PHE E 103 12.30 -20.03 26.36
C PHE E 103 11.50 -19.61 27.60
N GLU E 104 10.20 -19.84 27.60
CA GLU E 104 9.39 -19.45 28.74
C GLU E 104 9.74 -20.32 29.95
N GLN E 105 9.87 -21.63 29.73
CA GLN E 105 10.38 -22.53 30.76
C GLN E 105 11.73 -22.05 31.25
N ILE E 106 12.57 -21.62 30.30
CA ILE E 106 13.92 -21.15 30.63
C ILE E 106 13.85 -19.97 31.59
N GLY E 107 12.99 -19.00 31.28
CA GLY E 107 12.74 -17.87 32.17
C GLY E 107 12.27 -18.34 33.55
N LYS E 108 11.35 -19.29 33.60
CA LYS E 108 10.86 -19.75 34.89
C LYS E 108 11.96 -20.43 35.68
N ASP E 109 12.86 -21.13 34.99
CA ASP E 109 13.82 -21.99 35.68
C ASP E 109 15.08 -21.25 36.15
N VAL E 110 15.61 -20.33 35.34
CA VAL E 110 16.92 -19.72 35.60
C VAL E 110 16.82 -18.19 35.63
N GLY E 111 15.70 -17.65 35.18
CA GLY E 111 15.52 -16.19 35.22
C GLY E 111 15.90 -15.51 33.93
N ASN E 112 16.19 -14.21 34.03
CA ASN E 112 16.66 -13.43 32.90
C ASN E 112 18.02 -13.93 32.40
N ILE E 113 18.22 -13.82 31.09
CA ILE E 113 19.49 -14.21 30.47
C ILE E 113 20.26 -13.04 29.89
N ASP E 114 21.52 -13.27 29.57
CA ASP E 114 22.35 -12.26 28.92
C ASP E 114 22.59 -12.44 27.42
N GLY E 115 22.31 -13.63 26.88
CA GLY E 115 22.47 -13.82 25.44
C GLY E 115 22.19 -15.24 24.99
N VAL E 116 22.28 -15.45 23.68
CA VAL E 116 22.02 -16.76 23.06
C VAL E 116 23.07 -17.02 22.01
N TYR E 117 23.72 -18.17 22.10
CA TYR E 117 24.57 -18.63 21.00
C TYR E 117 23.74 -19.60 20.13
N HIS E 118 23.47 -19.21 18.88
CA HIS E 118 22.68 -20.05 17.97
C HIS E 118 23.63 -20.80 17.02
N SER E 119 23.47 -22.10 16.89
CA SER E 119 24.48 -22.93 16.21
C SER E 119 23.79 -24.07 15.46
N ILE E 120 22.78 -23.70 14.67
CA ILE E 120 21.80 -24.67 14.15
C ILE E 120 21.66 -24.44 12.66
N ALA E 121 21.82 -25.51 11.90
CA ALA E 121 21.51 -25.47 10.48
C ALA E 121 21.15 -26.87 10.04
N PHE E 122 20.43 -26.94 8.94
CA PHE E 122 20.16 -28.21 8.32
C PHE E 122 19.79 -28.00 6.85
N ALA E 123 20.19 -28.91 5.96
CA ALA E 123 19.63 -29.04 4.60
C ALA E 123 19.61 -30.55 4.24
N ASN E 124 18.74 -30.98 3.33
CA ASN E 124 18.80 -32.37 2.84
C ASN E 124 20.07 -32.66 2.07
N MET E 125 20.73 -33.77 2.43
N MET E 125 20.72 -33.77 2.40
CA MET E 125 22.06 -34.13 1.93
CA MET E 125 21.74 -34.37 1.56
C MET E 125 22.24 -33.81 0.44
C MET E 125 21.34 -34.40 0.09
N GLU E 126 21.32 -34.30 -0.39
N GLU E 126 20.11 -34.82 -0.18
CA GLU E 126 21.50 -34.22 -1.83
CA GLU E 126 19.61 -34.98 -1.54
C GLU E 126 21.37 -32.80 -2.39
C GLU E 126 19.69 -33.68 -2.34
N ASP E 127 21.54 -31.81 -1.51
N ASP E 127 19.48 -32.56 -1.65
CA ASP E 127 21.66 -30.41 -1.93
CA ASP E 127 19.63 -31.25 -2.27
C ASP E 127 23.06 -29.88 -1.63
C ASP E 127 21.11 -30.82 -2.30
N LEU E 128 24.10 -30.64 -1.97
N LEU E 128 21.80 -30.92 -1.17
CA LEU E 128 25.42 -30.38 -1.43
CA LEU E 128 23.23 -30.56 -1.10
C LEU E 128 26.56 -31.06 -2.20
C LEU E 128 24.10 -31.27 -2.14
N ARG E 129 26.43 -31.11 -3.53
N ARG E 129 23.90 -32.58 -2.27
CA ARG E 129 27.27 -31.98 -4.33
CA ARG E 129 24.75 -33.40 -3.13
C ARG E 129 26.60 -32.14 -5.68
C ARG E 129 24.25 -33.48 -4.56
N GLY E 130 27.33 -31.84 -6.75
N GLY E 130 23.47 -32.50 -5.00
CA GLY E 130 26.71 -31.64 -8.05
CA GLY E 130 23.08 -32.38 -6.42
C GLY E 130 26.19 -30.22 -8.13
C GLY E 130 23.40 -30.96 -6.85
N ARG E 131 24.87 -30.07 -8.03
N ARG E 131 23.22 -30.66 -8.14
CA ARG E 131 24.15 -29.03 -8.76
CA ARG E 131 23.48 -29.33 -8.73
C ARG E 131 22.97 -28.36 -8.05
C ARG E 131 22.60 -28.28 -8.07
N PHE E 132 23.10 -27.05 -7.90
CA PHE E 132 22.21 -26.12 -7.21
C PHE E 132 20.91 -25.84 -8.00
N SER E 133 21.02 -25.73 -9.31
CA SER E 133 19.84 -25.43 -10.13
C SER E 133 18.75 -26.49 -9.96
N GLU E 134 19.11 -27.64 -9.41
CA GLU E 134 18.21 -28.79 -9.27
C GLU E 134 17.55 -28.87 -7.89
N THR E 135 17.99 -28.01 -6.98
CA THR E 135 17.36 -27.88 -5.65
C THR E 135 15.82 -27.90 -5.65
N SER E 136 15.21 -28.78 -4.83
CA SER E 136 13.76 -28.90 -4.69
C SER E 136 13.24 -27.70 -3.92
N ARG E 137 11.99 -27.33 -4.15
CA ARG E 137 11.35 -26.23 -3.45
C ARG E 137 11.31 -26.56 -1.95
N GLU E 138 10.93 -27.79 -1.59
CA GLU E 138 10.80 -28.14 -0.17
C GLU E 138 12.14 -28.16 0.57
N GLY E 139 13.20 -28.61 -0.11
CA GLY E 139 14.55 -28.55 0.47
C GLY E 139 15.08 -27.13 0.63
N PHE E 140 14.74 -26.25 -0.32
CA PHE E 140 15.23 -24.90 -0.22
C PHE E 140 14.58 -24.24 1.04
N LEU E 141 13.27 -24.47 1.20
CA LEU E 141 12.53 -23.77 2.22
C LEU E 141 12.80 -24.39 3.58
N LEU E 142 12.95 -25.72 3.63
CA LEU E 142 13.45 -26.43 4.80
C LEU E 142 14.75 -25.82 5.31
N ALA E 143 15.67 -25.49 4.39
CA ALA E 143 16.98 -24.98 4.79
C ALA E 143 16.88 -23.54 5.29
N GLN E 144 15.98 -22.76 4.70
CA GLN E 144 15.71 -21.41 5.18
C GLN E 144 15.12 -21.43 6.57
N ASP E 145 14.17 -22.33 6.77
CA ASP E 145 13.42 -22.44 8.01
C ASP E 145 14.30 -22.76 9.22
N ILE E 146 15.05 -23.86 9.13
CA ILE E 146 15.88 -24.27 10.23
C ILE E 146 17.09 -23.35 10.40
N SER E 147 17.69 -22.94 9.27
CA SER E 147 19.03 -22.35 9.25
C SER E 147 18.98 -20.82 9.25
N SER E 148 17.83 -20.23 8.91
CA SER E 148 17.69 -18.77 8.96
C SER E 148 16.53 -18.29 9.82
N TYR E 149 15.30 -18.67 9.47
CA TYR E 149 14.13 -18.22 10.20
C TYR E 149 14.25 -18.57 11.67
N SER E 150 14.87 -19.71 12.00
CA SER E 150 15.02 -20.08 13.40
C SER E 150 15.61 -18.93 14.23
N LEU E 151 16.45 -18.09 13.65
CA LEU E 151 17.10 -17.06 14.45
C LEU E 151 16.12 -15.94 14.83
N THR E 152 15.20 -15.63 13.92
CA THR E 152 14.21 -14.57 14.11
C THR E 152 13.28 -14.89 15.29
N ILE E 153 12.72 -16.11 15.29
CA ILE E 153 11.79 -16.51 16.33
C ILE E 153 12.55 -16.70 17.64
N VAL E 154 13.77 -17.24 17.58
CA VAL E 154 14.57 -17.34 18.80
C VAL E 154 14.82 -15.95 19.43
N ALA E 155 15.10 -14.94 18.61
CA ALA E 155 15.39 -13.58 19.09
C ALA E 155 14.15 -12.96 19.74
N HIS E 156 13.02 -13.17 19.09
CA HIS E 156 11.77 -12.69 19.61
C HIS E 156 11.48 -13.31 20.97
N GLU E 157 11.77 -14.61 21.14
CA GLU E 157 11.46 -15.25 22.42
C GLU E 157 12.53 -14.99 23.49
N ALA E 158 13.81 -15.05 23.13
CA ALA E 158 14.89 -14.66 24.04
C ALA E 158 14.84 -13.19 24.52
N LYS E 159 14.40 -12.27 23.66
CA LYS E 159 14.19 -10.89 24.03
C LYS E 159 13.32 -10.67 25.26
N LYS E 160 12.29 -11.51 25.42
CA LYS E 160 11.45 -11.46 26.62
C LYS E 160 12.27 -11.66 27.89
N LEU E 161 13.44 -12.28 27.81
CA LEU E 161 14.24 -12.58 29.00
C LEU E 161 15.47 -11.68 29.08
N MET E 162 15.49 -10.65 28.24
CA MET E 162 16.59 -9.68 28.23
C MET E 162 16.09 -8.25 28.39
N PRO E 163 15.34 -7.99 29.47
CA PRO E 163 14.74 -6.65 29.65
C PRO E 163 15.75 -5.50 29.68
N GLU E 164 16.96 -5.79 30.16
CA GLU E 164 18.05 -4.81 30.21
C GLU E 164 18.99 -4.89 29.03
N GLY E 165 18.67 -5.73 28.05
CA GLY E 165 19.57 -5.89 26.92
C GLY E 165 20.37 -7.17 27.02
N GLY E 166 21.15 -7.42 25.98
CA GLY E 166 21.93 -8.64 25.85
C GLY E 166 22.50 -8.82 24.46
N SER E 167 22.91 -10.05 24.20
CA SER E 167 23.69 -10.35 23.01
C SER E 167 23.31 -11.70 22.39
N ILE E 168 23.10 -11.68 21.08
CA ILE E 168 22.76 -12.86 20.35
C ILE E 168 23.73 -13.13 19.20
N VAL E 169 24.23 -14.36 19.15
CA VAL E 169 25.21 -14.69 18.14
C VAL E 169 24.77 -15.93 17.35
N ALA E 170 24.99 -15.85 16.04
CA ALA E 170 24.69 -16.97 15.12
C ALA E 170 25.94 -17.42 14.34
N THR E 171 25.93 -18.67 13.89
CA THR E 171 27.08 -19.28 13.25
C THR E 171 26.86 -19.35 11.76
N THR E 172 27.75 -18.67 11.02
CA THR E 172 27.65 -18.64 9.57
C THR E 172 28.92 -19.19 8.89
N TYR E 173 28.89 -19.25 7.56
CA TYR E 173 30.00 -19.72 6.78
C TYR E 173 30.20 -18.79 5.58
N LEU E 174 31.45 -18.60 5.17
CA LEU E 174 31.81 -17.86 3.96
C LEU E 174 30.96 -18.11 2.71
N GLY E 175 30.38 -19.31 2.57
CA GLY E 175 29.56 -19.62 1.42
C GLY E 175 28.22 -18.92 1.42
N GLY E 176 27.92 -18.18 2.50
CA GLY E 176 26.85 -17.18 2.47
C GLY E 176 27.25 -15.83 1.92
N GLU E 177 28.55 -15.61 1.70
CA GLU E 177 29.02 -14.40 1.01
C GLU E 177 29.50 -14.61 -0.42
N PHE E 178 29.77 -15.85 -0.80
CA PHE E 178 30.32 -16.23 -2.09
C PHE E 178 29.84 -17.59 -2.41
N ALA E 179 29.85 -17.95 -3.68
CA ALA E 179 29.42 -19.27 -4.07
C ALA E 179 30.62 -20.21 -3.96
N VAL E 180 30.49 -21.25 -3.14
CA VAL E 180 31.54 -22.20 -2.78
C VAL E 180 31.02 -23.55 -3.26
N GLN E 181 31.82 -24.30 -4.01
CA GLN E 181 31.36 -25.55 -4.60
C GLN E 181 30.82 -26.47 -3.50
N ASN E 182 29.67 -27.08 -3.80
CA ASN E 182 29.11 -28.09 -2.92
C ASN E 182 28.38 -27.54 -1.71
N TYR E 183 28.53 -26.25 -1.43
CA TYR E 183 27.73 -25.66 -0.34
C TYR E 183 26.26 -25.36 -0.74
N ASN E 184 26.02 -25.03 -2.00
CA ASN E 184 24.68 -25.12 -2.62
C ASN E 184 23.56 -24.45 -1.84
N VAL E 185 22.46 -25.16 -1.58
CA VAL E 185 21.31 -24.57 -0.89
C VAL E 185 21.69 -23.98 0.51
N MET E 186 22.71 -24.54 1.17
CA MET E 186 23.09 -23.98 2.48
C MET E 186 23.74 -22.60 2.32
N GLY E 187 24.46 -22.38 1.22
CA GLY E 187 24.98 -21.03 0.99
C GLY E 187 23.90 -19.97 0.83
N VAL E 188 22.82 -20.31 0.13
CA VAL E 188 21.69 -19.39 0.10
C VAL E 188 21.05 -19.29 1.51
N ALA E 189 21.04 -20.37 2.30
CA ALA E 189 20.47 -20.19 3.62
C ALA E 189 21.33 -19.35 4.56
N LYS E 190 22.66 -19.43 4.44
CA LYS E 190 23.53 -18.54 5.20
C LYS E 190 23.44 -17.09 4.79
N ALA E 191 23.29 -16.81 3.49
CA ALA E 191 23.06 -15.44 2.99
C ALA E 191 21.81 -14.86 3.66
N SER E 192 20.79 -15.69 3.76
CA SER E 192 19.55 -15.34 4.46
C SER E 192 19.82 -15.06 5.97
N LEU E 193 20.61 -15.93 6.60
CA LEU E 193 20.94 -15.80 8.03
C LEU E 193 21.71 -14.49 8.29
N GLU E 194 22.66 -14.21 7.41
CA GLU E 194 23.56 -13.11 7.62
C GLU E 194 22.76 -11.79 7.53
N ALA E 195 21.88 -11.67 6.53
CA ALA E 195 20.89 -10.56 6.49
C ALA E 195 19.94 -10.50 7.71
N ASN E 196 19.38 -11.65 8.08
CA ASN E 196 18.64 -11.83 9.30
C ASN E 196 19.32 -11.13 10.48
N VAL E 197 20.58 -11.47 10.75
CA VAL E 197 21.39 -10.79 11.77
C VAL E 197 21.38 -9.24 11.65
N LYS E 198 21.46 -8.73 10.42
CA LYS E 198 21.53 -7.28 10.21
C LYS E 198 20.17 -6.62 10.48
N TYR E 199 19.08 -7.17 9.91
CA TYR E 199 17.71 -6.68 10.24
C TYR E 199 17.34 -6.78 11.75
N LEU E 200 17.71 -7.87 12.42
CA LEU E 200 17.48 -8.04 13.85
C LEU E 200 18.30 -7.03 14.64
N ALA E 201 19.55 -6.78 14.22
CA ALA E 201 20.42 -5.80 14.87
C ALA E 201 19.81 -4.41 14.87
N LEU E 202 19.17 -4.10 13.76
CA LEU E 202 18.47 -2.85 13.58
C LEU E 202 17.18 -2.80 14.40
N ASP E 203 16.37 -3.86 14.26
CA ASP E 203 15.10 -3.91 15.03
C ASP E 203 15.37 -3.87 16.55
N LEU E 204 16.37 -4.60 17.03
CA LEU E 204 16.47 -4.86 18.47
C LEU E 204 17.44 -3.91 19.17
N GLY E 205 18.23 -3.19 18.38
CA GLY E 205 19.24 -2.23 18.85
C GLY E 205 18.75 -1.25 19.90
N PRO E 206 17.59 -0.62 19.66
CA PRO E 206 17.03 0.26 20.71
C PRO E 206 16.75 -0.46 22.01
N ASP E 207 16.70 -1.79 21.98
CA ASP E 207 16.37 -2.54 23.21
C ASP E 207 17.64 -2.97 23.92
N ASN E 208 18.78 -2.50 23.39
CA ASN E 208 20.13 -2.86 23.86
C ASN E 208 20.44 -4.33 23.66
N ILE E 209 19.81 -4.90 22.63
CA ILE E 209 20.14 -6.25 22.22
C ILE E 209 20.99 -6.17 20.96
N ARG E 210 22.22 -6.67 21.10
CA ARG E 210 23.17 -6.80 20.01
C ARG E 210 23.01 -8.15 19.28
N VAL E 211 23.16 -8.14 17.96
CA VAL E 211 23.01 -9.38 17.18
C VAL E 211 24.14 -9.39 16.19
N ASN E 212 24.96 -10.43 16.27
CA ASN E 212 26.17 -10.57 15.45
C ASN E 212 26.30 -11.99 14.86
N ALA E 213 27.18 -12.18 13.88
CA ALA E 213 27.48 -13.53 13.44
C ALA E 213 28.97 -13.81 13.62
N ILE E 214 29.31 -15.09 13.70
CA ILE E 214 30.69 -15.53 13.46
C ILE E 214 30.69 -16.45 12.25
N SER E 215 31.59 -16.18 11.32
CA SER E 215 31.73 -16.95 10.09
C SER E 215 32.88 -17.87 10.39
N ALA E 216 32.61 -19.12 10.72
CA ALA E 216 33.69 -20.03 11.11
C ALA E 216 34.30 -20.67 9.86
N GLY E 217 35.61 -20.87 9.89
CA GLY E 217 36.25 -21.74 8.92
C GLY E 217 35.73 -23.17 9.03
N PRO E 218 36.12 -24.02 8.06
CA PRO E 218 35.71 -25.43 8.12
C PRO E 218 36.27 -26.20 9.32
N ILE E 219 35.40 -26.91 10.03
CA ILE E 219 35.78 -27.67 11.20
C ILE E 219 35.16 -29.05 11.09
N ARG E 220 35.92 -30.10 11.38
CA ARG E 220 35.37 -31.46 11.46
C ARG E 220 34.28 -31.63 12.52
N THR E 221 33.04 -31.69 12.05
CA THR E 221 31.91 -31.97 12.88
C THR E 221 31.02 -33.02 12.20
N LEU E 222 30.07 -33.53 12.97
CA LEU E 222 29.08 -34.46 12.45
C LEU E 222 28.44 -33.90 11.18
N SER E 223 28.06 -32.63 11.19
CA SER E 223 27.44 -32.00 10.00
C SER E 223 28.38 -31.72 8.81
N ALA E 224 29.67 -31.54 9.05
CA ALA E 224 30.63 -31.43 7.94
C ALA E 224 30.60 -32.59 6.95
N LYS E 225 30.12 -33.76 7.38
CA LYS E 225 29.95 -34.94 6.53
C LYS E 225 28.94 -34.79 5.39
N GLY E 226 28.06 -33.80 5.50
CA GLY E 226 27.08 -33.54 4.46
C GLY E 226 27.63 -32.71 3.32
N VAL E 227 28.74 -32.04 3.52
CA VAL E 227 29.19 -31.12 2.50
C VAL E 227 30.18 -31.89 1.63
N GLY E 228 29.86 -32.19 0.38
CA GLY E 228 30.84 -32.84 -0.49
C GLY E 228 32.19 -32.13 -0.52
N GLY E 229 33.28 -32.90 -0.55
CA GLY E 229 34.60 -32.29 -0.73
C GLY E 229 35.19 -31.58 0.46
N PHE E 230 34.64 -31.82 1.64
CA PHE E 230 35.13 -31.22 2.87
C PHE E 230 36.66 -31.27 3.08
N ASN E 231 37.25 -32.43 2.82
CA ASN E 231 38.69 -32.58 3.03
C ASN E 231 39.48 -31.68 2.08
N THR E 232 39.02 -31.56 0.83
CA THR E 232 39.62 -30.62 -0.09
C THR E 232 39.49 -29.20 0.48
N ILE E 233 38.33 -28.85 1.03
CA ILE E 233 38.11 -27.53 1.69
C ILE E 233 39.08 -27.34 2.87
N LEU E 234 39.31 -28.38 3.65
CA LEU E 234 40.25 -28.31 4.77
C LEU E 234 41.63 -27.98 4.25
N LYS E 235 42.10 -28.75 3.30
CA LYS E 235 43.47 -28.62 2.83
C LYS E 235 43.72 -27.25 2.22
N GLU E 236 42.71 -26.69 1.58
CA GLU E 236 42.91 -25.41 0.90
C GLU E 236 43.12 -24.27 1.89
N ILE E 237 42.48 -24.34 3.05
CA ILE E 237 42.75 -23.44 4.16
C ILE E 237 44.21 -23.54 4.61
N GLU E 238 44.68 -24.74 4.95
CA GLU E 238 46.11 -24.96 5.27
C GLU E 238 47.06 -24.38 4.25
N GLU E 239 46.67 -24.49 2.99
CA GLU E 239 47.54 -24.05 1.91
C GLU E 239 47.47 -22.56 1.67
N ARG E 240 46.27 -21.99 1.72
CA ARG E 240 46.07 -20.65 1.18
CA ARG E 240 46.01 -20.66 1.17
C ARG E 240 45.68 -19.57 2.21
N ALA E 241 45.03 -19.94 3.32
CA ALA E 241 44.68 -18.94 4.36
C ALA E 241 45.94 -18.25 4.92
N PRO E 242 45.94 -16.91 5.16
CA PRO E 242 47.06 -16.28 5.86
C PRO E 242 47.74 -17.05 7.01
N LEU E 243 46.98 -17.71 7.88
CA LEU E 243 47.64 -18.34 9.03
C LEU E 243 48.09 -19.76 8.66
N LYS E 244 47.78 -20.22 7.44
CA LYS E 244 48.23 -21.52 6.96
C LYS E 244 47.90 -22.65 7.96
N ARG E 245 46.79 -22.55 8.70
CA ARG E 245 46.27 -23.66 9.48
C ARG E 245 44.74 -23.52 9.53
N ASN E 246 44.06 -24.55 10.03
CA ASN E 246 42.64 -24.55 10.24
C ASN E 246 42.32 -24.03 11.65
N VAL E 247 41.11 -23.54 11.86
CA VAL E 247 40.71 -23.12 13.20
C VAL E 247 40.00 -24.29 13.90
N ASP E 248 39.71 -24.15 15.19
CA ASP E 248 38.85 -25.14 15.85
C ASP E 248 37.70 -24.53 16.66
N GLN E 249 36.94 -25.39 17.33
CA GLN E 249 35.70 -25.01 17.99
C GLN E 249 35.97 -24.03 19.14
N VAL E 250 37.11 -24.20 19.82
CA VAL E 250 37.48 -23.34 20.92
C VAL E 250 37.85 -21.93 20.43
N GLU E 251 38.47 -21.82 19.26
CA GLU E 251 38.72 -20.51 18.68
C GLU E 251 37.41 -19.80 18.35
N VAL E 252 36.40 -20.55 17.91
CA VAL E 252 35.09 -19.91 17.67
C VAL E 252 34.53 -19.48 19.02
N GLY E 253 34.61 -20.37 20.02
CA GLY E 253 34.10 -20.07 21.35
C GLY E 253 34.75 -18.84 22.00
N LYS E 254 36.04 -18.61 21.79
CA LYS E 254 36.69 -17.39 22.36
C LYS E 254 36.16 -16.10 21.73
N THR E 255 35.95 -16.09 20.42
CA THR E 255 35.25 -14.97 19.76
C THR E 255 33.77 -14.82 20.14
N ALA E 256 33.07 -15.92 20.35
CA ALA E 256 31.77 -15.85 21.01
C ALA E 256 31.80 -15.15 22.38
N ALA E 257 32.78 -15.48 23.21
CA ALA E 257 32.91 -14.84 24.50
C ALA E 257 33.03 -13.34 24.32
N TYR E 258 33.85 -12.92 23.36
CA TYR E 258 33.96 -11.50 23.09
C TYR E 258 32.60 -10.93 22.66
N LEU E 259 31.90 -11.54 21.70
CA LEU E 259 30.61 -10.99 21.19
C LEU E 259 29.46 -11.05 22.19
N LEU E 260 29.51 -12.06 23.06
CA LEU E 260 28.49 -12.25 24.09
C LEU E 260 28.74 -11.41 25.36
N SER E 261 29.91 -10.79 25.47
CA SER E 261 30.25 -9.99 26.64
C SER E 261 30.23 -8.47 26.38
N ASP E 262 30.47 -7.72 27.45
CA ASP E 262 30.61 -6.27 27.35
C ASP E 262 31.87 -5.78 26.59
N LEU E 263 32.88 -6.63 26.38
CA LEU E 263 33.99 -6.25 25.52
C LEU E 263 33.56 -5.79 24.13
N SER E 264 32.39 -6.26 23.67
CA SER E 264 31.95 -5.90 22.33
C SER E 264 30.79 -4.93 22.35
N SER E 265 30.75 -4.07 23.35
CA SER E 265 29.56 -3.26 23.59
C SER E 265 29.18 -2.36 22.41
N GLY E 266 30.14 -1.97 21.59
CA GLY E 266 29.76 -1.08 20.48
C GLY E 266 29.44 -1.77 19.17
N VAL E 267 29.47 -3.10 19.18
CA VAL E 267 29.43 -3.90 17.96
C VAL E 267 28.11 -4.64 17.79
N THR E 268 27.48 -4.42 16.63
CA THR E 268 26.24 -5.07 16.25
C THR E 268 26.06 -5.09 14.72
N GLY E 269 25.37 -6.12 14.23
CA GLY E 269 25.13 -6.33 12.83
C GLY E 269 26.40 -6.73 12.13
N GLU E 270 27.38 -7.19 12.89
CA GLU E 270 28.69 -7.55 12.36
C GLU E 270 28.81 -9.07 12.14
N ASN E 271 29.74 -9.43 11.27
CA ASN E 271 30.06 -10.81 10.92
C ASN E 271 31.57 -10.95 11.18
N ILE E 272 32.00 -11.61 12.25
CA ILE E 272 33.44 -11.84 12.44
C ILE E 272 33.93 -13.20 11.91
N HIS E 273 34.89 -13.14 10.97
CA HIS E 273 35.45 -14.34 10.33
C HIS E 273 36.48 -14.96 11.29
N VAL E 274 36.19 -16.17 11.78
CA VAL E 274 37.15 -16.92 12.58
C VAL E 274 37.59 -18.10 11.72
N ASP E 275 38.43 -17.75 10.75
CA ASP E 275 38.73 -18.62 9.62
C ASP E 275 40.20 -18.53 9.16
N SER E 276 41.11 -18.13 10.06
CA SER E 276 42.54 -17.91 9.76
C SER E 276 42.85 -16.88 8.68
N GLY E 277 41.91 -16.01 8.39
CA GLY E 277 42.14 -14.98 7.38
C GLY E 277 41.65 -15.31 5.97
N PHE E 278 41.07 -16.50 5.75
CA PHE E 278 40.67 -16.98 4.40
C PHE E 278 39.66 -16.06 3.69
N HIS E 279 38.84 -15.39 4.47
CA HIS E 279 37.93 -14.41 3.89
C HIS E 279 38.62 -13.19 3.22
N ALA E 280 39.85 -12.82 3.63
CA ALA E 280 40.47 -11.59 3.11
C ALA E 280 41.32 -11.84 1.85
N ILE E 281 41.47 -13.11 1.48
CA ILE E 281 42.26 -13.42 0.34
C ILE E 281 41.50 -14.00 -0.86
N LYS E 282 42.16 -14.09 -2.01
CA LYS E 282 41.43 -14.54 -3.19
C LYS E 282 42.39 -15.15 -4.19
N ASN F 29 21.84 -4.94 -29.95
CA ASN F 29 21.13 -5.12 -31.25
C ASN F 29 20.57 -6.54 -31.28
N LEU F 30 19.35 -6.70 -30.76
CA LEU F 30 18.88 -8.03 -30.40
C LEU F 30 17.85 -8.53 -31.42
N GLU F 31 18.00 -8.15 -32.68
CA GLU F 31 17.22 -8.76 -33.77
C GLU F 31 17.50 -10.26 -33.79
N ASN F 32 16.45 -11.08 -33.89
CA ASN F 32 16.65 -12.53 -33.87
C ASN F 32 16.92 -13.14 -32.48
N LYS F 33 17.04 -12.29 -31.45
CA LYS F 33 17.01 -12.75 -30.06
C LYS F 33 15.58 -12.89 -29.52
N THR F 34 15.39 -13.78 -28.54
CA THR F 34 14.12 -13.93 -27.81
C THR F 34 14.33 -13.98 -26.30
N TYR F 35 13.54 -13.16 -25.60
CA TYR F 35 13.65 -12.98 -24.17
C TYR F 35 12.29 -13.17 -23.48
N VAL F 36 12.29 -13.98 -22.42
CA VAL F 36 11.11 -14.18 -21.59
C VAL F 36 11.21 -13.17 -20.44
N ILE F 37 10.17 -12.35 -20.29
CA ILE F 37 10.07 -11.33 -19.27
C ILE F 37 8.97 -11.68 -18.28
N MET F 38 9.31 -11.87 -17.00
CA MET F 38 8.37 -12.31 -15.98
C MET F 38 8.08 -11.19 -14.98
N GLY F 39 6.82 -10.86 -14.69
CA GLY F 39 6.54 -9.86 -13.67
C GLY F 39 6.11 -8.48 -14.13
N ILE F 40 5.50 -8.36 -15.31
CA ILE F 40 4.75 -7.14 -15.64
C ILE F 40 3.33 -7.16 -15.11
N ALA F 41 2.98 -6.20 -14.25
CA ALA F 41 1.57 -5.96 -13.86
C ALA F 41 0.87 -4.77 -14.53
N ASN F 42 1.58 -3.66 -14.70
CA ASN F 42 1.00 -2.48 -15.34
C ASN F 42 2.08 -1.66 -16.00
N LYS F 43 1.73 -0.44 -16.41
CA LYS F 43 2.69 0.43 -17.10
C LYS F 43 3.87 0.87 -16.22
N ARG F 44 3.74 0.89 -14.89
CA ARG F 44 4.89 1.33 -14.08
C ARG F 44 5.81 0.20 -13.60
N SER F 45 5.51 -1.04 -13.95
CA SER F 45 6.43 -2.15 -13.66
C SER F 45 7.79 -1.92 -14.30
N ILE F 46 8.83 -2.04 -13.48
CA ILE F 46 10.22 -2.14 -13.86
C ILE F 46 10.36 -3.05 -15.08
N ALA F 47 9.69 -4.21 -15.02
CA ALA F 47 9.76 -5.14 -16.13
C ALA F 47 9.20 -4.57 -17.44
N PHE F 48 8.17 -3.72 -17.41
CA PHE F 48 7.73 -2.98 -18.60
C PHE F 48 8.79 -2.00 -19.15
N GLY F 49 9.59 -1.35 -18.29
CA GLY F 49 10.77 -0.62 -18.76
C GLY F 49 11.79 -1.55 -19.45
N VAL F 50 11.95 -2.77 -18.96
CA VAL F 50 12.83 -3.74 -19.60
C VAL F 50 12.28 -4.09 -20.97
N ALA F 51 10.98 -4.33 -20.99
CA ALA F 51 10.29 -4.61 -22.25
C ALA F 51 10.36 -3.50 -23.34
N LYS F 52 10.08 -2.23 -23.04
CA LYS F 52 10.14 -1.16 -24.08
C LYS F 52 11.55 -1.04 -24.61
N VAL F 53 12.53 -1.19 -23.71
CA VAL F 53 13.95 -1.14 -24.09
C VAL F 53 14.31 -2.26 -25.06
N LEU F 54 14.05 -3.52 -24.71
CA LEU F 54 14.36 -4.66 -25.58
C LEU F 54 13.52 -4.70 -26.83
N ASP F 55 12.29 -4.19 -26.74
CA ASP F 55 11.43 -4.05 -27.90
C ASP F 55 12.02 -3.07 -28.92
N GLN F 56 12.56 -1.94 -28.45
CA GLN F 56 13.16 -0.97 -29.37
C GLN F 56 14.47 -1.50 -29.96
N LEU F 57 15.13 -2.44 -29.26
CA LEU F 57 16.37 -3.04 -29.76
C LEU F 57 16.10 -4.20 -30.71
N GLY F 58 14.83 -4.50 -30.92
CA GLY F 58 14.53 -5.49 -31.95
C GLY F 58 14.31 -6.91 -31.45
N ALA F 59 14.16 -7.08 -30.13
CA ALA F 59 13.98 -8.39 -29.49
C ALA F 59 12.59 -8.99 -29.68
N LYS F 60 12.45 -10.31 -29.82
CA LYS F 60 11.14 -10.91 -29.70
C LYS F 60 10.90 -11.15 -28.22
N LEU F 61 9.75 -10.75 -27.69
CA LEU F 61 9.45 -10.91 -26.26
C LEU F 61 8.26 -11.84 -25.97
N VAL F 62 8.36 -12.54 -24.85
CA VAL F 62 7.38 -13.48 -24.35
C VAL F 62 7.15 -13.07 -22.92
N PHE F 63 5.88 -12.94 -22.53
CA PHE F 63 5.59 -12.35 -21.21
C PHE F 63 4.94 -13.36 -20.30
N THR F 64 5.32 -13.40 -19.02
CA THR F 64 4.59 -14.24 -18.12
C THR F 64 3.90 -13.41 -17.04
N TYR F 65 2.74 -13.89 -16.60
CA TYR F 65 1.98 -13.15 -15.60
C TYR F 65 1.42 -14.12 -14.54
N ARG F 66 1.03 -13.59 -13.38
CA ARG F 66 0.23 -14.36 -12.41
C ARG F 66 -1.28 -14.08 -12.53
N LYS F 67 -1.71 -12.86 -12.21
CA LYS F 67 -3.15 -12.61 -12.09
C LYS F 67 -3.68 -12.34 -13.49
N GLU F 68 -4.95 -12.67 -13.67
CA GLU F 68 -5.66 -12.40 -14.91
C GLU F 68 -5.68 -10.91 -15.23
N ARG F 69 -5.77 -10.09 -14.19
CA ARG F 69 -5.71 -8.64 -14.35
C ARG F 69 -4.40 -8.17 -14.97
N SER F 70 -3.29 -8.84 -14.64
CA SER F 70 -1.98 -8.53 -15.24
C SER F 70 -1.91 -8.89 -16.73
N ARG F 71 -2.50 -10.03 -17.10
CA ARG F 71 -2.61 -10.38 -18.51
C ARG F 71 -3.43 -9.32 -19.27
N LYS F 72 -4.49 -8.81 -18.63
CA LYS F 72 -5.26 -7.75 -19.25
C LYS F 72 -4.40 -6.52 -19.49
N GLU F 73 -3.55 -6.12 -18.54
CA GLU F 73 -2.73 -4.95 -18.78
C GLU F 73 -1.74 -5.24 -19.92
N LEU F 74 -1.23 -6.48 -19.99
CA LEU F 74 -0.18 -6.88 -20.93
C LEU F 74 -0.70 -6.79 -22.35
N GLU F 75 -1.95 -7.18 -22.54
CA GLU F 75 -2.60 -7.04 -23.84
C GLU F 75 -2.76 -5.60 -24.27
N LYS F 76 -3.08 -4.72 -23.33
CA LYS F 76 -3.05 -3.26 -23.56
C LYS F 76 -1.65 -2.70 -23.85
N LEU F 77 -0.70 -2.96 -22.94
CA LEU F 77 0.67 -2.46 -23.09
C LEU F 77 1.36 -2.94 -24.37
N LEU F 78 1.02 -4.13 -24.86
CA LEU F 78 1.52 -4.62 -26.15
C LEU F 78 1.24 -3.70 -27.36
N GLU F 79 0.22 -2.86 -27.28
CA GLU F 79 -0.10 -1.91 -28.36
C GLU F 79 0.93 -0.79 -28.53
N GLN F 80 1.69 -0.52 -27.46
CA GLN F 80 2.80 0.43 -27.49
C GLN F 80 4.09 -0.22 -27.94
N LEU F 81 4.11 -1.55 -28.06
CA LEU F 81 5.33 -2.22 -28.48
C LEU F 81 5.34 -2.50 -29.97
N ASN F 82 6.52 -2.86 -30.49
CA ASN F 82 6.64 -3.27 -31.87
C ASN F 82 6.30 -4.73 -32.04
N GLN F 83 6.01 -5.44 -30.95
CA GLN F 83 5.84 -6.90 -30.98
C GLN F 83 4.68 -7.24 -31.87
N PRO F 84 4.90 -8.02 -32.95
CA PRO F 84 3.80 -8.25 -33.88
C PRO F 84 2.89 -9.40 -33.46
N GLU F 85 3.30 -10.13 -32.42
CA GLU F 85 2.53 -11.22 -31.84
C GLU F 85 2.59 -11.14 -30.31
N ALA F 86 1.44 -11.37 -29.68
CA ALA F 86 1.33 -11.49 -28.22
C ALA F 86 1.71 -12.91 -27.80
N HIS F 87 2.77 -13.06 -27.03
CA HIS F 87 3.09 -14.37 -26.45
C HIS F 87 2.94 -14.26 -24.93
N LEU F 88 1.82 -14.74 -24.38
CA LEU F 88 1.50 -14.54 -22.96
C LEU F 88 1.24 -15.83 -22.20
N TYR F 89 1.94 -16.02 -21.09
CA TYR F 89 1.79 -17.28 -20.37
C TYR F 89 1.55 -17.04 -18.88
N GLN F 90 0.49 -17.66 -18.38
CA GLN F 90 0.22 -17.59 -16.96
C GLN F 90 1.24 -18.46 -16.25
N ILE F 91 2.08 -17.84 -15.43
CA ILE F 91 2.99 -18.62 -14.59
C ILE F 91 3.09 -18.05 -13.18
N ASP F 92 2.39 -18.71 -12.26
CA ASP F 92 2.56 -18.46 -10.83
C ASP F 92 3.76 -19.28 -10.33
N VAL F 93 4.85 -18.58 -10.04
CA VAL F 93 6.07 -19.27 -9.61
C VAL F 93 5.96 -20.03 -8.27
N GLN F 94 4.83 -19.96 -7.59
CA GLN F 94 4.65 -20.87 -6.45
C GLN F 94 4.43 -22.32 -6.88
N SER F 95 4.10 -22.52 -8.15
CA SER F 95 3.74 -23.84 -8.65
C SER F 95 4.83 -24.42 -9.57
N ASP F 96 5.44 -25.52 -9.14
CA ASP F 96 6.43 -26.19 -9.98
C ASP F 96 5.78 -26.49 -11.33
N GLU F 97 4.58 -27.06 -11.30
CA GLU F 97 3.96 -27.53 -12.54
C GLU F 97 3.79 -26.35 -13.51
N GLU F 98 3.39 -25.19 -13.01
CA GLU F 98 3.17 -24.05 -13.88
C GLU F 98 4.45 -23.51 -14.52
N VAL F 99 5.54 -23.51 -13.75
CA VAL F 99 6.85 -23.09 -14.27
C VAL F 99 7.32 -24.12 -15.29
N ILE F 100 7.25 -25.40 -14.92
CA ILE F 100 7.62 -26.49 -15.81
C ILE F 100 6.85 -26.42 -17.13
N ASN F 101 5.51 -26.42 -17.03
CA ASN F 101 4.63 -26.39 -18.19
C ASN F 101 4.73 -25.09 -18.95
N GLY F 102 4.80 -23.97 -18.24
CA GLY F 102 4.88 -22.65 -18.87
C GLY F 102 6.03 -22.57 -19.83
N PHE F 103 7.23 -22.85 -19.33
CA PHE F 103 8.43 -22.86 -20.15
C PHE F 103 8.40 -23.94 -21.25
N GLU F 104 7.95 -25.15 -20.96
CA GLU F 104 7.89 -26.14 -22.06
C GLU F 104 7.00 -25.66 -23.22
N GLN F 105 5.92 -24.94 -22.91
CA GLN F 105 5.02 -24.44 -23.95
C GLN F 105 5.68 -23.28 -24.70
N ILE F 106 6.41 -22.43 -23.97
CA ILE F 106 7.22 -21.36 -24.59
C ILE F 106 8.15 -21.93 -25.69
N GLY F 107 8.91 -22.95 -25.33
CA GLY F 107 9.77 -23.65 -26.27
C GLY F 107 9.01 -24.28 -27.42
N LYS F 108 7.85 -24.90 -27.16
CA LYS F 108 7.02 -25.40 -28.26
C LYS F 108 6.50 -24.30 -29.19
N ASP F 109 6.27 -23.11 -28.66
CA ASP F 109 5.71 -21.98 -29.42
C ASP F 109 6.70 -21.07 -30.14
N VAL F 110 7.83 -20.77 -29.52
CA VAL F 110 8.82 -19.88 -30.14
C VAL F 110 10.21 -20.50 -30.31
N GLY F 111 10.41 -21.69 -29.77
CA GLY F 111 11.72 -22.34 -29.83
C GLY F 111 12.64 -21.90 -28.71
N ASN F 112 13.94 -22.04 -28.94
CA ASN F 112 14.93 -21.66 -27.96
C ASN F 112 15.00 -20.16 -27.70
N ILE F 113 15.42 -19.79 -26.51
CA ILE F 113 15.34 -18.40 -26.11
C ILE F 113 16.75 -17.98 -25.74
N ASP F 114 16.98 -16.68 -25.64
CA ASP F 114 18.29 -16.12 -25.28
C ASP F 114 18.40 -15.63 -23.84
N GLY F 115 17.30 -15.64 -23.11
CA GLY F 115 17.38 -15.12 -21.75
C GLY F 115 16.01 -14.94 -21.14
N VAL F 116 16.05 -14.67 -19.83
CA VAL F 116 14.90 -14.44 -18.99
C VAL F 116 15.21 -13.21 -18.12
N TYR F 117 14.23 -12.33 -17.98
CA TYR F 117 14.31 -11.25 -17.01
C TYR F 117 13.34 -11.58 -15.89
N HIS F 118 13.87 -11.77 -14.68
CA HIS F 118 13.05 -12.07 -13.52
C HIS F 118 12.70 -10.79 -12.71
N SER F 119 11.41 -10.52 -12.51
CA SER F 119 11.04 -9.23 -11.90
C SER F 119 9.91 -9.50 -10.93
N ILE F 120 10.13 -10.47 -10.05
CA ILE F 120 9.08 -11.07 -9.24
C ILE F 120 9.53 -11.14 -7.79
N ALA F 121 8.70 -10.57 -6.91
CA ALA F 121 8.91 -10.62 -5.46
C ALA F 121 7.59 -10.47 -4.75
N PHE F 122 7.48 -11.05 -3.55
CA PHE F 122 6.27 -10.88 -2.75
C PHE F 122 6.54 -11.09 -1.27
N ALA F 123 5.93 -10.26 -0.42
CA ALA F 123 5.82 -10.56 1.01
C ALA F 123 4.47 -10.05 1.49
N ASN F 124 3.91 -10.63 2.56
CA ASN F 124 2.73 -10.07 3.22
C ASN F 124 3.04 -8.69 3.82
N MET F 125 2.08 -7.78 3.69
CA MET F 125 2.06 -6.50 4.38
C MET F 125 2.21 -6.64 5.88
N GLU F 126 1.50 -7.62 6.44
CA GLU F 126 1.42 -7.80 7.89
C GLU F 126 2.78 -8.14 8.45
N ASP F 127 3.59 -8.88 7.70
CA ASP F 127 5.03 -9.01 7.99
C ASP F 127 5.80 -7.74 7.61
N LEU F 128 5.59 -7.19 6.42
CA LEU F 128 6.42 -6.04 5.99
C LEU F 128 6.26 -4.90 6.98
N ARG F 129 5.01 -4.62 7.40
CA ARG F 129 4.70 -3.46 8.26
C ARG F 129 4.79 -3.69 9.80
N GLY F 130 5.40 -4.77 10.25
CA GLY F 130 5.61 -4.94 11.71
C GLY F 130 7.10 -4.95 11.97
N ARG F 131 7.52 -5.05 13.24
CA ARG F 131 8.92 -5.20 13.59
C ARG F 131 9.42 -6.47 12.92
N PHE F 132 10.64 -6.44 12.38
CA PHE F 132 11.19 -7.61 11.69
C PHE F 132 11.21 -8.82 12.63
N SER F 133 11.48 -8.60 13.92
CA SER F 133 11.61 -9.68 14.90
C SER F 133 10.23 -10.31 15.16
N GLU F 134 9.17 -9.68 14.68
CA GLU F 134 7.83 -10.27 14.81
C GLU F 134 7.37 -11.03 13.54
N THR F 135 8.22 -11.08 12.52
CA THR F 135 7.93 -11.78 11.25
C THR F 135 7.45 -13.23 11.50
N SER F 136 6.33 -13.60 10.89
CA SER F 136 5.79 -14.97 11.00
C SER F 136 6.64 -15.96 10.22
N ARG F 137 6.67 -17.22 10.66
CA ARG F 137 7.32 -18.28 9.89
C ARG F 137 6.72 -18.43 8.49
N GLU F 138 5.40 -18.31 8.37
CA GLU F 138 4.75 -18.64 7.10
C GLU F 138 5.02 -17.51 6.12
N GLY F 139 5.04 -16.30 6.64
CA GLY F 139 5.34 -15.12 5.83
C GLY F 139 6.81 -15.01 5.46
N PHE F 140 7.72 -15.40 6.35
CA PHE F 140 9.15 -15.46 6.01
C PHE F 140 9.38 -16.40 4.81
N LEU F 141 8.78 -17.58 4.86
CA LEU F 141 9.01 -18.62 3.86
C LEU F 141 8.28 -18.27 2.58
N LEU F 142 7.12 -17.63 2.69
CA LEU F 142 6.39 -17.09 1.56
C LEU F 142 7.29 -16.16 0.77
N ALA F 143 7.98 -15.25 1.47
CA ALA F 143 8.83 -14.30 0.78
C ALA F 143 10.08 -14.96 0.18
N GLN F 144 10.66 -15.94 0.87
CA GLN F 144 11.68 -16.78 0.20
C GLN F 144 11.19 -17.53 -1.05
N ASP F 145 10.02 -18.16 -0.96
CA ASP F 145 9.48 -18.95 -2.06
C ASP F 145 9.29 -18.13 -3.34
N ILE F 146 8.58 -16.99 -3.28
CA ILE F 146 8.26 -16.25 -4.46
C ILE F 146 9.44 -15.41 -4.92
N SER F 147 10.17 -14.87 -3.94
CA SER F 147 11.12 -13.82 -4.22
C SER F 147 12.55 -14.36 -4.43
N SER F 148 12.81 -15.59 -4.02
CA SER F 148 14.16 -16.16 -4.24
C SER F 148 14.12 -17.49 -4.99
N TYR F 149 13.47 -18.46 -4.37
CA TYR F 149 13.43 -19.83 -4.89
C TYR F 149 12.96 -19.81 -6.33
N SER F 150 12.01 -18.94 -6.63
CA SER F 150 11.44 -18.91 -7.98
C SER F 150 12.52 -18.74 -9.05
N LEU F 151 13.58 -18.00 -8.73
CA LEU F 151 14.72 -17.87 -9.67
C LEU F 151 15.34 -19.22 -10.03
N THR F 152 15.59 -20.01 -9.01
CA THR F 152 16.24 -21.30 -9.16
C THR F 152 15.46 -22.22 -10.08
N ILE F 153 14.15 -22.31 -9.85
CA ILE F 153 13.38 -23.23 -10.66
C ILE F 153 13.17 -22.66 -12.08
N VAL F 154 12.99 -21.34 -12.19
CA VAL F 154 12.92 -20.73 -13.52
C VAL F 154 14.20 -21.01 -14.35
N ALA F 155 15.37 -20.85 -13.74
CA ALA F 155 16.68 -21.15 -14.36
C ALA F 155 16.73 -22.57 -14.86
N HIS F 156 16.28 -23.49 -14.00
CA HIS F 156 16.35 -24.91 -14.31
C HIS F 156 15.52 -25.15 -15.57
N GLU F 157 14.34 -24.55 -15.65
CA GLU F 157 13.46 -24.83 -16.78
C GLU F 157 13.87 -24.04 -18.00
N ALA F 158 14.31 -22.80 -17.78
CA ALA F 158 14.77 -21.96 -18.88
C ALA F 158 16.03 -22.52 -19.53
N LYS F 159 16.86 -23.20 -18.72
CA LYS F 159 18.06 -23.84 -19.26
C LYS F 159 17.76 -24.82 -20.41
N LYS F 160 16.67 -25.57 -20.30
CA LYS F 160 16.23 -26.44 -21.40
C LYS F 160 15.97 -25.70 -22.74
N LEU F 161 15.70 -24.40 -22.70
CA LEU F 161 15.55 -23.63 -23.94
C LEU F 161 16.79 -22.81 -24.33
N MET F 162 17.89 -23.04 -23.61
CA MET F 162 19.11 -22.33 -23.95
C MET F 162 20.27 -23.30 -24.21
N PRO F 163 20.07 -24.26 -25.14
CA PRO F 163 21.10 -25.30 -25.28
C PRO F 163 22.49 -24.71 -25.63
N GLU F 164 22.53 -23.53 -26.23
CA GLU F 164 23.79 -22.93 -26.66
C GLU F 164 24.26 -21.75 -25.78
N GLY F 165 23.52 -21.50 -24.70
CA GLY F 165 23.94 -20.54 -23.68
C GLY F 165 22.92 -19.42 -23.53
N GLY F 166 23.14 -18.56 -22.57
CA GLY F 166 22.26 -17.41 -22.44
C GLY F 166 22.42 -16.60 -21.18
N SER F 167 21.39 -15.81 -20.87
CA SER F 167 21.54 -14.84 -19.78
C SER F 167 20.28 -14.74 -18.96
N ILE F 168 20.43 -14.80 -17.64
CA ILE F 168 19.32 -14.68 -16.69
C ILE F 168 19.57 -13.50 -15.77
N VAL F 169 18.62 -12.57 -15.75
CA VAL F 169 18.72 -11.40 -14.87
C VAL F 169 17.54 -11.30 -13.89
N ALA F 170 17.86 -11.09 -12.62
CA ALA F 170 16.89 -10.90 -11.54
C ALA F 170 17.00 -9.47 -11.02
N THR F 171 15.93 -8.99 -10.39
CA THR F 171 15.86 -7.64 -9.90
C THR F 171 16.02 -7.67 -8.39
N THR F 172 16.98 -6.92 -7.86
CA THR F 172 17.12 -6.86 -6.41
C THR F 172 17.06 -5.41 -5.92
N TYR F 173 17.27 -5.21 -4.64
CA TYR F 173 17.36 -3.86 -4.08
C TYR F 173 18.42 -3.93 -2.95
N LEU F 174 18.83 -2.78 -2.45
CA LEU F 174 20.01 -2.54 -1.67
C LEU F 174 19.71 -3.08 -0.27
N GLY F 175 18.42 -3.21 0.03
CA GLY F 175 18.01 -3.86 1.28
C GLY F 175 18.39 -5.32 1.39
N GLY F 176 18.83 -5.98 0.32
CA GLY F 176 19.44 -7.33 0.46
C GLY F 176 20.88 -7.33 0.97
N GLU F 177 21.54 -6.16 0.90
CA GLU F 177 22.95 -6.03 1.36
C GLU F 177 23.10 -5.29 2.71
N PHE F 178 22.13 -4.44 3.07
CA PHE F 178 22.18 -3.65 4.30
C PHE F 178 20.81 -3.66 4.88
N ALA F 179 20.67 -3.43 6.18
CA ALA F 179 19.37 -3.38 6.83
C ALA F 179 18.79 -1.98 6.58
N VAL F 180 17.80 -1.89 5.69
CA VAL F 180 17.04 -0.69 5.35
C VAL F 180 15.73 -0.68 6.11
N GLN F 181 15.52 0.37 6.89
CA GLN F 181 14.26 0.64 7.60
C GLN F 181 13.01 0.24 6.81
N ASN F 182 12.16 -0.62 7.40
CA ASN F 182 10.86 -1.00 6.83
C ASN F 182 10.88 -1.97 5.65
N TYR F 183 12.05 -2.41 5.20
CA TYR F 183 12.11 -3.40 4.15
C TYR F 183 12.06 -4.82 4.74
N ASN F 184 12.49 -4.96 6.01
CA ASN F 184 12.21 -6.12 6.87
C ASN F 184 12.34 -7.47 6.18
N VAL F 185 11.26 -8.25 6.15
CA VAL F 185 11.34 -9.61 5.58
C VAL F 185 11.79 -9.63 4.13
N MET F 186 11.47 -8.62 3.34
CA MET F 186 11.90 -8.60 1.94
C MET F 186 13.42 -8.42 1.82
N GLY F 187 14.01 -7.67 2.74
CA GLY F 187 15.46 -7.60 2.89
C GLY F 187 16.19 -8.94 2.95
N VAL F 188 15.65 -9.87 3.71
CA VAL F 188 16.25 -11.19 3.87
C VAL F 188 15.95 -12.02 2.63
N ALA F 189 14.81 -11.80 1.98
CA ALA F 189 14.52 -12.51 0.73
C ALA F 189 15.42 -12.05 -0.44
N LYS F 190 15.76 -10.77 -0.46
CA LYS F 190 16.72 -10.24 -1.43
C LYS F 190 18.16 -10.66 -1.12
N ALA F 191 18.50 -10.95 0.14
CA ALA F 191 19.88 -11.43 0.44
C ALA F 191 20.08 -12.84 -0.12
N SER F 192 19.02 -13.62 0.05
CA SER F 192 18.82 -14.98 -0.45
C SER F 192 18.86 -14.97 -1.99
N LEU F 193 18.07 -14.11 -2.61
CA LEU F 193 18.05 -13.94 -4.05
C LEU F 193 19.45 -13.63 -4.60
N GLU F 194 20.16 -12.72 -3.94
CA GLU F 194 21.47 -12.36 -4.42
C GLU F 194 22.42 -13.51 -4.28
N ALA F 195 22.33 -14.34 -3.22
CA ALA F 195 23.16 -15.55 -3.15
C ALA F 195 22.74 -16.59 -4.18
N ASN F 196 21.44 -16.62 -4.50
CA ASN F 196 20.89 -17.54 -5.51
C ASN F 196 21.56 -17.25 -6.87
N VAL F 197 21.63 -15.97 -7.24
CA VAL F 197 22.36 -15.50 -8.42
C VAL F 197 23.81 -16.04 -8.52
N LYS F 198 24.53 -16.02 -7.43
CA LYS F 198 25.94 -16.43 -7.44
C LYS F 198 26.03 -17.94 -7.56
N TYR F 199 25.24 -18.66 -6.77
CA TYR F 199 25.26 -20.11 -6.85
C TYR F 199 24.72 -20.57 -8.20
N LEU F 200 23.64 -19.99 -8.70
CA LEU F 200 23.26 -20.24 -10.11
C LEU F 200 24.37 -19.91 -11.10
N ALA F 201 25.10 -18.81 -10.90
CA ALA F 201 26.23 -18.49 -11.79
C ALA F 201 27.31 -19.60 -11.86
N LEU F 202 27.69 -20.12 -10.70
CA LEU F 202 28.75 -21.08 -10.62
C LEU F 202 28.29 -22.44 -11.18
N ASP F 203 27.01 -22.74 -10.96
CA ASP F 203 26.40 -24.00 -11.41
C ASP F 203 26.21 -23.99 -12.92
N LEU F 204 25.63 -22.92 -13.46
CA LEU F 204 25.26 -22.89 -14.89
C LEU F 204 26.27 -22.22 -15.83
N GLY F 205 27.26 -21.50 -15.29
CA GLY F 205 28.47 -21.10 -16.04
C GLY F 205 29.02 -22.09 -17.07
N PRO F 206 29.21 -23.36 -16.69
CA PRO F 206 29.80 -24.31 -17.66
C PRO F 206 28.93 -24.54 -18.89
N ASP F 207 27.61 -24.32 -18.76
CA ASP F 207 26.65 -24.43 -19.85
C ASP F 207 26.52 -23.14 -20.63
N ASN F 208 27.40 -22.19 -20.31
CA ASN F 208 27.46 -20.87 -20.93
C ASN F 208 26.18 -20.05 -20.66
N ILE F 209 25.66 -20.20 -19.45
CA ILE F 209 24.51 -19.41 -19.07
C ILE F 209 25.01 -18.45 -18.02
N ARG F 210 24.81 -17.15 -18.27
CA ARG F 210 25.23 -16.17 -17.26
C ARG F 210 24.06 -15.75 -16.41
N VAL F 211 24.33 -15.35 -15.16
CA VAL F 211 23.25 -15.06 -14.23
C VAL F 211 23.71 -13.87 -13.38
N ASN F 212 22.92 -12.81 -13.35
CA ASN F 212 23.28 -11.56 -12.73
C ASN F 212 22.05 -10.93 -12.11
N ALA F 213 22.30 -9.92 -11.28
CA ALA F 213 21.29 -9.07 -10.69
C ALA F 213 21.44 -7.62 -11.14
N ILE F 214 20.28 -6.96 -11.21
CA ILE F 214 20.19 -5.51 -11.11
C ILE F 214 19.61 -5.04 -9.76
N SER F 215 20.37 -4.24 -9.03
CA SER F 215 19.92 -3.64 -7.79
C SER F 215 19.30 -2.31 -8.15
N ALA F 216 17.99 -2.29 -8.43
CA ALA F 216 17.36 -1.07 -8.88
C ALA F 216 17.23 -0.10 -7.68
N GLY F 217 17.37 1.20 -7.92
CA GLY F 217 17.03 2.26 -6.98
C GLY F 217 15.52 2.30 -6.79
N PRO F 218 15.01 3.00 -5.76
CA PRO F 218 13.54 3.04 -5.57
C PRO F 218 12.80 3.77 -6.70
N ILE F 219 11.67 3.18 -7.08
CA ILE F 219 10.92 3.51 -8.29
C ILE F 219 9.41 3.30 -7.97
N ARG F 220 8.60 4.33 -8.21
CA ARG F 220 7.19 4.24 -7.89
C ARG F 220 6.49 3.21 -8.77
N THR F 221 6.13 2.09 -8.15
CA THR F 221 5.38 1.01 -8.81
C THR F 221 4.22 0.60 -7.94
N LEU F 222 3.37 -0.31 -8.41
CA LEU F 222 2.31 -0.84 -7.55
C LEU F 222 2.83 -1.52 -6.25
N SER F 223 3.94 -2.26 -6.36
CA SER F 223 4.53 -2.90 -5.18
C SER F 223 5.23 -1.96 -4.22
N ALA F 224 5.61 -0.78 -4.69
CA ALA F 224 6.25 0.23 -3.82
C ALA F 224 5.31 0.67 -2.69
N LYS F 225 4.00 0.53 -2.93
CA LYS F 225 2.98 0.89 -1.95
C LYS F 225 2.97 -0.04 -0.74
N GLY F 226 3.69 -1.16 -0.86
CA GLY F 226 3.93 -2.05 0.26
C GLY F 226 5.02 -1.54 1.21
N VAL F 227 5.83 -0.58 0.77
CA VAL F 227 7.00 -0.32 1.58
C VAL F 227 6.74 0.88 2.49
N GLY F 228 6.71 0.67 3.80
CA GLY F 228 6.60 1.80 4.71
C GLY F 228 7.66 2.85 4.43
N GLY F 229 7.28 4.10 4.23
CA GLY F 229 8.25 5.22 4.23
C GLY F 229 8.78 5.59 2.85
N PHE F 230 8.27 4.92 1.83
CA PHE F 230 8.79 5.01 0.47
C PHE F 230 8.95 6.45 -0.08
N ASN F 231 8.05 7.37 0.22
CA ASN F 231 8.34 8.76 -0.10
C ASN F 231 9.60 9.31 0.58
N THR F 232 9.91 8.89 1.80
CA THR F 232 11.09 9.46 2.43
C THR F 232 12.36 8.79 1.89
N ILE F 233 12.23 7.53 1.45
CA ILE F 233 13.27 6.78 0.71
C ILE F 233 13.50 7.46 -0.63
N LEU F 234 12.43 7.81 -1.35
CA LEU F 234 12.57 8.59 -2.60
C LEU F 234 13.36 9.87 -2.42
N LYS F 235 12.86 10.78 -1.59
CA LYS F 235 13.49 12.07 -1.37
C LYS F 235 14.97 11.92 -0.98
N GLU F 236 15.32 10.90 -0.22
CA GLU F 236 16.67 10.78 0.33
C GLU F 236 17.67 10.44 -0.78
N ILE F 237 17.26 9.70 -1.81
CA ILE F 237 18.10 9.50 -3.00
C ILE F 237 18.48 10.84 -3.65
N GLU F 238 17.47 11.65 -3.94
CA GLU F 238 17.67 12.91 -4.61
C GLU F 238 18.60 13.81 -3.82
N GLU F 239 18.47 13.81 -2.51
CA GLU F 239 19.33 14.75 -1.80
CA GLU F 239 19.24 14.63 -1.59
C GLU F 239 20.72 14.20 -1.47
N ARG F 240 20.94 12.88 -1.56
CA ARG F 240 22.21 12.31 -1.10
C ARG F 240 22.97 11.43 -2.09
N ALA F 241 22.28 10.77 -3.01
CA ALA F 241 22.91 10.02 -4.10
C ALA F 241 23.80 10.94 -4.96
N PRO F 242 24.97 10.44 -5.36
CA PRO F 242 25.80 11.13 -6.34
C PRO F 242 25.01 11.87 -7.41
N LEU F 243 24.04 11.24 -8.07
CA LEU F 243 23.44 11.97 -9.20
C LEU F 243 22.37 12.92 -8.73
N LYS F 244 22.01 12.84 -7.44
CA LYS F 244 20.99 13.70 -6.84
CA LYS F 244 21.00 13.74 -6.86
C LYS F 244 19.67 13.64 -7.60
N ARG F 245 19.32 12.46 -8.08
CA ARG F 245 18.02 12.28 -8.70
C ARG F 245 17.68 10.79 -8.51
N ASN F 246 16.40 10.46 -8.65
CA ASN F 246 15.99 9.08 -8.68
C ASN F 246 16.10 8.49 -10.08
N VAL F 247 16.12 7.16 -10.18
CA VAL F 247 16.16 6.54 -11.51
C VAL F 247 14.74 6.10 -11.94
N ASP F 248 14.62 5.54 -13.13
CA ASP F 248 13.37 4.95 -13.54
C ASP F 248 13.57 3.60 -14.19
N GLN F 249 12.45 3.09 -14.69
CA GLN F 249 12.30 1.76 -15.24
C GLN F 249 13.10 1.57 -16.55
N VAL F 250 13.09 2.58 -17.41
CA VAL F 250 13.90 2.57 -18.64
C VAL F 250 15.41 2.41 -18.37
N GLU F 251 15.90 3.08 -17.32
CA GLU F 251 17.31 2.97 -16.95
C GLU F 251 17.63 1.56 -16.54
N VAL F 252 16.73 0.91 -15.81
CA VAL F 252 16.90 -0.48 -15.42
C VAL F 252 16.83 -1.30 -16.70
N GLY F 253 15.83 -1.02 -17.51
CA GLY F 253 15.79 -1.57 -18.87
C GLY F 253 17.08 -1.54 -19.67
N LYS F 254 17.75 -0.39 -19.75
CA LYS F 254 19.01 -0.27 -20.49
C LYS F 254 20.14 -1.13 -19.89
N THR F 255 20.25 -1.22 -18.57
CA THR F 255 21.21 -2.14 -17.95
C THR F 255 20.78 -3.57 -18.16
N ALA F 256 19.48 -3.85 -18.22
CA ALA F 256 19.03 -5.21 -18.58
C ALA F 256 19.50 -5.65 -20.00
N ALA F 257 19.43 -4.71 -20.94
CA ALA F 257 19.81 -4.98 -22.34
C ALA F 257 21.28 -5.36 -22.41
N TYR F 258 22.08 -4.59 -21.70
CA TYR F 258 23.51 -4.86 -21.60
C TYR F 258 23.75 -6.30 -21.08
N LEU F 259 23.19 -6.60 -19.90
CA LEU F 259 23.27 -7.91 -19.26
C LEU F 259 22.72 -9.10 -20.06
N LEU F 260 21.65 -8.84 -20.82
CA LEU F 260 20.99 -9.85 -21.64
C LEU F 260 21.63 -10.02 -23.01
N SER F 261 22.53 -9.10 -23.36
CA SER F 261 23.23 -9.10 -24.63
C SER F 261 24.66 -9.65 -24.50
N ASP F 262 25.29 -9.82 -25.65
CA ASP F 262 26.70 -10.21 -25.75
C ASP F 262 27.71 -9.11 -25.33
N LEU F 263 27.22 -7.90 -25.07
CA LEU F 263 28.09 -6.88 -24.49
C LEU F 263 28.61 -7.23 -23.10
N SER F 264 27.91 -8.10 -22.39
CA SER F 264 28.30 -8.43 -21.02
C SER F 264 28.85 -9.84 -20.95
N SER F 265 29.43 -10.35 -22.05
CA SER F 265 29.87 -11.76 -22.10
C SER F 265 30.78 -12.27 -20.98
N GLY F 266 31.64 -11.43 -20.44
CA GLY F 266 32.50 -12.01 -19.41
C GLY F 266 31.98 -11.79 -17.99
N VAL F 267 30.70 -11.41 -17.91
CA VAL F 267 30.10 -10.95 -16.66
C VAL F 267 29.03 -11.95 -16.18
N THR F 268 29.26 -12.57 -15.02
CA THR F 268 28.24 -13.40 -14.40
C THR F 268 28.44 -13.35 -12.89
N GLY F 269 27.38 -13.55 -12.14
CA GLY F 269 27.47 -13.57 -10.68
C GLY F 269 27.47 -12.11 -10.18
N GLU F 270 27.16 -11.16 -11.06
CA GLU F 270 27.42 -9.77 -10.69
C GLU F 270 26.13 -9.11 -10.22
N ASN F 271 26.28 -8.01 -9.47
CA ASN F 271 25.14 -7.22 -9.04
C ASN F 271 25.39 -5.75 -9.41
N ILE F 272 24.75 -5.26 -10.49
CA ILE F 272 24.82 -3.87 -10.95
C ILE F 272 23.74 -3.01 -10.32
N HIS F 273 24.17 -1.93 -9.69
CA HIS F 273 23.29 -1.04 -8.97
C HIS F 273 22.91 0.03 -9.98
N VAL F 274 21.64 0.03 -10.35
CA VAL F 274 21.08 1.15 -11.11
C VAL F 274 20.40 2.08 -10.13
N ASP F 275 21.20 2.90 -9.47
CA ASP F 275 20.58 3.58 -8.35
C ASP F 275 21.16 4.98 -8.13
N SER F 276 21.67 5.61 -9.20
CA SER F 276 22.24 6.93 -9.05
C SER F 276 23.51 7.01 -8.21
N GLY F 277 24.12 5.87 -7.91
CA GLY F 277 25.32 5.93 -7.07
C GLY F 277 25.13 5.75 -5.58
N PHE F 278 23.87 5.63 -5.14
CA PHE F 278 23.49 5.59 -3.71
C PHE F 278 24.14 4.46 -2.92
N HIS F 279 24.46 3.35 -3.59
CA HIS F 279 25.03 2.19 -2.89
C HIS F 279 26.43 2.60 -2.44
N ALA F 280 27.06 3.53 -3.15
CA ALA F 280 28.49 3.79 -2.98
C ALA F 280 28.77 4.80 -1.89
N ILE F 281 27.72 5.41 -1.37
CA ILE F 281 27.93 6.48 -0.39
C ILE F 281 27.48 6.08 1.01
N LYS F 282 27.83 6.90 2.00
CA LYS F 282 27.29 6.71 3.35
C LYS F 282 27.19 8.02 4.11
N ASN G 29 25.30 2.74 -30.09
CA ASN G 29 25.88 3.56 -31.18
C ASN G 29 26.49 4.90 -30.71
N LEU G 30 27.77 5.08 -31.01
CA LEU G 30 28.46 6.21 -30.42
C LEU G 30 28.95 7.17 -31.49
N GLU G 31 28.23 7.26 -32.61
CA GLU G 31 28.44 8.31 -33.61
CA GLU G 31 28.51 8.31 -33.59
C GLU G 31 28.26 9.69 -32.97
N ASN G 32 29.14 10.63 -33.29
CA ASN G 32 29.14 11.97 -32.66
C ASN G 32 29.64 11.97 -31.24
N LYS G 33 29.97 10.80 -30.69
CA LYS G 33 30.66 10.73 -29.38
C LYS G 33 32.19 10.79 -29.56
N THR G 34 32.90 11.32 -28.56
CA THR G 34 34.38 11.35 -28.54
C THR G 34 34.89 10.87 -27.19
N TYR G 35 35.85 9.93 -27.23
CA TYR G 35 36.48 9.35 -26.03
C TYR G 35 38.03 9.49 -26.03
N VAL G 36 38.58 9.90 -24.90
CA VAL G 36 40.00 9.87 -24.63
C VAL G 36 40.36 8.51 -23.99
N ILE G 37 41.20 7.72 -24.68
CA ILE G 37 41.70 6.46 -24.15
C ILE G 37 43.17 6.64 -23.73
N MET G 38 43.41 6.46 -22.44
CA MET G 38 44.73 6.56 -21.85
C MET G 38 45.28 5.17 -21.52
N GLY G 39 46.49 4.86 -21.99
CA GLY G 39 47.21 3.65 -21.57
C GLY G 39 47.36 2.50 -22.54
N ILE G 40 47.22 2.75 -23.85
CA ILE G 40 47.69 1.77 -24.85
C ILE G 40 49.23 1.75 -24.99
N ALA G 41 49.83 0.56 -24.92
CA ALA G 41 51.26 0.35 -25.23
C ALA G 41 51.47 -0.53 -26.45
N ASN G 42 50.59 -1.52 -26.66
CA ASN G 42 50.69 -2.35 -27.86
C ASN G 42 49.35 -3.02 -28.16
N LYS G 43 49.34 -3.94 -29.13
CA LYS G 43 48.12 -4.67 -29.47
C LYS G 43 47.49 -5.46 -28.31
N ARG G 44 48.25 -5.83 -27.27
CA ARG G 44 47.74 -6.65 -26.16
CA ARG G 44 47.67 -6.64 -26.19
C ARG G 44 47.13 -5.80 -25.03
N SER G 45 47.36 -4.48 -25.07
CA SER G 45 46.81 -3.59 -24.05
C SER G 45 45.30 -3.71 -23.97
N ILE G 46 44.78 -3.81 -22.75
CA ILE G 46 43.35 -3.73 -22.47
C ILE G 46 42.70 -2.50 -23.11
N ALA G 47 43.38 -1.37 -22.95
CA ALA G 47 42.94 -0.12 -23.60
C ALA G 47 42.68 -0.28 -25.10
N PHE G 48 43.53 -1.01 -25.81
CA PHE G 48 43.29 -1.31 -27.25
C PHE G 48 42.05 -2.19 -27.50
N GLY G 49 41.67 -3.04 -26.54
CA GLY G 49 40.41 -3.77 -26.62
C GLY G 49 39.28 -2.75 -26.54
N VAL G 50 39.48 -1.69 -25.75
CA VAL G 50 38.43 -0.68 -25.57
C VAL G 50 38.21 0.04 -26.87
N ALA G 51 39.36 0.47 -27.41
CA ALA G 51 39.43 1.22 -28.65
C ALA G 51 38.86 0.47 -29.88
N LYS G 52 39.18 -0.81 -30.10
CA LYS G 52 38.58 -1.54 -31.23
C LYS G 52 37.08 -1.50 -31.13
N VAL G 53 36.58 -1.62 -29.91
CA VAL G 53 35.12 -1.67 -29.65
C VAL G 53 34.49 -0.32 -29.89
N LEU G 54 35.02 0.73 -29.27
CA LEU G 54 34.41 2.05 -29.39
C LEU G 54 34.51 2.50 -30.85
N ASP G 55 35.64 2.19 -31.49
CA ASP G 55 35.88 2.46 -32.90
C ASP G 55 34.87 1.76 -33.82
N GLN G 56 34.57 0.50 -33.52
CA GLN G 56 33.56 -0.21 -34.30
C GLN G 56 32.12 0.25 -33.99
N LEU G 57 31.93 0.95 -32.87
CA LEU G 57 30.62 1.56 -32.58
C LEU G 57 30.51 2.98 -33.14
N GLY G 58 31.54 3.45 -33.83
CA GLY G 58 31.49 4.77 -34.46
C GLY G 58 32.04 5.95 -33.68
N ALA G 59 32.69 5.73 -32.55
CA ALA G 59 33.12 6.85 -31.71
C ALA G 59 34.39 7.47 -32.29
N LYS G 60 34.57 8.77 -32.13
CA LYS G 60 35.86 9.40 -32.44
C LYS G 60 36.74 9.22 -31.21
N LEU G 61 37.91 8.64 -31.39
CA LEU G 61 38.87 8.40 -30.30
C LEU G 61 40.10 9.29 -30.39
N VAL G 62 40.58 9.72 -29.22
CA VAL G 62 41.81 10.43 -29.03
C VAL G 62 42.64 9.57 -28.10
N PHE G 63 43.97 9.53 -28.29
CA PHE G 63 44.83 8.61 -27.54
C PHE G 63 45.90 9.33 -26.74
N THR G 64 46.13 8.92 -25.48
CA THR G 64 47.29 9.43 -24.76
C THR G 64 48.32 8.33 -24.49
N TYR G 65 49.58 8.71 -24.29
CA TYR G 65 50.68 7.75 -24.07
C TYR G 65 51.78 8.41 -23.24
N ARG G 66 52.60 7.58 -22.61
CA ARG G 66 53.80 8.11 -21.96
C ARG G 66 55.05 8.01 -22.86
N LYS G 67 55.40 6.78 -23.25
CA LYS G 67 56.68 6.53 -23.90
C LYS G 67 56.51 6.70 -25.38
N GLU G 68 57.54 7.23 -26.03
CA GLU G 68 57.48 7.42 -27.46
C GLU G 68 57.27 6.08 -28.16
N ARG G 69 57.80 5.00 -27.60
CA ARG G 69 57.63 3.66 -28.15
C ARG G 69 56.16 3.32 -28.27
N SER G 70 55.37 3.74 -27.28
CA SER G 70 53.92 3.54 -27.31
C SER G 70 53.22 4.40 -28.37
N ARG G 71 53.73 5.60 -28.63
CA ARG G 71 53.15 6.44 -29.66
C ARG G 71 53.37 5.74 -30.99
N LYS G 72 54.59 5.26 -31.22
CA LYS G 72 54.87 4.52 -32.45
C LYS G 72 53.93 3.33 -32.61
N GLU G 73 53.67 2.64 -31.51
CA GLU G 73 52.77 1.51 -31.58
C GLU G 73 51.32 1.96 -31.89
N LEU G 74 50.92 3.12 -31.39
CA LEU G 74 49.60 3.71 -31.69
C LEU G 74 49.47 4.06 -33.14
N GLU G 75 50.54 4.60 -33.73
CA GLU G 75 50.52 4.92 -35.16
C GLU G 75 50.25 3.69 -36.04
N LYS G 76 50.89 2.57 -35.72
CA LYS G 76 50.69 1.27 -36.37
C LYS G 76 49.27 0.74 -36.19
N LEU G 77 48.89 0.55 -34.94
CA LEU G 77 47.60 -0.04 -34.57
C LEU G 77 46.42 0.75 -35.11
N LEU G 78 46.56 2.08 -35.18
CA LEU G 78 45.60 2.96 -35.85
C LEU G 78 45.26 2.56 -37.31
N GLU G 79 46.12 1.82 -37.97
CA GLU G 79 45.85 1.34 -39.34
C GLU G 79 44.72 0.32 -39.42
N GLN G 80 44.38 -0.26 -38.26
CA GLN G 80 43.35 -1.29 -38.08
C GLN G 80 42.03 -0.67 -37.62
N LEU G 81 42.05 0.62 -37.36
CA LEU G 81 40.89 1.35 -36.85
C LEU G 81 40.18 2.12 -37.97
N ASN G 82 38.93 2.49 -37.75
CA ASN G 82 38.23 3.38 -38.66
C ASN G 82 38.73 4.83 -38.56
N GLN G 83 39.27 5.21 -37.40
CA GLN G 83 39.70 6.58 -37.15
C GLN G 83 40.35 7.25 -38.36
N PRO G 84 39.71 8.29 -38.92
CA PRO G 84 40.24 8.94 -40.12
C PRO G 84 41.35 9.96 -39.82
N GLU G 85 41.53 10.29 -38.55
CA GLU G 85 42.64 11.08 -38.03
C GLU G 85 43.25 10.42 -36.79
N ALA G 86 44.58 10.49 -36.70
CA ALA G 86 45.29 10.18 -35.48
C ALA G 86 45.18 11.40 -34.58
N HIS G 87 44.61 11.24 -33.39
CA HIS G 87 44.76 12.24 -32.34
C HIS G 87 45.56 11.65 -31.19
N LEU G 88 46.86 11.97 -31.13
CA LEU G 88 47.77 11.34 -30.17
C LEU G 88 48.39 12.40 -29.27
N TYR G 89 48.31 12.23 -27.96
CA TYR G 89 48.93 13.18 -27.04
C TYR G 89 49.81 12.48 -26.01
N GLN G 90 51.01 13.01 -25.80
CA GLN G 90 51.86 12.49 -24.74
C GLN G 90 51.37 13.03 -23.42
N ILE G 91 50.96 12.16 -22.51
CA ILE G 91 50.65 12.59 -21.14
C ILE G 91 51.23 11.58 -20.20
N ASP G 92 52.32 11.94 -19.54
CA ASP G 92 52.75 11.26 -18.33
C ASP G 92 51.95 11.80 -17.16
N VAL G 93 51.15 10.92 -16.55
CA VAL G 93 50.24 11.30 -15.48
C VAL G 93 50.98 11.65 -14.18
N GLN G 94 52.28 11.40 -14.10
CA GLN G 94 53.06 11.90 -12.96
C GLN G 94 53.27 13.43 -12.93
N SER G 95 53.02 14.08 -14.06
CA SER G 95 53.27 15.51 -14.20
C SER G 95 51.95 16.30 -14.26
N ASP G 96 51.71 17.17 -13.27
CA ASP G 96 50.50 17.99 -13.33
C ASP G 96 50.39 18.74 -14.67
N GLU G 97 51.49 19.34 -15.11
CA GLU G 97 51.49 20.14 -16.35
C GLU G 97 51.16 19.35 -17.61
N GLU G 98 51.65 18.12 -17.69
CA GLU G 98 51.36 17.30 -18.86
C GLU G 98 49.88 16.93 -18.95
N VAL G 99 49.29 16.54 -17.81
CA VAL G 99 47.84 16.31 -17.68
C VAL G 99 47.06 17.60 -17.96
N ILE G 100 47.38 18.68 -17.24
CA ILE G 100 46.69 19.99 -17.40
C ILE G 100 46.73 20.42 -18.88
N ASN G 101 47.93 20.37 -19.45
CA ASN G 101 48.15 20.81 -20.83
C ASN G 101 47.72 19.80 -21.90
N GLY G 102 47.82 18.50 -21.62
CA GLY G 102 47.34 17.50 -22.58
C GLY G 102 45.85 17.65 -22.88
N PHE G 103 45.07 17.69 -21.81
CA PHE G 103 43.63 17.80 -21.92
C PHE G 103 43.18 19.14 -22.46
N GLU G 104 43.92 20.20 -22.13
CA GLU G 104 43.61 21.53 -22.66
C GLU G 104 43.90 21.62 -24.16
N GLN G 105 45.00 21.03 -24.57
CA GLN G 105 45.28 20.84 -25.98
C GLN G 105 44.21 20.01 -26.72
N ILE G 106 43.80 18.89 -26.13
CA ILE G 106 42.69 18.06 -26.65
C ILE G 106 41.39 18.86 -26.88
N GLY G 107 41.07 19.75 -25.95
CA GLY G 107 39.83 20.52 -26.05
C GLY G 107 39.91 21.51 -27.18
N LYS G 108 41.12 21.99 -27.45
CA LYS G 108 41.33 22.90 -28.55
C LYS G 108 41.38 22.19 -29.89
N ASP G 109 41.95 20.99 -29.95
CA ASP G 109 41.97 20.20 -31.20
C ASP G 109 40.67 19.51 -31.60
N VAL G 110 39.96 18.88 -30.65
CA VAL G 110 38.70 18.19 -30.99
C VAL G 110 37.45 18.69 -30.26
N GLY G 111 37.60 19.66 -29.36
CA GLY G 111 36.44 20.26 -28.68
C GLY G 111 36.04 19.44 -27.47
N ASN G 112 34.75 19.47 -27.13
CA ASN G 112 34.22 18.70 -25.99
C ASN G 112 34.20 17.19 -26.16
N ILE G 113 34.41 16.48 -25.07
CA ILE G 113 34.50 15.04 -25.12
C ILE G 113 33.35 14.42 -24.30
N ASP G 114 33.09 13.15 -24.56
CA ASP G 114 32.04 12.42 -23.85
C ASP G 114 32.55 11.50 -22.75
N GLY G 115 33.86 11.31 -22.61
CA GLY G 115 34.31 10.40 -21.56
C GLY G 115 35.78 10.12 -21.67
N VAL G 116 36.35 9.53 -20.61
CA VAL G 116 37.72 9.07 -20.58
C VAL G 116 37.76 7.56 -20.22
N TYR G 117 38.65 6.80 -20.85
CA TYR G 117 38.90 5.45 -20.37
C TYR G 117 40.30 5.48 -19.78
N HIS G 118 40.47 5.16 -18.51
CA HIS G 118 41.75 5.26 -17.84
C HIS G 118 42.28 3.83 -17.65
N SER G 119 43.45 3.53 -18.17
CA SER G 119 43.94 2.16 -18.19
C SER G 119 45.47 2.28 -17.94
N ILE G 120 45.76 2.96 -16.84
CA ILE G 120 47.10 3.30 -16.43
C ILE G 120 47.37 2.79 -15.02
N ALA G 121 48.53 2.15 -14.83
CA ALA G 121 48.98 1.71 -13.52
C ALA G 121 50.46 1.38 -13.55
N PHE G 122 51.11 1.40 -12.39
CA PHE G 122 52.54 1.11 -12.32
C PHE G 122 53.02 0.86 -10.86
N ALA G 123 53.94 -0.08 -10.71
CA ALA G 123 54.67 -0.32 -9.47
C ALA G 123 56.05 -0.89 -9.81
N ASN G 124 57.06 -0.61 -9.00
CA ASN G 124 58.39 -1.17 -9.25
C ASN G 124 58.34 -2.70 -9.13
N MET G 125 58.85 -3.39 -10.16
N MET G 125 58.99 -3.43 -10.04
CA MET G 125 58.83 -4.86 -10.25
CA MET G 125 59.27 -4.85 -9.80
C MET G 125 58.88 -5.62 -8.91
C MET G 125 59.84 -5.09 -8.41
N GLU G 126 59.92 -5.36 -8.12
N GLU G 126 60.83 -4.27 -8.03
CA GLU G 126 60.27 -6.23 -7.00
CA GLU G 126 61.62 -4.44 -6.81
C GLU G 126 59.26 -6.17 -5.85
C GLU G 126 60.70 -4.45 -5.58
N ASP G 127 58.21 -5.38 -6.05
N ASP G 127 59.63 -3.67 -5.61
CA ASP G 127 57.08 -5.36 -5.13
CA ASP G 127 58.61 -3.77 -4.54
C ASP G 127 55.86 -5.96 -5.84
C ASP G 127 57.66 -4.93 -4.84
N LEU G 128 56.04 -7.12 -6.47
N LEU G 128 57.08 -4.95 -6.04
CA LEU G 128 54.95 -7.85 -7.11
CA LEU G 128 56.24 -6.07 -6.49
C LEU G 128 55.22 -9.36 -7.09
C LEU G 128 56.82 -7.46 -6.17
N ARG G 129 55.98 -9.77 -6.07
N ARG G 129 58.09 -7.68 -6.46
CA ARG G 129 56.35 -11.16 -5.77
CA ARG G 129 58.64 -9.03 -6.33
C ARG G 129 57.15 -10.99 -4.50
C ARG G 129 59.35 -9.27 -4.97
N GLY G 130 57.30 -12.07 -3.72
N GLY G 130 58.86 -8.67 -3.90
CA GLY G 130 57.94 -11.98 -2.40
CA GLY G 130 59.32 -8.96 -2.55
C GLY G 130 57.08 -11.47 -1.24
C GLY G 130 58.14 -9.17 -1.63
N ARG G 131 57.48 -10.34 -0.66
N ARG G 131 58.39 -9.33 -0.33
CA ARG G 131 56.93 -9.86 0.61
CA ARG G 131 57.32 -9.42 0.66
C ARG G 131 56.52 -8.37 0.61
C ARG G 131 56.56 -8.10 0.70
N PHE G 132 55.23 -8.14 0.78
CA PHE G 132 54.56 -6.83 0.92
C PHE G 132 55.08 -6.01 2.10
N SER G 133 55.32 -6.68 3.23
CA SER G 133 55.84 -5.97 4.41
C SER G 133 57.20 -5.31 4.12
N GLU G 134 57.87 -5.67 3.03
CA GLU G 134 59.18 -5.06 2.76
C GLU G 134 59.07 -3.89 1.76
N THR G 135 57.87 -3.61 1.29
CA THR G 135 57.64 -2.52 0.35
C THR G 135 58.29 -1.20 0.84
N SER G 136 58.98 -0.51 -0.08
CA SER G 136 59.61 0.78 0.19
C SER G 136 58.57 1.90 0.17
N ARG G 137 58.84 2.94 0.95
CA ARG G 137 58.03 4.17 0.91
C ARG G 137 57.88 4.77 -0.48
N GLU G 138 59.01 4.95 -1.19
CA GLU G 138 58.97 5.57 -2.50
C GLU G 138 58.24 4.69 -3.52
N GLY G 139 58.39 3.37 -3.40
CA GLY G 139 57.66 2.43 -4.26
C GLY G 139 56.17 2.42 -3.97
N PHE G 140 55.82 2.49 -2.70
CA PHE G 140 54.42 2.51 -2.32
C PHE G 140 53.78 3.78 -2.86
N LEU G 141 54.48 4.89 -2.72
CA LEU G 141 53.91 6.19 -3.08
C LEU G 141 53.92 6.38 -4.61
N LEU G 142 54.90 5.77 -5.26
CA LEU G 142 54.95 5.77 -6.72
C LEU G 142 53.74 5.03 -7.25
N ALA G 143 53.42 3.89 -6.64
CA ALA G 143 52.25 3.11 -7.07
C ALA G 143 50.93 3.87 -6.87
N GLN G 144 50.82 4.59 -5.76
CA GLN G 144 49.68 5.47 -5.50
C GLN G 144 49.57 6.61 -6.49
N ASP G 145 50.70 7.24 -6.78
CA ASP G 145 50.75 8.36 -7.69
C ASP G 145 50.24 7.99 -9.10
N ILE G 146 50.85 6.97 -9.71
CA ILE G 146 50.51 6.64 -11.09
C ILE G 146 49.18 5.91 -11.17
N SER G 147 48.93 5.06 -10.18
CA SER G 147 47.87 4.06 -10.29
C SER G 147 46.56 4.56 -9.67
N SER G 148 46.64 5.57 -8.81
CA SER G 148 45.40 6.08 -8.19
C SER G 148 45.20 7.56 -8.41
N TYR G 149 46.15 8.38 -7.97
CA TYR G 149 45.99 9.82 -7.97
C TYR G 149 45.79 10.32 -9.41
N SER G 150 46.38 9.63 -10.37
CA SER G 150 46.25 9.98 -11.77
C SER G 150 44.80 10.14 -12.27
N LEU G 151 43.91 9.32 -11.75
CA LEU G 151 42.48 9.42 -12.04
C LEU G 151 41.77 10.68 -11.51
N THR G 152 42.13 11.09 -10.31
CA THR G 152 41.67 12.36 -9.74
C THR G 152 41.99 13.59 -10.56
N ILE G 153 43.27 13.72 -10.95
CA ILE G 153 43.70 14.88 -11.68
C ILE G 153 43.24 14.83 -13.15
N VAL G 154 43.21 13.64 -13.75
CA VAL G 154 42.56 13.46 -15.05
C VAL G 154 41.07 13.87 -15.03
N ALA G 155 40.33 13.42 -14.02
CA ALA G 155 38.92 13.77 -13.84
C ALA G 155 38.77 15.27 -13.76
N HIS G 156 39.63 15.91 -12.97
CA HIS G 156 39.53 17.34 -12.75
C HIS G 156 39.73 18.08 -14.07
N GLU G 157 40.79 17.76 -14.82
CA GLU G 157 41.04 18.38 -16.11
C GLU G 157 40.05 17.97 -17.20
N ALA G 158 39.68 16.70 -17.26
CA ALA G 158 38.68 16.23 -18.21
C ALA G 158 37.27 16.80 -17.92
N LYS G 159 36.92 16.96 -16.65
CA LYS G 159 35.70 17.71 -16.33
C LYS G 159 35.53 18.97 -17.19
N LYS G 160 36.64 19.69 -17.40
CA LYS G 160 36.66 20.94 -18.16
C LYS G 160 36.15 20.86 -19.61
N LEU G 161 36.18 19.65 -20.20
CA LEU G 161 35.69 19.39 -21.55
C LEU G 161 34.42 18.57 -21.55
N MET G 162 33.76 18.48 -20.41
CA MET G 162 32.44 17.85 -20.38
C MET G 162 31.37 18.76 -19.74
N PRO G 163 31.12 19.94 -20.33
CA PRO G 163 30.17 20.83 -19.64
C PRO G 163 28.76 20.21 -19.50
N GLU G 164 28.43 19.25 -20.38
CA GLU G 164 27.13 18.60 -20.45
C GLU G 164 27.02 17.27 -19.68
N GLY G 165 28.17 16.77 -19.22
CA GLY G 165 28.20 15.59 -18.37
C GLY G 165 29.03 14.58 -19.11
N GLY G 166 29.21 13.41 -18.52
CA GLY G 166 29.98 12.38 -19.18
C GLY G 166 30.33 11.19 -18.34
N SER G 167 31.33 10.47 -18.83
CA SER G 167 31.58 9.18 -18.22
C SER G 167 33.07 8.91 -18.11
N ILE G 168 33.54 8.58 -16.91
CA ILE G 168 34.95 8.22 -16.67
C ILE G 168 35.05 6.79 -16.16
N VAL G 169 35.90 5.99 -16.77
CA VAL G 169 36.01 4.60 -16.42
C VAL G 169 37.46 4.26 -16.16
N ALA G 170 37.75 3.63 -15.04
CA ALA G 170 39.11 3.20 -14.69
C ALA G 170 39.22 1.66 -14.59
N THR G 171 40.40 1.13 -14.81
CA THR G 171 40.50 -0.31 -14.93
C THR G 171 41.08 -0.79 -13.62
N THR G 172 40.43 -1.72 -12.93
CA THR G 172 41.03 -2.19 -11.69
C THR G 172 41.17 -3.73 -11.71
N TYR G 173 41.48 -4.33 -10.58
CA TYR G 173 41.61 -5.79 -10.48
C TYR G 173 41.20 -6.18 -9.03
N LEU G 174 40.75 -7.42 -8.89
CA LEU G 174 40.28 -8.12 -7.70
C LEU G 174 41.24 -8.02 -6.52
N GLY G 175 42.52 -7.82 -6.85
CA GLY G 175 43.53 -7.51 -5.83
C GLY G 175 43.30 -6.22 -5.02
N GLY G 176 42.51 -5.28 -5.53
CA GLY G 176 42.10 -4.13 -4.73
C GLY G 176 41.11 -4.45 -3.64
N GLU G 177 40.40 -5.59 -3.76
CA GLU G 177 39.29 -5.97 -2.86
C GLU G 177 39.68 -7.07 -1.89
N PHE G 178 40.62 -7.95 -2.29
CA PHE G 178 41.14 -9.05 -1.51
C PHE G 178 42.65 -9.11 -1.64
N ALA G 179 43.32 -9.66 -0.64
CA ALA G 179 44.77 -9.82 -0.78
C ALA G 179 45.01 -11.02 -1.70
N VAL G 180 45.54 -10.80 -2.90
CA VAL G 180 45.87 -11.77 -3.92
C VAL G 180 47.40 -11.99 -3.88
N GLN G 181 47.82 -13.24 -3.87
CA GLN G 181 49.26 -13.58 -3.70
C GLN G 181 50.08 -12.84 -4.77
N ASN G 182 51.19 -12.18 -4.40
CA ASN G 182 52.12 -11.56 -5.37
C ASN G 182 51.66 -10.25 -5.99
N TYR G 183 50.46 -9.77 -5.70
CA TYR G 183 50.01 -8.51 -6.26
C TYR G 183 50.43 -7.31 -5.37
N ASN G 184 50.55 -7.57 -4.06
CA ASN G 184 51.30 -6.73 -3.09
C ASN G 184 50.98 -5.23 -3.18
N VAL G 185 51.97 -4.36 -3.42
CA VAL G 185 51.74 -2.93 -3.44
C VAL G 185 50.69 -2.47 -4.48
N MET G 186 50.55 -3.19 -5.58
CA MET G 186 49.55 -2.81 -6.55
C MET G 186 48.14 -3.10 -6.03
N GLY G 187 47.99 -4.16 -5.24
CA GLY G 187 46.74 -4.34 -4.50
C GLY G 187 46.30 -3.15 -3.64
N VAL G 188 47.19 -2.63 -2.79
CA VAL G 188 46.90 -1.38 -2.07
C VAL G 188 46.68 -0.22 -3.06
N ALA G 189 47.37 -0.14 -4.20
CA ALA G 189 47.05 0.99 -5.10
C ALA G 189 45.67 0.88 -5.81
N LYS G 190 45.27 -0.35 -6.09
CA LYS G 190 43.91 -0.66 -6.54
C LYS G 190 42.82 -0.38 -5.51
N ALA G 191 43.09 -0.62 -4.21
CA ALA G 191 42.05 -0.39 -3.19
C ALA G 191 41.76 1.12 -3.16
N SER G 192 42.87 1.85 -3.29
CA SER G 192 42.92 3.29 -3.37
C SER G 192 42.21 3.82 -4.64
N LEU G 193 42.45 3.18 -5.79
CA LEU G 193 41.78 3.53 -7.04
C LEU G 193 40.28 3.36 -6.90
N GLU G 194 39.86 2.20 -6.39
CA GLU G 194 38.46 1.91 -6.26
C GLU G 194 37.75 2.91 -5.34
N ALA G 195 38.39 3.30 -4.21
CA ALA G 195 37.78 4.36 -3.39
C ALA G 195 37.81 5.69 -4.11
N ASN G 196 38.87 5.95 -4.87
CA ASN G 196 38.94 7.15 -5.74
C ASN G 196 37.70 7.29 -6.65
N VAL G 197 37.35 6.22 -7.34
CA VAL G 197 36.12 6.16 -8.16
C VAL G 197 34.85 6.57 -7.41
N LYS G 198 34.70 6.06 -6.20
CA LYS G 198 33.53 6.37 -5.40
C LYS G 198 33.46 7.85 -5.00
N TYR G 199 34.59 8.41 -4.57
CA TYR G 199 34.65 9.77 -4.07
C TYR G 199 34.51 10.72 -5.25
N LEU G 200 35.08 10.32 -6.39
CA LEU G 200 34.88 11.10 -7.63
C LEU G 200 33.42 11.06 -8.04
N ALA G 201 32.79 9.88 -7.93
CA ALA G 201 31.37 9.72 -8.18
C ALA G 201 30.46 10.70 -7.42
N LEU G 202 30.63 10.75 -6.10
CA LEU G 202 29.86 11.61 -5.23
C LEU G 202 30.12 13.10 -5.52
N ASP G 203 31.38 13.42 -5.77
CA ASP G 203 31.85 14.79 -6.17
C ASP G 203 31.31 15.27 -7.53
N LEU G 204 31.36 14.45 -8.58
CA LEU G 204 31.09 15.01 -9.89
C LEU G 204 29.71 14.62 -10.42
N GLY G 205 29.03 13.76 -9.65
CA GLY G 205 27.60 13.46 -9.83
C GLY G 205 26.68 14.63 -10.14
N PRO G 206 26.75 15.70 -9.32
CA PRO G 206 25.88 16.88 -9.52
C PRO G 206 26.17 17.57 -10.84
N ASP G 207 27.36 17.31 -11.40
CA ASP G 207 27.78 17.78 -12.72
C ASP G 207 27.43 16.82 -13.85
N ASN G 208 26.73 15.74 -13.50
CA ASN G 208 26.33 14.72 -14.46
C ASN G 208 27.56 13.97 -15.03
N ILE G 209 28.62 13.88 -14.24
CA ILE G 209 29.76 13.03 -14.61
C ILE G 209 29.71 11.73 -13.81
N ARG G 210 29.55 10.62 -14.53
CA ARG G 210 29.50 9.31 -13.85
C ARG G 210 30.90 8.74 -13.85
N VAL G 211 31.26 8.01 -12.80
CA VAL G 211 32.64 7.51 -12.60
C VAL G 211 32.54 6.07 -12.11
N ASN G 212 33.21 5.13 -12.78
CA ASN G 212 33.01 3.74 -12.51
C ASN G 212 34.32 3.02 -12.75
N ALA G 213 34.35 1.73 -12.46
CA ALA G 213 35.51 0.89 -12.73
C ALA G 213 35.10 -0.45 -13.31
N ILE G 214 35.99 -1.01 -14.15
CA ILE G 214 35.99 -2.40 -14.61
C ILE G 214 37.11 -3.15 -13.89
N SER G 215 36.71 -4.17 -13.15
CA SER G 215 37.65 -5.06 -12.51
C SER G 215 37.83 -6.15 -13.53
N ALA G 216 38.88 -6.05 -14.38
CA ALA G 216 39.15 -7.07 -15.39
C ALA G 216 39.73 -8.33 -14.73
N GLY G 217 39.47 -9.47 -15.37
CA GLY G 217 40.17 -10.73 -15.12
C GLY G 217 41.60 -10.64 -15.55
N PRO G 218 42.45 -11.62 -15.12
CA PRO G 218 43.80 -11.55 -15.68
C PRO G 218 43.89 -11.81 -17.21
N ILE G 219 44.79 -11.09 -17.88
CA ILE G 219 44.86 -10.98 -19.34
C ILE G 219 46.34 -10.80 -19.71
N ARG G 220 46.90 -11.62 -20.61
CA ARG G 220 48.33 -11.51 -20.93
C ARG G 220 48.53 -10.21 -21.66
N THR G 221 49.17 -9.27 -20.96
CA THR G 221 49.56 -7.97 -21.48
C THR G 221 51.03 -7.76 -21.20
N LEU G 222 51.60 -6.70 -21.78
CA LEU G 222 52.97 -6.30 -21.49
C LEU G 222 53.18 -6.21 -19.97
N SER G 223 52.23 -5.62 -19.25
CA SER G 223 52.36 -5.38 -17.81
C SER G 223 52.14 -6.63 -16.91
N ALA G 224 51.42 -7.63 -17.43
CA ALA G 224 51.23 -8.92 -16.77
C ALA G 224 52.53 -9.62 -16.40
N LYS G 225 53.59 -9.29 -17.15
CA LYS G 225 54.93 -9.82 -16.94
C LYS G 225 55.56 -9.37 -15.62
N GLY G 226 54.93 -8.38 -15.00
CA GLY G 226 55.37 -7.86 -13.71
C GLY G 226 54.79 -8.64 -12.55
N VAL G 227 53.76 -9.43 -12.80
CA VAL G 227 53.10 -10.10 -11.68
C VAL G 227 53.64 -11.53 -11.50
N GLY G 228 54.28 -11.81 -10.37
CA GLY G 228 54.66 -13.17 -10.05
C GLY G 228 53.55 -14.18 -10.21
N GLY G 229 53.82 -15.29 -10.89
CA GLY G 229 52.92 -16.44 -10.88
C GLY G 229 51.68 -16.23 -11.75
N PHE G 230 51.77 -15.25 -12.62
CA PHE G 230 50.66 -14.92 -13.51
C PHE G 230 50.11 -16.11 -14.33
N ASN G 231 50.94 -17.02 -14.79
CA ASN G 231 50.44 -18.24 -15.42
C ASN G 231 49.60 -19.13 -14.50
N THR G 232 49.88 -19.10 -13.21
CA THR G 232 49.11 -19.91 -12.28
C THR G 232 47.79 -19.22 -11.96
N ILE G 233 47.76 -17.88 -12.01
CA ILE G 233 46.54 -17.06 -11.90
C ILE G 233 45.57 -17.36 -13.05
N LEU G 234 46.09 -17.32 -14.27
CA LEU G 234 45.33 -17.66 -15.47
C LEU G 234 44.67 -19.03 -15.36
N LYS G 235 45.46 -20.01 -14.96
CA LYS G 235 45.04 -21.40 -14.91
C LYS G 235 43.89 -21.55 -13.94
N GLU G 236 43.96 -20.80 -12.83
CA GLU G 236 43.01 -20.99 -11.75
C GLU G 236 41.64 -20.43 -12.16
N ILE G 237 41.62 -19.33 -12.92
CA ILE G 237 40.38 -18.86 -13.57
C ILE G 237 39.70 -19.95 -14.39
N GLU G 238 40.46 -20.64 -15.21
CA GLU G 238 39.88 -21.65 -16.06
C GLU G 238 39.32 -22.77 -15.23
N GLU G 239 40.03 -23.14 -14.16
CA GLU G 239 39.62 -24.26 -13.33
C GLU G 239 38.45 -23.96 -12.39
N ARG G 240 38.30 -22.72 -11.93
CA ARG G 240 37.48 -22.41 -10.77
CA ARG G 240 37.47 -22.43 -10.77
C ARG G 240 36.41 -21.35 -11.07
N ALA G 241 36.68 -20.42 -11.98
CA ALA G 241 35.66 -19.40 -12.39
C ALA G 241 34.36 -19.99 -12.98
N PRO G 242 33.22 -19.38 -12.68
CA PRO G 242 32.01 -19.96 -13.21
C PRO G 242 32.08 -20.25 -14.70
N LEU G 243 32.61 -19.33 -15.52
CA LEU G 243 32.54 -19.62 -16.97
C LEU G 243 33.64 -20.58 -17.36
N LYS G 244 34.49 -20.93 -16.40
CA LYS G 244 35.60 -21.89 -16.64
C LYS G 244 36.46 -21.50 -17.85
N ARG G 245 36.72 -20.21 -18.01
CA ARG G 245 37.53 -19.70 -19.12
C ARG G 245 38.06 -18.30 -18.75
N ASN G 246 39.19 -17.91 -19.34
CA ASN G 246 39.68 -16.56 -19.09
C ASN G 246 38.97 -15.51 -19.96
N VAL G 247 39.08 -14.24 -19.61
CA VAL G 247 38.48 -13.20 -20.46
C VAL G 247 39.53 -12.56 -21.36
N ASP G 248 39.04 -11.79 -22.32
CA ASP G 248 39.94 -10.97 -23.09
C ASP G 248 39.59 -9.48 -23.12
N GLN G 249 40.46 -8.76 -23.84
CA GLN G 249 40.49 -7.31 -23.88
C GLN G 249 39.22 -6.80 -24.54
N VAL G 250 38.77 -7.45 -25.59
CA VAL G 250 37.51 -7.07 -26.23
C VAL G 250 36.30 -7.19 -25.27
N GLU G 251 36.31 -8.20 -24.40
CA GLU G 251 35.25 -8.30 -23.39
C GLU G 251 35.25 -7.12 -22.44
N VAL G 252 36.44 -6.67 -22.03
CA VAL G 252 36.55 -5.41 -21.26
C VAL G 252 36.06 -4.21 -22.05
N GLY G 253 36.44 -4.16 -23.33
CA GLY G 253 35.95 -3.10 -24.19
C GLY G 253 34.43 -3.06 -24.37
N LYS G 254 33.79 -4.23 -24.49
CA LYS G 254 32.31 -4.28 -24.61
C LYS G 254 31.64 -3.74 -23.34
N THR G 255 32.18 -4.01 -22.16
CA THR G 255 31.62 -3.42 -20.96
C THR G 255 31.97 -1.95 -20.84
N ALA G 256 33.16 -1.55 -21.28
CA ALA G 256 33.52 -0.12 -21.31
C ALA G 256 32.52 0.67 -22.16
N ALA G 257 32.12 0.08 -23.28
CA ALA G 257 31.18 0.74 -24.17
C ALA G 257 29.83 0.96 -23.48
N TYR G 258 29.43 -0.06 -22.72
CA TYR G 258 28.25 0.11 -21.88
C TYR G 258 28.39 1.31 -20.89
N LEU G 259 29.46 1.31 -20.08
CA LEU G 259 29.68 2.30 -19.03
C LEU G 259 29.88 3.72 -19.60
N LEU G 260 30.51 3.79 -20.77
CA LEU G 260 30.82 5.06 -21.46
C LEU G 260 29.67 5.59 -22.31
N SER G 261 28.58 4.85 -22.37
CA SER G 261 27.44 5.26 -23.15
C SER G 261 26.22 5.55 -22.28
N ASP G 262 25.12 5.91 -22.93
CA ASP G 262 23.86 6.22 -22.23
C ASP G 262 23.17 4.97 -21.66
N LEU G 263 23.49 3.79 -22.19
CA LEU G 263 22.96 2.57 -21.61
C LEU G 263 23.11 2.52 -20.08
N SER G 264 24.18 3.08 -19.53
CA SER G 264 24.40 2.98 -18.10
C SER G 264 24.10 4.28 -17.38
N SER G 265 23.12 5.07 -17.84
N SER G 265 23.22 5.11 -17.94
CA SER G 265 22.94 6.44 -17.33
CA SER G 265 22.71 6.22 -17.16
C SER G 265 22.65 6.58 -15.82
C SER G 265 22.13 5.62 -15.89
N GLY G 266 22.23 5.50 -15.18
N GLY G 266 22.41 6.24 -14.76
CA GLY G 266 21.89 5.51 -13.75
CA GLY G 266 21.95 5.72 -13.47
C GLY G 266 22.89 4.78 -12.88
C GLY G 266 22.97 4.84 -12.76
N VAL G 267 24.03 4.47 -13.47
CA VAL G 267 25.11 3.72 -12.84
C VAL G 267 26.33 4.64 -12.66
N THR G 268 26.67 4.96 -11.43
CA THR G 268 27.96 5.60 -11.14
C THR G 268 28.45 5.05 -9.83
N GLY G 269 29.77 5.09 -9.65
CA GLY G 269 30.39 4.65 -8.39
C GLY G 269 30.46 3.12 -8.37
N GLU G 270 30.34 2.48 -9.53
CA GLU G 270 30.16 1.03 -9.55
C GLU G 270 31.46 0.40 -10.00
N ASN G 271 31.63 -0.88 -9.68
CA ASN G 271 32.76 -1.71 -10.10
C ASN G 271 32.22 -2.98 -10.77
N ILE G 272 32.26 -3.04 -12.09
CA ILE G 272 31.83 -4.26 -12.79
C ILE G 272 33.00 -5.21 -12.98
N HIS G 273 32.81 -6.45 -12.62
CA HIS G 273 33.90 -7.44 -12.76
C HIS G 273 33.74 -8.08 -14.11
N VAL G 274 34.69 -7.83 -15.02
CA VAL G 274 34.63 -8.55 -16.29
C VAL G 274 35.57 -9.74 -16.15
N ASP G 275 35.07 -10.76 -15.47
CA ASP G 275 36.08 -11.70 -15.04
C ASP G 275 35.60 -13.15 -15.01
N SER G 276 34.58 -13.50 -15.80
CA SER G 276 34.09 -14.89 -15.85
C SER G 276 33.46 -15.35 -14.53
N GLY G 277 33.15 -14.41 -13.64
CA GLY G 277 32.43 -14.74 -12.43
C GLY G 277 33.30 -14.99 -11.23
N PHE G 278 34.62 -14.92 -11.37
CA PHE G 278 35.60 -15.40 -10.34
C PHE G 278 35.51 -14.60 -9.03
N HIS G 279 35.03 -13.34 -9.14
CA HIS G 279 34.86 -12.46 -7.98
C HIS G 279 33.78 -13.08 -7.10
N ALA G 280 32.84 -13.84 -7.69
CA ALA G 280 31.66 -14.20 -6.94
C ALA G 280 31.85 -15.46 -6.16
N ILE G 281 32.99 -16.11 -6.38
CA ILE G 281 33.20 -17.45 -5.79
C ILE G 281 34.39 -17.47 -4.81
N LYS G 282 34.55 -18.60 -4.12
CA LYS G 282 35.59 -18.70 -3.12
C LYS G 282 36.00 -20.17 -3.04
N ASN H 29 43.06 -11.26 30.23
CA ASN H 29 44.08 -10.72 31.17
C ASN H 29 45.45 -10.66 30.52
N LEU H 30 46.05 -9.47 30.54
CA LEU H 30 47.17 -9.24 29.65
C LEU H 30 48.45 -8.98 30.43
N GLU H 31 48.53 -9.52 31.64
CA GLU H 31 49.76 -9.47 32.44
C GLU H 31 50.87 -10.22 31.71
N ASN H 32 52.09 -9.72 31.80
CA ASN H 32 53.18 -10.27 30.98
C ASN H 32 52.95 -10.12 29.47
N LYS H 33 52.13 -9.14 29.09
CA LYS H 33 52.09 -8.69 27.71
C LYS H 33 52.62 -7.26 27.63
N THR H 34 53.20 -6.93 26.48
CA THR H 34 53.70 -5.60 26.20
C THR H 34 53.17 -5.13 24.85
N TYR H 35 52.59 -3.95 24.82
CA TYR H 35 52.06 -3.40 23.58
C TYR H 35 52.58 -1.99 23.31
N VAL H 36 52.86 -1.69 22.04
CA VAL H 36 53.21 -0.33 21.66
C VAL H 36 51.94 0.36 21.18
N ILE H 37 51.68 1.53 21.76
CA ILE H 37 50.52 2.34 21.41
C ILE H 37 51.04 3.60 20.71
N MET H 38 50.75 3.73 19.41
CA MET H 38 51.14 4.89 18.59
C MET H 38 49.92 5.80 18.30
N GLY H 39 50.00 7.05 18.73
CA GLY H 39 49.02 8.05 18.38
C GLY H 39 48.26 8.68 19.54
N ILE H 40 48.77 8.63 20.77
CA ILE H 40 48.08 9.42 21.79
C ILE H 40 48.44 10.89 21.59
N ALA H 41 47.44 11.74 21.43
CA ALA H 41 47.70 13.18 21.43
C ALA H 41 47.24 13.86 22.74
N ASN H 42 46.02 13.57 23.19
CA ASN H 42 45.53 14.13 24.46
C ASN H 42 44.59 13.12 25.15
N LYS H 43 43.85 13.56 26.16
CA LYS H 43 42.91 12.65 26.81
C LYS H 43 41.75 12.22 25.92
N ARG H 44 41.45 12.92 24.82
CA ARG H 44 40.35 12.48 23.95
C ARG H 44 40.74 11.48 22.86
N SER H 45 42.04 11.21 22.71
CA SER H 45 42.51 10.29 21.65
C SER H 45 41.95 8.90 21.82
N ILE H 46 41.55 8.30 20.69
CA ILE H 46 41.15 6.91 20.64
C ILE H 46 42.28 6.05 21.17
N ALA H 47 43.54 6.37 20.85
CA ALA H 47 44.62 5.58 21.43
C ALA H 47 44.69 5.66 22.96
N PHE H 48 44.14 6.69 23.60
CA PHE H 48 44.20 6.74 25.07
C PHE H 48 43.12 5.84 25.67
N GLY H 49 42.00 5.69 24.97
CA GLY H 49 40.99 4.70 25.34
C GLY H 49 41.55 3.28 25.27
N VAL H 50 42.25 2.99 24.17
CA VAL H 50 43.00 1.75 24.09
C VAL H 50 43.91 1.62 25.32
N ALA H 51 44.71 2.64 25.61
CA ALA H 51 45.67 2.59 26.74
C ALA H 51 44.99 2.29 28.08
N LYS H 52 43.95 3.03 28.40
CA LYS H 52 43.21 2.75 29.61
C LYS H 52 42.78 1.29 29.74
N VAL H 53 42.25 0.73 28.66
CA VAL H 53 41.68 -0.60 28.74
C VAL H 53 42.79 -1.61 28.97
N LEU H 54 43.84 -1.52 28.16
CA LEU H 54 44.96 -2.43 28.21
C LEU H 54 45.73 -2.30 29.53
N ASP H 55 45.86 -1.07 30.01
CA ASP H 55 46.45 -0.78 31.30
C ASP H 55 45.67 -1.46 32.42
N GLN H 56 44.35 -1.28 32.39
CA GLN H 56 43.49 -1.95 33.35
C GLN H 56 43.63 -3.45 33.36
N LEU H 57 43.91 -4.02 32.19
CA LEU H 57 43.99 -5.46 32.03
C LEU H 57 45.38 -6.03 32.38
N GLY H 58 46.30 -5.14 32.71
CA GLY H 58 47.57 -5.57 33.31
C GLY H 58 48.75 -5.63 32.35
N ALA H 59 48.55 -5.19 31.11
CA ALA H 59 49.64 -5.01 30.14
C ALA H 59 50.68 -3.93 30.51
N LYS H 60 51.94 -4.19 30.18
CA LYS H 60 52.96 -3.17 30.09
C LYS H 60 52.75 -2.43 28.75
N LEU H 61 52.72 -1.10 28.82
CA LEU H 61 52.53 -0.25 27.66
C LEU H 61 53.76 0.59 27.36
N VAL H 62 53.99 0.77 26.06
CA VAL H 62 55.01 1.64 25.51
C VAL H 62 54.27 2.63 24.61
N PHE H 63 54.62 3.91 24.72
CA PHE H 63 53.95 4.92 23.93
C PHE H 63 54.86 5.60 22.91
N THR H 64 54.37 5.79 21.69
CA THR H 64 55.15 6.59 20.77
C THR H 64 54.42 7.89 20.43
N TYR H 65 55.15 8.97 20.17
CA TYR H 65 54.52 10.26 19.91
C TYR H 65 55.30 11.01 18.80
N ARG H 66 54.67 11.99 18.15
CA ARG H 66 55.27 12.59 16.97
C ARG H 66 56.27 13.71 17.28
N LYS H 67 55.90 14.64 18.14
CA LYS H 67 56.66 15.86 18.33
C LYS H 67 57.19 15.99 19.77
N GLU H 68 58.48 16.29 19.92
CA GLU H 68 59.13 16.37 21.25
C GLU H 68 58.48 17.38 22.19
N ARG H 69 57.90 18.44 21.63
CA ARG H 69 57.18 19.44 22.41
C ARG H 69 55.88 18.92 23.03
N SER H 70 55.38 17.75 22.63
CA SER H 70 54.24 17.22 23.35
C SER H 70 54.54 15.95 24.14
N ARG H 71 55.81 15.73 24.45
CA ARG H 71 56.18 14.69 25.42
C ARG H 71 55.75 15.04 26.85
N LYS H 72 55.94 16.29 27.28
CA LYS H 72 55.54 16.71 28.64
C LYS H 72 54.04 16.53 28.95
N GLU H 73 53.17 16.79 27.97
CA GLU H 73 51.72 16.60 28.11
C GLU H 73 51.35 15.12 28.11
N LEU H 74 52.08 14.33 27.33
CA LEU H 74 51.83 12.89 27.32
C LEU H 74 52.24 12.28 28.64
N GLU H 75 53.42 12.64 29.15
CA GLU H 75 53.83 12.23 30.49
C GLU H 75 52.81 12.52 31.57
N LYS H 76 52.17 13.68 31.52
CA LYS H 76 51.14 14.04 32.50
C LYS H 76 49.92 13.13 32.38
N LEU H 77 49.51 12.85 31.14
CA LEU H 77 48.36 11.97 30.87
C LEU H 77 48.57 10.62 31.51
N LEU H 78 49.77 10.08 31.37
CA LEU H 78 50.03 8.70 31.76
C LEU H 78 50.23 8.47 33.26
N GLU H 79 50.27 9.56 34.04
CA GLU H 79 50.15 9.48 35.49
C GLU H 79 48.81 8.87 35.92
N GLN H 80 47.80 8.99 35.05
CA GLN H 80 46.49 8.37 35.27
C GLN H 80 46.51 6.84 35.21
N LEU H 81 47.43 6.24 34.46
CA LEU H 81 47.47 4.79 34.32
C LEU H 81 48.19 4.14 35.50
N ASN H 82 48.12 2.82 35.61
CA ASN H 82 48.87 2.12 36.65
C ASN H 82 50.20 1.59 36.14
N GLN H 83 50.76 2.25 35.13
CA GLN H 83 52.08 1.91 34.63
C GLN H 83 53.14 2.28 35.67
N PRO H 84 54.10 1.39 35.97
CA PRO H 84 55.17 1.70 36.92
C PRO H 84 56.23 2.62 36.33
N GLU H 85 56.39 2.63 35.02
CA GLU H 85 57.33 3.56 34.42
C GLU H 85 56.94 4.00 33.01
N ALA H 86 57.39 5.19 32.64
CA ALA H 86 57.10 5.78 31.34
C ALA H 86 58.04 5.18 30.30
N HIS H 87 57.44 4.58 29.29
CA HIS H 87 58.21 4.16 28.15
C HIS H 87 57.72 4.96 26.96
N LEU H 88 58.46 6.03 26.69
CA LEU H 88 58.07 7.01 25.68
C LEU H 88 59.17 7.23 24.66
N TYR H 89 58.75 7.17 23.39
CA TYR H 89 59.66 7.24 22.27
C TYR H 89 59.05 8.18 21.26
N GLN H 90 59.84 9.10 20.76
CA GLN H 90 59.35 9.98 19.70
C GLN H 90 59.54 9.33 18.35
N ILE H 91 58.47 9.04 17.64
CA ILE H 91 58.58 8.48 16.29
C ILE H 91 57.64 9.25 15.38
N ASP H 92 58.19 9.98 14.42
CA ASP H 92 57.37 10.50 13.32
C ASP H 92 57.41 9.49 12.16
N VAL H 93 56.24 9.01 11.74
CA VAL H 93 56.17 7.90 10.79
C VAL H 93 56.44 8.33 9.34
N GLN H 94 56.70 9.62 9.13
CA GLN H 94 57.12 10.06 7.81
C GLN H 94 58.60 9.76 7.55
N SER H 95 59.31 9.39 8.63
CA SER H 95 60.73 9.04 8.55
C SER H 95 60.97 7.55 8.81
N ASP H 96 61.53 6.83 7.84
CA ASP H 96 61.92 5.43 8.06
C ASP H 96 62.90 5.29 9.21
N GLU H 97 63.88 6.19 9.26
CA GLU H 97 64.91 6.14 10.27
C GLU H 97 64.31 6.19 11.66
N GLU H 98 63.34 7.08 11.85
CA GLU H 98 62.72 7.25 13.16
C GLU H 98 61.96 5.96 13.57
N VAL H 99 61.21 5.37 12.64
CA VAL H 99 60.55 4.08 12.87
C VAL H 99 61.55 2.97 13.14
N ILE H 100 62.58 2.87 12.31
CA ILE H 100 63.55 1.79 12.49
C ILE H 100 64.21 1.98 13.85
N ASN H 101 64.64 3.20 14.14
CA ASN H 101 65.47 3.41 15.31
C ASN H 101 64.59 3.35 16.54
N GLY H 102 63.37 3.92 16.45
CA GLY H 102 62.40 3.82 17.54
C GLY H 102 62.09 2.41 18.03
N PHE H 103 61.78 1.51 17.09
CA PHE H 103 61.46 0.14 17.48
C PHE H 103 62.68 -0.67 17.97
N GLU H 104 63.86 -0.33 17.45
CA GLU H 104 65.09 -0.94 17.93
C GLU H 104 65.40 -0.55 19.38
N GLN H 105 65.23 0.73 19.70
CA GLN H 105 65.37 1.20 21.05
C GLN H 105 64.37 0.50 21.97
N ILE H 106 63.14 0.29 21.48
CA ILE H 106 62.08 -0.28 22.29
C ILE H 106 62.46 -1.71 22.66
N GLY H 107 62.90 -2.48 21.67
CA GLY H 107 63.47 -3.82 21.90
C GLY H 107 64.56 -3.88 22.94
N LYS H 108 65.51 -2.95 22.89
CA LYS H 108 66.60 -2.88 23.86
C LYS H 108 66.12 -2.49 25.25
N ASP H 109 65.08 -1.66 25.34
CA ASP H 109 64.61 -1.18 26.63
C ASP H 109 63.62 -2.10 27.33
N VAL H 110 62.89 -2.91 26.56
CA VAL H 110 61.65 -3.50 27.02
C VAL H 110 61.65 -5.00 26.65
N GLY H 111 62.41 -5.33 25.62
CA GLY H 111 62.44 -6.71 25.11
C GLY H 111 61.37 -6.91 24.05
N ASN H 112 61.05 -8.17 23.82
CA ASN H 112 60.05 -8.56 22.84
C ASN H 112 58.68 -7.99 23.17
N ILE H 113 57.95 -7.61 22.12
CA ILE H 113 56.57 -7.15 22.26
C ILE H 113 55.53 -8.16 21.77
N ASP H 114 54.28 -7.95 22.20
CA ASP H 114 53.16 -8.81 21.81
C ASP H 114 52.26 -8.15 20.77
N GLY H 115 52.44 -6.84 20.56
CA GLY H 115 51.66 -6.19 19.50
C GLY H 115 51.72 -4.69 19.49
N VAL H 116 51.02 -4.09 18.52
CA VAL H 116 51.09 -2.67 18.21
C VAL H 116 49.66 -2.19 17.98
N TYR H 117 49.28 -1.10 18.64
CA TYR H 117 48.07 -0.38 18.25
C TYR H 117 48.46 0.88 17.46
N HIS H 118 48.07 0.87 16.19
CA HIS H 118 48.32 1.99 15.28
C HIS H 118 47.11 2.95 15.26
N SER H 119 47.31 4.20 15.66
CA SER H 119 46.19 5.15 15.74
C SER H 119 46.62 6.46 15.08
N ILE H 120 47.26 6.35 13.93
CA ILE H 120 47.88 7.53 13.32
C ILE H 120 47.25 7.85 11.97
N ALA H 121 46.94 9.13 11.76
CA ALA H 121 46.52 9.57 10.44
C ALA H 121 46.71 11.06 10.25
N PHE H 122 46.78 11.50 9.00
CA PHE H 122 46.92 12.91 8.71
C PHE H 122 46.56 13.15 7.24
N ALA H 123 45.86 14.26 6.99
CA ALA H 123 45.63 14.86 5.68
C ALA H 123 45.69 16.39 5.85
N ASN H 124 45.96 17.14 4.78
CA ASN H 124 45.83 18.59 4.85
C ASN H 124 44.39 19.02 5.06
N MET H 125 44.22 19.79 6.14
N MET H 125 44.22 19.95 5.99
CA MET H 125 42.95 20.44 6.47
CA MET H 125 42.98 20.70 6.09
C MET H 125 42.08 20.69 5.25
C MET H 125 42.56 21.35 4.76
N GLU H 126 42.60 21.51 4.33
N GLU H 126 43.54 21.76 3.97
CA GLU H 126 41.85 21.96 3.17
CA GLU H 126 43.31 22.41 2.67
C GLU H 126 41.22 20.82 2.36
C GLU H 126 42.80 21.45 1.57
N ASP H 127 41.78 19.62 2.48
N ASP H 127 43.17 20.18 1.63
CA ASP H 127 41.36 18.47 1.66
CA ASP H 127 42.62 19.17 0.74
C ASP H 127 40.25 17.63 2.28
C ASP H 127 41.33 18.57 1.31
N LEU H 128 39.44 18.22 3.17
N LEU H 128 41.26 18.47 2.63
CA LEU H 128 38.33 17.51 3.80
CA LEU H 128 40.03 18.10 3.34
C LEU H 128 37.07 18.37 3.90
C LEU H 128 38.84 18.99 2.96
N ARG H 129 36.96 19.36 3.01
N ARG H 129 39.09 20.29 2.85
CA ARG H 129 35.69 20.00 2.68
CA ARG H 129 38.03 21.26 2.58
C ARG H 129 35.72 20.32 1.20
C ARG H 129 38.18 21.85 1.17
N GLY H 130 34.77 21.12 0.73
N GLY H 130 38.12 20.99 0.16
CA GLY H 130 34.67 21.44 -0.70
CA GLY H 130 37.76 21.39 -1.18
C GLY H 130 34.66 20.22 -1.60
C GLY H 130 36.90 20.30 -1.80
N ARG H 131 35.73 20.05 -2.37
N ARG H 131 36.62 20.40 -3.09
CA ARG H 131 35.71 19.12 -3.51
CA ARG H 131 36.07 19.29 -3.85
C ARG H 131 36.93 18.18 -3.68
C ARG H 131 37.08 18.14 -3.91
N PHE H 132 36.64 16.90 -3.81
CA PHE H 132 37.65 15.83 -3.85
C PHE H 132 38.39 15.89 -5.19
N SER H 133 37.68 16.21 -6.27
CA SER H 133 38.33 16.37 -7.57
C SER H 133 39.49 17.39 -7.58
N GLU H 134 39.48 18.34 -6.64
CA GLU H 134 40.52 19.38 -6.59
C GLU H 134 41.71 19.02 -5.70
N THR H 135 41.74 17.83 -5.10
CA THR H 135 42.88 17.45 -4.29
C THR H 135 44.23 17.58 -5.03
N SER H 136 45.22 18.23 -4.39
CA SER H 136 46.59 18.25 -4.89
C SER H 136 47.30 16.91 -4.76
N ARG H 137 48.25 16.68 -5.67
CA ARG H 137 49.07 15.47 -5.67
C ARG H 137 49.84 15.35 -4.36
N GLU H 138 50.37 16.48 -3.89
CA GLU H 138 51.18 16.47 -2.67
C GLU H 138 50.31 16.04 -1.50
N GLY H 139 49.11 16.62 -1.40
CA GLY H 139 48.22 16.36 -0.30
C GLY H 139 47.68 14.93 -0.36
N PHE H 140 47.45 14.43 -1.57
CA PHE H 140 46.93 13.06 -1.67
C PHE H 140 48.02 12.05 -1.32
N LEU H 141 49.26 12.32 -1.72
CA LEU H 141 50.36 11.42 -1.38
C LEU H 141 50.77 11.48 0.11
N LEU H 142 50.67 12.65 0.73
CA LEU H 142 50.93 12.81 2.17
C LEU H 142 49.98 12.00 3.05
N ALA H 143 48.71 12.03 2.71
CA ALA H 143 47.71 11.29 3.44
C ALA H 143 47.97 9.79 3.33
N GLN H 144 48.31 9.32 2.14
CA GLN H 144 48.71 7.91 1.91
C GLN H 144 49.93 7.57 2.75
N ASP H 145 50.90 8.46 2.69
CA ASP H 145 52.15 8.29 3.43
C ASP H 145 51.90 8.04 4.94
N ILE H 146 51.30 9.02 5.60
CA ILE H 146 51.08 8.97 7.03
C ILE H 146 50.01 8.00 7.49
N SER H 147 48.96 7.81 6.69
CA SER H 147 47.76 7.12 7.12
C SER H 147 47.69 5.66 6.63
N SER H 148 48.51 5.30 5.65
CA SER H 148 48.51 3.94 5.15
C SER H 148 49.93 3.38 5.20
N TYR H 149 50.87 4.02 4.51
CA TYR H 149 52.22 3.48 4.41
C TYR H 149 52.85 3.25 5.80
N SER H 150 52.61 4.18 6.72
CA SER H 150 53.12 4.03 8.08
C SER H 150 52.78 2.68 8.71
N LEU H 151 51.66 2.05 8.35
CA LEU H 151 51.35 0.74 8.94
C LEU H 151 52.33 -0.32 8.48
N THR H 152 52.75 -0.21 7.22
CA THR H 152 53.59 -1.22 6.58
C THR H 152 54.96 -1.22 7.22
N ILE H 153 55.57 -0.04 7.31
CA ILE H 153 56.92 0.05 7.87
C ILE H 153 56.89 -0.30 9.37
N VAL H 154 55.82 0.10 10.06
CA VAL H 154 55.63 -0.25 11.48
C VAL H 154 55.59 -1.78 11.71
N ALA H 155 54.81 -2.49 10.89
CA ALA H 155 54.72 -3.93 10.96
C ALA H 155 56.07 -4.57 10.68
N HIS H 156 56.77 -4.10 9.65
CA HIS H 156 58.10 -4.62 9.34
C HIS H 156 59.06 -4.43 10.53
N GLU H 157 58.99 -3.29 11.22
CA GLU H 157 59.94 -3.08 12.32
C GLU H 157 59.52 -3.76 13.61
N ALA H 158 58.21 -3.88 13.80
CA ALA H 158 57.65 -4.48 15.01
C ALA H 158 57.75 -6.00 14.95
N LYS H 159 57.64 -6.57 13.75
CA LYS H 159 57.85 -8.00 13.52
C LYS H 159 59.21 -8.47 14.05
N LYS H 160 60.22 -7.62 13.95
CA LYS H 160 61.50 -7.94 14.58
C LYS H 160 61.42 -8.21 16.09
N LEU H 161 60.38 -7.71 16.73
CA LEU H 161 60.26 -7.83 18.18
C LEU H 161 59.20 -8.87 18.54
N MET H 162 58.71 -9.60 17.53
CA MET H 162 57.66 -10.56 17.76
C MET H 162 58.03 -11.90 17.13
N PRO H 163 59.12 -12.50 17.65
CA PRO H 163 59.66 -13.69 16.99
C PRO H 163 58.70 -14.89 17.11
N GLU H 164 57.79 -14.82 18.06
CA GLU H 164 56.90 -15.95 18.31
C GLU H 164 55.47 -15.59 17.92
N GLY H 165 55.32 -14.51 17.16
CA GLY H 165 53.99 -14.07 16.75
C GLY H 165 53.50 -12.93 17.61
N GLY H 166 52.31 -12.43 17.31
CA GLY H 166 51.80 -11.24 17.94
C GLY H 166 50.64 -10.67 17.15
N SER H 167 50.28 -9.43 17.48
CA SER H 167 49.07 -8.87 16.92
C SER H 167 49.20 -7.38 16.64
N ILE H 168 48.79 -6.97 15.44
CA ILE H 168 48.80 -5.57 15.02
C ILE H 168 47.41 -5.05 14.64
N VAL H 169 47.05 -3.90 15.22
CA VAL H 169 45.73 -3.29 14.99
C VAL H 169 45.85 -1.85 14.55
N ALA H 170 45.17 -1.53 13.45
CA ALA H 170 45.06 -0.16 12.94
C ALA H 170 43.62 0.36 13.01
N THR H 171 43.47 1.68 13.04
CA THR H 171 42.17 2.32 13.21
C THR H 171 41.70 2.91 11.87
N THR H 172 40.56 2.49 11.38
CA THR H 172 40.04 3.03 10.15
C THR H 172 38.66 3.68 10.35
N TYR H 173 38.04 4.13 9.27
CA TYR H 173 36.70 4.71 9.40
C TYR H 173 35.84 4.23 8.22
N LEU H 174 34.53 4.11 8.40
CA LEU H 174 33.61 3.70 7.34
C LEU H 174 33.90 4.46 6.04
N GLY H 175 34.38 5.70 6.13
CA GLY H 175 34.73 6.44 4.93
C GLY H 175 35.69 5.76 3.97
N GLY H 176 36.43 4.74 4.40
CA GLY H 176 37.26 4.02 3.45
C GLY H 176 36.51 2.94 2.68
N GLU H 177 35.26 2.64 3.05
CA GLU H 177 34.48 1.62 2.36
C GLU H 177 33.43 2.26 1.51
N PHE H 178 32.96 3.43 1.94
CA PHE H 178 32.05 4.26 1.15
C PHE H 178 32.51 5.69 1.05
N ALA H 179 31.95 6.41 0.09
CA ALA H 179 32.24 7.84 -0.01
C ALA H 179 31.32 8.59 0.94
N VAL H 180 31.93 9.30 1.89
CA VAL H 180 31.28 10.05 2.94
C VAL H 180 31.62 11.53 2.68
N GLN H 181 30.59 12.36 2.69
CA GLN H 181 30.75 13.78 2.43
C GLN H 181 31.85 14.34 3.36
N ASN H 182 32.78 15.10 2.79
CA ASN H 182 33.78 15.83 3.56
C ASN H 182 34.93 14.98 4.11
N TYR H 183 34.97 13.70 3.77
CA TYR H 183 36.07 12.87 4.25
C TYR H 183 37.15 12.77 3.16
N ASN H 184 36.74 13.08 1.94
CA ASN H 184 37.59 13.16 0.77
C ASN H 184 38.91 12.35 0.82
N VAL H 185 40.04 13.06 0.78
CA VAL H 185 41.33 12.38 0.66
C VAL H 185 41.55 11.35 1.79
N MET H 186 41.00 11.58 2.98
CA MET H 186 41.18 10.61 4.06
C MET H 186 40.47 9.29 3.79
N GLY H 187 39.29 9.36 3.15
CA GLY H 187 38.60 8.15 2.68
C GLY H 187 39.40 7.23 1.77
N VAL H 188 40.01 7.80 0.73
CA VAL H 188 40.93 7.05 -0.12
C VAL H 188 42.16 6.57 0.66
N ALA H 189 42.66 7.34 1.63
CA ALA H 189 43.77 6.83 2.43
C ALA H 189 43.34 5.66 3.34
N LYS H 190 42.12 5.69 3.86
CA LYS H 190 41.65 4.56 4.67
C LYS H 190 41.39 3.31 3.82
N ALA H 191 40.86 3.47 2.61
CA ALA H 191 40.72 2.33 1.68
C ALA H 191 42.06 1.64 1.49
N SER H 192 43.07 2.46 1.26
CA SER H 192 44.46 2.02 1.20
C SER H 192 44.92 1.27 2.46
N LEU H 193 44.67 1.91 3.62
CA LEU H 193 44.99 1.33 4.93
C LEU H 193 44.30 -0.03 5.10
N GLU H 194 43.04 -0.10 4.66
CA GLU H 194 42.27 -1.30 4.89
C GLU H 194 42.78 -2.47 4.04
N ALA H 195 43.14 -2.21 2.78
CA ALA H 195 43.88 -3.20 1.97
C ALA H 195 45.28 -3.56 2.52
N ASN H 196 46.01 -2.55 2.98
CA ASN H 196 47.26 -2.71 3.70
C ASN H 196 47.15 -3.78 4.76
N VAL H 197 46.13 -3.65 5.61
CA VAL H 197 45.86 -4.66 6.64
C VAL H 197 45.67 -6.05 6.01
N LYS H 198 45.00 -6.12 4.85
CA LYS H 198 44.76 -7.44 4.25
C LYS H 198 46.06 -8.03 3.71
N TYR H 199 46.83 -7.22 2.97
CA TYR H 199 48.13 -7.65 2.45
C TYR H 199 49.09 -7.96 3.58
N LEU H 200 49.22 -7.09 4.58
CA LEU H 200 50.02 -7.47 5.78
C LEU H 200 49.62 -8.79 6.43
N ALA H 201 48.31 -9.08 6.48
CA ALA H 201 47.81 -10.29 7.13
C ALA H 201 48.22 -11.53 6.36
N LEU H 202 48.18 -11.42 5.03
CA LEU H 202 48.62 -12.53 4.18
C LEU H 202 50.13 -12.71 4.29
N ASP H 203 50.89 -11.61 4.22
CA ASP H 203 52.36 -11.66 4.33
C ASP H 203 52.82 -12.27 5.64
N LEU H 204 52.19 -11.84 6.73
CA LEU H 204 52.79 -12.00 8.05
C LEU H 204 52.13 -13.16 8.79
N GLY H 205 51.04 -13.71 8.23
CA GLY H 205 50.26 -14.78 8.83
C GLY H 205 51.12 -16.00 9.11
N PRO H 206 51.99 -16.36 8.15
CA PRO H 206 52.88 -17.47 8.39
C PRO H 206 53.82 -17.22 9.57
N ASP H 207 54.01 -15.95 9.94
CA ASP H 207 54.88 -15.66 11.10
C ASP H 207 54.11 -15.66 12.43
N ASN H 208 52.85 -16.09 12.38
CA ASN H 208 51.94 -15.96 13.50
C ASN H 208 51.73 -14.51 13.99
N ILE H 209 51.79 -13.57 13.05
CA ILE H 209 51.38 -12.22 13.32
C ILE H 209 50.05 -12.00 12.61
N ARG H 210 49.08 -11.57 13.41
CA ARG H 210 47.78 -11.20 12.89
C ARG H 210 47.67 -9.68 12.77
N VAL H 211 46.93 -9.26 11.75
CA VAL H 211 46.77 -7.83 11.46
C VAL H 211 45.31 -7.65 11.13
N ASN H 212 44.71 -6.69 11.82
CA ASN H 212 43.30 -6.34 11.74
C ASN H 212 43.16 -4.82 11.91
N ALA H 213 41.95 -4.38 11.62
CA ALA H 213 41.52 -2.98 11.69
C ALA H 213 40.27 -2.94 12.59
N ILE H 214 40.13 -1.84 13.31
CA ILE H 214 38.87 -1.49 13.98
C ILE H 214 38.39 -0.26 13.24
N SER H 215 37.14 -0.34 12.81
CA SER H 215 36.50 0.77 12.12
C SER H 215 35.67 1.49 13.17
N ALA H 216 36.18 2.60 13.70
CA ALA H 216 35.51 3.33 14.80
C ALA H 216 34.40 4.20 14.23
N GLY H 217 33.28 4.28 14.92
CA GLY H 217 32.29 5.32 14.64
C GLY H 217 32.88 6.68 14.96
N PRO H 218 32.17 7.76 14.62
CA PRO H 218 32.63 9.12 14.92
C PRO H 218 32.80 9.37 16.42
N ILE H 219 33.93 9.98 16.79
CA ILE H 219 34.29 10.27 18.18
C ILE H 219 34.91 11.68 18.24
N ARG H 220 34.45 12.48 19.19
CA ARG H 220 34.97 13.83 19.33
C ARG H 220 36.43 13.77 19.87
N THR H 221 37.38 14.02 18.97
CA THR H 221 38.80 14.04 19.30
C THR H 221 39.43 15.31 18.75
N LEU H 222 40.70 15.53 19.10
CA LEU H 222 41.45 16.66 18.55
C LEU H 222 41.35 16.70 17.00
N SER H 223 41.61 15.57 16.33
CA SER H 223 41.52 15.47 14.87
C SER H 223 40.11 15.60 14.26
N ALA H 224 39.07 15.29 15.02
CA ALA H 224 37.71 15.43 14.52
C ALA H 224 37.30 16.88 14.22
N LYS H 225 37.98 17.86 14.81
CA LYS H 225 37.65 19.26 14.55
C LYS H 225 37.97 19.61 13.09
N GLY H 226 38.75 18.75 12.43
CA GLY H 226 39.25 19.00 11.09
C GLY H 226 38.27 18.53 10.03
N VAL H 227 37.39 17.61 10.40
CA VAL H 227 36.37 17.15 9.47
C VAL H 227 35.19 18.13 9.36
N GLY H 228 34.89 18.62 8.17
CA GLY H 228 33.68 19.43 8.00
C GLY H 228 32.43 18.65 8.38
N GLY H 229 31.51 19.30 9.10
CA GLY H 229 30.19 18.73 9.45
C GLY H 229 30.14 17.67 10.55
N PHE H 230 31.10 17.70 11.47
CA PHE H 230 31.24 16.62 12.44
C PHE H 230 29.99 16.38 13.29
N ASN H 231 29.44 17.44 13.90
CA ASN H 231 28.25 17.30 14.73
C ASN H 231 27.06 16.70 13.97
N THR H 232 26.92 17.05 12.70
CA THR H 232 25.92 16.49 11.83
C THR H 232 26.16 14.99 11.76
N ILE H 233 27.43 14.60 11.74
CA ILE H 233 27.80 13.18 11.63
C ILE H 233 27.41 12.47 12.93
N LEU H 234 27.69 13.11 14.07
CA LEU H 234 27.25 12.60 15.38
C LEU H 234 25.77 12.37 15.37
N LYS H 235 25.04 13.38 14.92
CA LYS H 235 23.60 13.38 15.09
C LYS H 235 23.10 12.25 14.24
N GLU H 236 23.78 11.97 13.13
CA GLU H 236 23.23 10.96 12.23
C GLU H 236 23.30 9.55 12.81
N ILE H 237 24.38 9.22 13.53
CA ILE H 237 24.52 7.95 14.21
C ILE H 237 23.45 7.78 15.28
N GLU H 238 23.32 8.80 16.11
CA GLU H 238 22.30 8.85 17.14
C GLU H 238 20.93 8.50 16.58
N GLU H 239 20.63 9.05 15.41
CA GLU H 239 19.33 8.87 14.80
C GLU H 239 19.16 7.58 14.03
N ARG H 240 20.21 7.07 13.41
CA ARG H 240 20.02 6.02 12.41
CA ARG H 240 20.05 6.02 12.39
C ARG H 240 20.72 4.69 12.74
N ALA H 241 21.83 4.72 13.47
CA ALA H 241 22.48 3.45 13.88
C ALA H 241 21.59 2.53 14.74
N PRO H 242 21.62 1.18 14.54
CA PRO H 242 20.89 0.25 15.42
C PRO H 242 20.92 0.58 16.93
N LEU H 243 22.06 0.97 17.50
CA LEU H 243 22.11 1.25 18.94
C LEU H 243 21.60 2.64 19.26
N LYS H 244 21.38 3.48 18.27
CA LYS H 244 20.85 4.83 18.50
C LYS H 244 21.68 5.58 19.54
N ARG H 245 22.98 5.34 19.55
CA ARG H 245 23.89 6.16 20.34
C ARG H 245 25.25 6.22 19.59
N ASN H 246 26.12 7.13 20.01
CA ASN H 246 27.50 7.10 19.56
C ASN H 246 28.38 6.19 20.40
N VAL H 247 29.55 5.84 19.90
CA VAL H 247 30.46 4.98 20.66
C VAL H 247 31.48 5.87 21.36
N ASP H 248 32.30 5.31 22.24
CA ASP H 248 33.39 6.11 22.81
C ASP H 248 34.75 5.43 22.69
N GLN H 249 35.80 6.16 23.10
CA GLN H 249 37.15 5.69 22.91
C GLN H 249 37.37 4.40 23.71
N VAL H 250 36.76 4.30 24.88
CA VAL H 250 36.86 3.05 25.67
C VAL H 250 36.22 1.83 24.99
N GLU H 251 35.15 2.04 24.21
CA GLU H 251 34.58 0.91 23.47
C GLU H 251 35.53 0.45 22.36
N VAL H 252 36.24 1.39 21.73
CA VAL H 252 37.30 1.02 20.81
C VAL H 252 38.42 0.26 21.53
N GLY H 253 38.79 0.72 22.72
CA GLY H 253 39.81 0.04 23.50
C GLY H 253 39.46 -1.39 23.87
N LYS H 254 38.19 -1.66 24.11
CA LYS H 254 37.76 -3.04 24.42
C LYS H 254 37.80 -3.99 23.21
N THR H 255 37.41 -3.51 22.03
CA THR H 255 37.59 -4.35 20.85
C THR H 255 39.08 -4.55 20.57
N ALA H 256 39.86 -3.51 20.87
CA ALA H 256 41.31 -3.57 20.76
C ALA H 256 41.93 -4.64 21.66
N ALA H 257 41.51 -4.69 22.92
CA ALA H 257 41.94 -5.74 23.83
C ALA H 257 41.67 -7.13 23.27
N TYR H 258 40.46 -7.36 22.75
CA TYR H 258 40.11 -8.61 22.06
C TYR H 258 41.03 -8.91 20.85
N LEU H 259 41.18 -7.94 19.96
CA LEU H 259 42.08 -8.11 18.82
C LEU H 259 43.56 -8.26 19.20
N LEU H 260 44.02 -7.62 20.25
CA LEU H 260 45.42 -7.75 20.64
C LEU H 260 45.72 -9.02 21.47
N SER H 261 44.70 -9.75 21.91
CA SER H 261 44.90 -10.89 22.81
C SER H 261 44.60 -12.23 22.10
N ASP H 262 44.74 -13.34 22.82
CA ASP H 262 44.51 -14.68 22.31
C ASP H 262 43.03 -15.01 22.10
N LEU H 263 42.13 -14.16 22.60
CA LEU H 263 40.71 -14.33 22.34
C LEU H 263 40.43 -14.31 20.84
N SER H 264 41.31 -13.68 20.07
CA SER H 264 41.06 -13.54 18.64
C SER H 264 42.04 -14.33 17.78
N SER H 265 42.59 -15.40 18.34
N SER H 265 42.59 -15.42 18.32
CA SER H 265 43.40 -16.31 17.55
CA SER H 265 43.77 -16.03 17.71
C SER H 265 42.45 -16.86 16.49
C SER H 265 43.47 -16.59 16.31
N GLY H 266 42.94 -16.97 15.26
N GLY H 266 42.19 -16.65 15.95
CA GLY H 266 42.07 -17.34 14.15
CA GLY H 266 41.75 -17.25 14.70
C GLY H 266 41.45 -16.16 13.44
C GLY H 266 41.58 -16.23 13.60
N VAL H 267 41.59 -14.97 14.03
CA VAL H 267 41.05 -13.81 13.33
C VAL H 267 42.23 -12.95 12.81
N THR H 268 42.26 -12.80 11.49
CA THR H 268 43.20 -11.90 10.86
C THR H 268 42.66 -11.42 9.51
N GLY H 269 43.15 -10.28 9.02
CA GLY H 269 42.66 -9.75 7.77
C GLY H 269 41.28 -9.13 7.96
N GLU H 270 40.89 -8.85 9.20
CA GLU H 270 39.51 -8.47 9.54
C GLU H 270 39.36 -6.97 9.92
N ASN H 271 38.12 -6.46 9.81
CA ASN H 271 37.80 -5.04 9.99
C ASN H 271 36.62 -5.08 10.96
N ILE H 272 36.79 -4.79 12.24
CA ILE H 272 35.63 -4.89 13.12
C ILE H 272 35.06 -3.51 13.29
N HIS H 273 33.78 -3.36 12.94
CA HIS H 273 33.13 -2.03 13.10
C HIS H 273 32.70 -1.82 14.55
N VAL H 274 33.31 -0.86 15.21
CA VAL H 274 32.91 -0.46 16.55
C VAL H 274 32.20 0.91 16.43
N ASP H 275 30.92 0.85 16.04
CA ASP H 275 30.19 1.98 15.48
C ASP H 275 28.68 1.90 15.67
N SER H 276 28.20 1.14 16.66
CA SER H 276 26.80 1.07 16.99
C SER H 276 25.98 0.43 15.90
N GLY H 277 26.64 -0.22 14.96
CA GLY H 277 25.93 -0.97 13.94
C GLY H 277 25.70 -0.17 12.68
N PHE H 278 26.21 1.06 12.60
CA PHE H 278 25.93 1.97 11.47
C PHE H 278 26.33 1.43 10.09
N HIS H 279 27.42 0.68 10.08
CA HIS H 279 27.92 0.01 8.90
C HIS H 279 26.95 -0.95 8.25
N ALA H 280 25.97 -1.46 9.01
CA ALA H 280 25.15 -2.55 8.47
C ALA H 280 23.80 -2.06 7.92
N ILE H 281 23.53 -0.78 8.14
CA ILE H 281 22.32 -0.19 7.67
C ILE H 281 22.50 0.73 6.47
N LYS H 282 21.43 0.98 5.72
CA LYS H 282 21.51 2.04 4.71
C LYS H 282 20.22 2.81 4.48
N GLU I . -19.69 34.09 -2.49
CA GLU I . -20.53 35.10 -3.15
C GLU I . -21.94 35.03 -2.56
O GLU I . -22.90 35.27 -3.32
CB GLU I . -20.60 34.81 -4.65
CG GLU I . -21.13 33.38 -4.86
CD GLU I . -20.74 32.79 -6.22
OE1 GLU I . -19.61 32.24 -6.28
OE2 GLU I . -21.59 32.82 -7.15
OXT GLU I . -22.01 34.72 -1.34
C1 MRD J . -51.03 11.94 -22.34
C2 MRD J . -50.01 11.45 -21.32
O2 MRD J . -49.58 12.63 -20.55
CM MRD J . -48.84 10.91 -22.12
C3 MRD J . -50.57 10.33 -20.42
C4 MRD J . -49.79 9.82 -19.19
O4 MRD J . -48.84 8.81 -19.50
C5 MRD J . -50.68 9.23 -18.10
PA NAP K . -36.13 31.40 -11.93
O1A NAP K . -35.94 31.59 -13.40
O2A NAP K . -35.83 32.58 -11.11
O5B NAP K . -37.61 30.85 -11.71
C5B NAP K . -38.25 30.78 -10.46
C4B NAP K . -39.72 31.09 -10.72
O4B NAP K . -40.42 30.96 -9.51
C3B NAP K . -39.98 32.50 -11.25
O3B NAP K . -40.63 32.44 -12.48
C2B NAP K . -40.91 33.09 -10.21
O2B NAP K . -41.90 33.94 -10.79
C1B NAP K . -41.51 31.82 -9.65
N9A NAP K . -42.24 32.03 -8.39
C8A NAP K . -41.72 32.32 -7.18
N7A NAP K . -42.75 32.51 -6.33
C5A NAP K . -43.91 32.36 -6.99
C6A NAP K . -45.23 32.51 -6.61
N6A NAP K . -45.55 32.80 -5.35
N1A NAP K . -46.20 32.25 -7.56
C2A NAP K . -45.88 31.93 -8.84
N3A NAP K . -44.58 31.91 -9.23
C4A NAP K . -43.61 32.12 -8.32
O3 NAP K . -35.14 30.24 -11.42
PN NAP K . -34.97 28.69 -11.82
O1N NAP K . -33.59 28.40 -11.45
O2N NAP K . -35.51 28.45 -13.17
O5D NAP K . -35.94 27.93 -10.78
C5D NAP K . -37.01 27.12 -11.23
C4D NAP K . -37.16 25.88 -10.37
O4D NAP K . -36.00 25.08 -10.54
C3D NAP K . -37.25 26.12 -8.86
O3D NAP K . -38.11 25.17 -8.27
C2D NAP K . -35.84 25.88 -8.35
O2D NAP K . -35.84 25.55 -6.98
C1D NAP K . -35.50 24.72 -9.27
N1N NAP K . -34.07 24.35 -9.36
C2N NAP K . -33.16 25.28 -9.81
C3N NAP K . -31.81 24.92 -9.91
C7N NAP K . -30.78 25.91 -10.38
O7N NAP K . -29.45 25.56 -10.13
N7N NAP K . -31.04 27.07 -10.96
C4N NAP K . -31.42 23.64 -9.52
C5N NAP K . -32.36 22.71 -9.06
C6N NAP K . -33.70 23.09 -8.99
P2B NAP K . -41.86 35.55 -10.68
O1X NAP K . -40.49 35.96 -11.17
O2X NAP K . -42.98 36.02 -11.55
O3X NAP K . -42.02 36.02 -9.25
C 9W7 L . -27.94 25.43 -5.76
F 9W7 L . -29.17 27.64 -8.11
N 9W7 L . -35.09 31.87 -3.40
O 9W7 L . -33.57 25.37 -5.85
CL 9W7 L . -36.25 29.32 -7.67
C1 9W7 L . -28.82 25.01 -6.91
O1 9W7 L . -33.82 27.81 -7.05
C2 9W7 L . -30.13 25.77 -7.04
O2 9W7 L . -34.41 32.02 -2.39
C3 9W7 L . -31.26 25.22 -6.47
O3 9W7 L . -36.07 32.55 -3.65
C4 9W7 L . -32.48 25.90 -6.45
C5 9W7 L . -32.57 27.17 -7.06
C6 9W7 L . -34.14 28.76 -6.08
C7 9W7 L . -33.28 29.05 -5.01
C8 9W7 L . -33.57 30.09 -4.15
C9 9W7 L . -34.74 30.80 -4.33
C10 9W7 L . -35.61 30.54 -5.37
C11 9W7 L . -35.29 29.52 -6.25
C12 9W7 L . -31.46 27.71 -7.67
C13 9W7 L . -30.27 27.02 -7.63
N GLU M . -60.38 1.83 9.51
CA GLU M . -60.75 2.61 10.71
C GLU M . -60.10 4.01 10.63
O GLU M . -59.98 4.65 11.70
CB GLU M . -60.34 1.86 11.98
CG GLU M . -58.89 2.18 12.40
CD GLU M . -58.01 0.95 12.71
OE1 GLU M . -57.86 0.11 11.81
OE2 GLU M . -57.45 0.90 13.83
OXT GLU M . -59.80 4.40 9.49
C1 MRD N . -22.73 14.67 26.47
C2 MRD N . -22.91 13.91 25.16
O2 MRD N . -24.37 13.80 24.95
CM MRD N . -22.36 12.49 25.36
C3 MRD N . -22.14 14.64 24.03
C4 MRD N . -22.27 14.17 22.56
O4 MRD N . -21.77 12.85 22.30
C5 MRD N . -21.66 15.23 21.63
PA NAP O . -48.55 11.15 21.74
O1A NAP O . -48.30 10.39 23.01
O2A NAP O . -49.94 11.52 21.41
O5B NAP O . -47.58 12.43 21.79
C5B NAP O . -47.64 13.54 20.90
C4B NAP O . -47.18 14.76 21.67
O4B NAP O . -47.08 15.90 20.83
C3B NAP O . -48.13 15.16 22.81
O3B NAP O . -47.43 15.28 24.03
C2B NAP O . -48.52 16.56 22.44
O2B NAP O . -48.70 17.34 23.59
C1B NAP O . -47.28 17.02 21.65
N9A NAP O . -47.59 18.23 20.88
C8A NAP O . -48.41 18.33 19.78
N7A NAP O . -48.40 19.61 19.40
C5A NAP O . -47.60 20.33 20.23
C6A NAP O . -47.32 21.70 20.33
N6A NAP O . -47.87 22.55 19.48
N1A NAP O . -46.47 22.14 21.32
C2A NAP O . -45.95 21.26 22.23
N3A NAP O . -46.26 19.92 22.14
C4A NAP O . -47.11 19.47 21.19
O3 NAP O . -48.11 10.23 20.51
PN NAP O . -46.70 9.65 20.04
O1N NAP O . -47.09 8.63 19.05
O2N NAP O . -45.93 9.44 21.27
O5D NAP O . -46.01 10.87 19.28
C5D NAP O . -44.66 11.20 19.52
C4D NAP O . -43.85 11.27 18.23
O4D NAP O . -43.64 9.98 17.66
C3D NAP O . -44.48 12.15 17.16
O3D NAP O . -43.45 12.85 16.51
C2D NAP O . -45.05 11.11 16.20
O2D NAP O . -45.24 11.71 14.93
C1D NAP O . -43.94 10.06 16.28
N1N NAP O . -44.24 8.70 15.84
C2N NAP O . -45.29 8.00 16.35
C3N NAP O . -45.50 6.72 15.89
C7N NAP O . -46.54 5.87 16.55
O7N NAP O . -46.89 4.69 15.91
N7N NAP O . -47.12 6.21 17.68
C4N NAP O . -44.65 6.12 14.99
C5N NAP O . -43.57 6.83 14.47
C6N NAP O . -43.40 8.13 14.92
P2B NAP O . -50.17 17.76 24.15
O1X NAP O . -50.99 16.49 24.20
O2X NAP O . -49.91 18.34 25.52
O3X NAP O . -50.81 18.77 23.23
C 9W7 P . -48.42 5.39 11.46
F 9W7 P . -49.46 6.02 14.72
N 9W7 P . -51.99 14.18 14.36
O 9W7 P . -46.20 10.09 13.20
CL 9W7 P . -48.01 12.69 17.15
C1 9W7 P . -47.56 5.41 12.68
O1 9W7 P . -47.94 10.48 15.24
C2 9W7 P . -47.70 6.75 13.36
O2 9W7 P . -52.89 13.88 13.58
C3 9W7 P . -46.90 7.82 12.97
O3 9W7 P . -52.05 15.15 15.11
C4 9W7 P . -47.00 9.07 13.59
C5 9W7 P . -47.91 9.24 14.63
C6 9W7 P . -48.95 11.38 14.98
C7 9W7 P . -49.83 11.21 13.93
C8 9W7 P . -50.80 12.17 13.69
C9 9W7 P . -50.88 13.27 14.51
C10 9W7 P . -50.01 13.46 15.56
C11 9W7 P . -49.05 12.50 15.79
C12 9W7 P . -48.68 8.19 15.05
C13 9W7 P . -48.60 7.00 14.37
N GLU Q . -1.69 9.04 -4.45
CA GLU Q . -0.96 8.06 -3.63
C GLU Q . -1.65 6.69 -3.69
O GLU Q . -1.52 5.94 -2.70
CB GLU Q . -0.95 8.58 -2.19
CG GLU Q . -2.30 8.28 -1.55
CD GLU Q . -2.70 9.24 -0.41
OE1 GLU Q . -2.86 10.44 -0.71
OE2 GLU Q . -2.91 8.72 0.71
OXT GLU Q . -2.32 6.42 -4.72
C1 MRD R . -28.55 -11.75 23.39
C2 MRD R . -28.84 -10.48 22.60
O2 MRD R . -27.75 -10.30 21.65
CM MRD R . -28.84 -9.28 23.54
C3 MRD R . -30.19 -10.62 21.87
C4 MRD R . -30.37 -9.76 20.60
O4 MRD R . -30.71 -8.40 20.88
C5 MRD R . -31.38 -10.43 19.66
PA NAP S . -7.50 -4.48 8.64
O1A NAP S . -7.08 -4.12 10.03
O2A NAP S . -6.46 -4.62 7.60
O5B NAP S . -8.38 -5.83 8.68
C5B NAP S . -8.85 -6.52 7.54
C4B NAP S . -8.98 -7.93 8.06
O4B NAP S . -9.51 -8.72 7.02
C3B NAP S . -7.61 -8.53 8.38
O3B NAP S . -7.60 -8.97 9.72
C2B NAP S . -7.55 -9.79 7.54
O2B NAP S . -6.92 -10.84 8.23
C1B NAP S . -9.02 -10.01 7.23
N9A NAP S . -9.22 -10.86 6.07
C8A NAP S . -9.06 -10.56 4.73
N7A NAP S . -9.31 -11.69 4.02
C5A NAP S . -9.69 -12.67 4.88
C6A NAP S . -10.01 -14.00 4.68
N6A NAP S . -10.04 -14.51 3.45
N1A NAP S . -10.32 -14.75 5.79
C2A NAP S . -10.29 -14.22 7.07
N3A NAP S . -9.89 -12.92 7.27
C4A NAP S . -9.60 -12.17 6.18
O3 NAP S . -8.43 -3.30 8.07
PN NAP S . -9.76 -2.62 8.58
O1N NAP S . -9.76 -1.29 7.95
O2N NAP S . -9.81 -2.79 10.04
O5D NAP S . -10.85 -3.54 7.87
C5D NAP S . -11.95 -4.11 8.54
C4D NAP S . -13.28 -3.82 7.87
O4D NAP S . -13.53 -2.43 7.91
C3D NAP S . -13.30 -4.21 6.39
O3D NAP S . -14.57 -4.79 6.17
C2D NAP S . -13.17 -2.89 5.66
O2D NAP S . -13.72 -3.07 4.35
C1D NAP S . -13.93 -2.00 6.63
N1N NAP S . -13.82 -0.54 6.55
C2N NAP S . -12.61 0.09 6.59
C3N NAP S . -12.57 1.46 6.51
C7N NAP S . -11.28 2.15 6.87
O7N NAP S . -11.16 3.50 6.55
N7N NAP S . -10.25 1.48 7.38
C4N NAP S . -13.73 2.22 6.42
C5N NAP S . -14.94 1.56 6.39
C6N NAP S . -14.97 0.18 6.43
P2B NAP S . -5.41 -11.33 7.93
O1X NAP S . -4.41 -10.19 8.10
O2X NAP S . -5.13 -12.44 8.93
O3X NAP S . -5.36 -11.84 6.51
C 9W7 T . -11.81 4.36 2.09
F 9W7 T . -9.45 2.81 4.08
N 9W7 T . -8.08 -4.63 0.01
O 9W7 T . -13.35 -0.82 3.03
CL 9W7 T . -10.18 -4.44 4.65
C1 9W7 T . -12.04 3.87 3.45
O1 9W7 T . -10.92 -1.71 3.85
C2 9W7 T . -11.69 2.39 3.56
O2 9W7 T . -7.65 -4.04 -0.98
C3 9W7 T . -12.67 1.44 3.28
O3 9W7 T . -7.72 -5.76 0.32
C4 9W7 T . -12.39 0.09 3.30
C5 9W7 T . -11.10 -0.34 3.67
C6 9W7 T . -10.29 -2.43 2.84
C7 9W7 T . -10.07 -1.90 1.57
C8 9W7 T . -9.35 -2.62 0.63
C9 9W7 T . -8.90 -3.88 0.96
C10 9W7 T . -9.16 -4.45 2.18
C11 9W7 T . -9.84 -3.71 3.12
C12 9W7 T . -10.13 0.59 3.95
C13 9W7 T . -10.43 1.92 3.86
PA NAP U . -35.62 -13.96 -19.91
O1A NAP U . -36.52 -13.65 -21.04
O2A NAP U . -35.56 -15.38 -19.54
O5B NAP U . -34.14 -13.42 -20.31
C5B NAP U . -33.01 -13.57 -19.49
C4B NAP U . -31.87 -13.71 -20.49
O4B NAP U . -30.62 -13.82 -19.81
C3B NAP U . -32.02 -14.93 -21.40
O3B NAP U . -31.99 -14.53 -22.76
C2B NAP U . -30.76 -15.71 -21.11
O2B NAP U . -30.21 -16.33 -22.25
C1B NAP U . -29.81 -14.62 -20.64
N9A NAP U . -28.65 -15.23 -19.97
C8A NAP U . -28.59 -15.94 -18.80
N7A NAP U . -27.30 -16.31 -18.60
C5A NAP U . -26.56 -15.88 -19.67
C6A NAP U . -25.23 -16.00 -20.01
N6A NAP U . -24.42 -16.65 -19.18
N1A NAP U . -24.74 -15.39 -21.15
C2A NAP U . -25.58 -14.69 -21.98
N3A NAP U . -26.92 -14.60 -21.65
C4A NAP U . -27.40 -15.20 -20.54
O3 NAP U . -36.02 -13.09 -18.61
PN NAP U . -36.34 -11.52 -18.39
O1N NAP U . -37.33 -11.43 -17.32
O2N NAP U . -36.52 -10.84 -19.71
O5D NAP U . -34.98 -11.02 -17.71
C5D NAP U . -34.15 -10.06 -18.32
C4D NAP U . -33.52 -9.15 -17.25
O4D NAP U . -34.55 -8.43 -16.59
C3D NAP U . -32.76 -9.89 -16.15
O3D NAP U . -31.64 -9.13 -15.79
C2D NAP U . -33.72 -9.87 -15.00
O2D NAP U . -33.06 -10.04 -13.76
C1D NAP U . -34.37 -8.51 -15.19
N1N NAP U . -35.68 -8.28 -14.51
C2N NAP U . -36.75 -9.11 -14.76
C3N NAP U . -38.00 -8.85 -14.21
C7N NAP U . -39.21 -9.71 -14.48
O7N NAP U . -40.29 -9.47 -13.64
N7N NAP U . -39.37 -10.61 -15.46
C4N NAP U . -38.11 -7.73 -13.40
C5N NAP U . -37.02 -6.92 -13.08
C6N NAP U . -35.80 -7.22 -13.65
P2B NAP U . -30.49 -17.85 -22.75
O1X NAP U . -31.99 -18.05 -22.72
O2X NAP U . -29.93 -17.85 -24.16
O3X NAP U . -29.84 -18.93 -21.92
C 9W7 V . -39.56 -10.96 -9.07
F 9W7 V . -39.78 -12.29 -12.24
N 9W7 V . -32.69 -17.21 -12.44
O 9W7 V . -34.69 -10.43 -11.80
CL 9W7 V . -33.49 -13.35 -15.69
C1 9W7 V . -39.35 -10.17 -10.34
O1 9W7 V . -35.24 -12.37 -13.57
C2 9W7 V . -38.29 -10.79 -11.22
O2 9W7 V . -33.03 -17.85 -11.47
C3 9W7 V . -36.97 -10.35 -11.08
O3 9W7 V . -31.89 -17.60 -13.30
C4 9W7 V . -35.96 -10.92 -11.84
C5 9W7 V . -36.26 -11.91 -12.77
C6 9W7 V . -34.68 -13.60 -13.26
C7 9W7 V . -34.89 -14.25 -12.05
C8 9W7 V . -34.25 -15.43 -11.78
C9 9W7 V . -33.34 -15.93 -12.70
C10 9W7 V . -33.08 -15.29 -13.89
C11 9W7 V . -33.77 -14.14 -14.17
C12 9W7 V . -37.56 -12.38 -12.88
C13 9W7 V . -38.53 -11.81 -12.11
C1 MRD W . -25.65 8.82 -29.25
C2 MRD W . -26.05 8.96 -27.77
O2 MRD W . -26.18 7.61 -27.23
CM MRD W . -27.43 9.61 -27.72
C3 MRD W . -25.01 9.76 -26.97
C4 MRD W . -25.17 9.82 -25.44
O4 MRD W . -26.18 10.74 -25.01
C5 MRD W . -23.85 10.15 -24.77
N GLU X . 34.40 -36.05 -1.86
CA GLU X . 33.84 -37.13 -1.05
C GLU X . 32.40 -36.77 -0.72
O GLU X . 32.05 -36.82 0.48
CB GLU X . 34.69 -37.33 0.23
CG GLU X . 34.42 -36.22 1.26
CD GLU X . 35.69 -35.43 1.65
OE1 GLU X . 36.55 -35.24 0.78
OE2 GLU X . 35.73 -35.01 2.84
OXT GLU X . 31.65 -36.49 -1.68
C1 MRD Y . 25.16 -8.49 29.44
C2 MRD Y . 25.72 -8.10 28.07
O2 MRD Y . 25.54 -9.21 27.15
CM MRD Y . 27.22 -7.88 28.25
C3 MRD Y . 25.09 -6.80 27.54
C4 MRD Y . 25.35 -6.40 26.06
O4 MRD Y . 26.59 -5.73 25.88
C5 MRD Y . 24.24 -5.50 25.50
PA NAP Z . 26.72 -30.20 14.51
O1A NAP Z . 27.52 -30.59 15.69
O2A NAP Z . 26.24 -31.35 13.71
O5B NAP Z . 25.52 -29.27 15.01
C5B NAP Z . 24.44 -28.88 14.19
C4B NAP Z . 23.25 -28.78 15.14
O4B NAP Z . 22.10 -28.38 14.43
C3B NAP Z . 22.93 -30.11 15.82
O3B NAP Z . 23.16 -30.02 17.21
C2B NAP Z . 21.44 -30.29 15.51
O2B NAP Z . 20.69 -30.83 16.58
C1B NAP Z . 21.05 -28.84 15.24
N9A NAP Z . 19.76 -28.79 14.56
C8A NAP Z . 19.53 -29.13 13.25
N7A NAP Z . 18.22 -28.98 13.04
C5A NAP Z . 17.61 -28.55 14.16
C6A NAP Z . 16.28 -28.29 14.44
N6A NAP Z . 15.35 -28.41 13.49
N1A NAP Z . 15.97 -27.82 15.71
C2A NAP Z . 16.94 -27.67 16.67
N3A NAP Z . 18.25 -28.00 16.38
C4A NAP Z . 18.58 -28.42 15.14
O3 NAP Z . 27.58 -29.32 13.44
PN NAP Z . 28.33 -27.88 13.49
O1N NAP Z . 29.34 -27.94 12.45
O2N NAP Z . 28.70 -27.60 14.90
O5D NAP Z . 27.20 -26.83 13.02
C5D NAP Z . 26.85 -25.76 13.88
C4D NAP Z . 26.65 -24.44 13.14
O4D NAP Z . 27.89 -24.02 12.61
C3D NAP Z . 25.67 -24.48 11.97
O3D NAP Z . 25.07 -23.21 11.83
C2D NAP Z . 26.61 -24.67 10.81
O2D NAP Z . 26.02 -24.26 9.61
C1D NAP Z . 27.73 -23.74 11.23
N1N NAP Z . 29.04 -23.84 10.54
C2N NAP Z . 29.78 -24.99 10.60
C3N NAP Z . 31.07 -25.04 10.04
C7N NAP Z . 31.88 -26.33 9.97
O7N NAP Z . 32.89 -26.41 9.03
N7N NAP Z . 31.63 -27.40 10.73
C4N NAP Z . 31.57 -23.88 9.46
C5N NAP Z . 30.81 -22.72 9.41
C6N NAP Z . 29.54 -22.70 9.99
P2B NAP Z . 20.30 -32.40 16.62
O1X NAP Z . 21.55 -33.22 16.32
O2X NAP Z . 19.77 -32.62 18.00
O3X NAP Z . 19.23 -32.67 15.61
C 9W7 AA . 32.03 -26.19 4.56
F 9W7 AA . 31.45 -28.22 7.21
N 9W7 AA . 23.14 -30.24 6.48
O 9W7 AA . 27.35 -24.67 7.47
CL 9W7 AA . 25.03 -27.79 10.55
C1 9W7 AA . 31.92 -25.67 5.99
O1 9W7 AA . 27.12 -27.02 8.72
C2 9W7 AA . 30.68 -26.06 6.76
O2 9W7 AA . 23.24 -30.62 5.32
C3 9W7 AA . 29.61 -25.16 6.82
O3 9W7 AA . 22.18 -30.50 7.20
C4 9W7 AA . 28.42 -25.52 7.44
C5 9W7 AA . 28.30 -26.77 8.05
C6 9W7 AA . 26.14 -27.79 8.09
C7 9W7 AA . 26.25 -28.25 6.78
C8 9W7 AA . 25.25 -29.03 6.24
C9 9W7 AA . 24.17 -29.36 7.02
C10 9W7 AA . 24.04 -28.92 8.33
C11 9W7 AA . 25.04 -28.15 8.85
C12 9W7 AA . 29.35 -27.66 8.02
C13 9W7 AA . 30.50 -27.28 7.37
N GLU BA . 4.38 6.26 5.92
CA GLU BA . 3.25 5.96 5.01
C GLU BA . 3.19 4.45 4.79
O GLU BA . 2.84 4.03 3.67
CB GLU BA . 3.42 6.74 3.69
CG GLU BA . 4.73 6.33 2.96
CD GLU BA . 5.19 7.29 1.84
OE1 GLU BA . 4.75 7.09 0.68
OE2 GLU BA . 6.04 8.14 2.15
OXT GLU BA . 3.47 3.75 5.80
C1 MRD CA . 22.87 -16.55 -25.83
C2 MRD CA . 23.34 -15.16 -25.41
O2 MRD CA . 22.63 -14.71 -24.23
CM MRD CA . 22.98 -14.20 -26.54
C3 MRD CA . 24.86 -15.17 -25.09
C4 MRD CA . 25.35 -14.94 -23.65
O4 MRD CA . 26.24 -13.82 -23.60
C5 MRD CA . 26.06 -16.15 -23.03
PA NAP DA . 5.25 -4.64 -9.73
O1A NAP DA . 5.02 -3.89 -10.97
O2A NAP DA . 4.22 -4.60 -8.67
O5B NAP DA . 5.61 -6.15 -10.12
C5B NAP DA . 5.64 -7.14 -9.13
C4B NAP DA . 5.39 -8.37 -9.99
O4B NAP DA . 5.58 -9.52 -9.21
C3B NAP DA . 3.95 -8.42 -10.48
O3B NAP DA . 3.97 -8.61 -11.86
C2B NAP DA . 3.38 -9.69 -9.89
O2B NAP DA . 2.50 -10.30 -10.79
C1B NAP DA . 4.67 -10.49 -9.69
N9A NAP DA . 4.48 -11.59 -8.75
C8A NAP DA . 4.29 -11.61 -7.39
N7A NAP DA . 4.13 -12.89 -7.00
C5A NAP DA . 4.16 -13.66 -8.13
C6A NAP DA . 4.01 -15.03 -8.35
N6A NAP DA . 3.75 -15.82 -7.30
N1A NAP DA . 4.07 -15.54 -9.65
C2A NAP DA . 4.29 -14.70 -10.71
N3A NAP DA . 4.40 -13.33 -10.51
C4A NAP DA . 4.31 -12.85 -9.25
O3 NAP DA . 6.49 -4.04 -8.92
PN NAP DA . 8.02 -3.82 -9.24
O1N NAP DA . 8.48 -2.89 -8.19
O2N NAP DA . 8.09 -3.56 -10.68
O5D NAP DA . 8.62 -5.29 -8.95
C5D NAP DA . 9.58 -5.90 -9.78
C4D NAP DA . 10.85 -6.33 -9.06
O4D NAP DA . 11.66 -5.20 -8.78
C3D NAP DA . 10.65 -7.07 -7.75
O3D NAP DA . 11.56 -8.14 -7.67
C2D NAP DA . 11.04 -6.02 -6.73
O2D NAP DA . 11.36 -6.66 -5.52
C1D NAP DA . 12.15 -5.28 -7.47
N1N NAP DA . 12.47 -3.92 -7.05
C2N NAP DA . 11.53 -2.94 -7.08
C3N NAP DA . 11.89 -1.69 -6.65
C7N NAP DA . 10.93 -0.53 -6.73
O7N NAP DA . 11.41 0.59 -6.08
N7N NAP DA . 9.74 -0.57 -7.34
C4N NAP DA . 13.17 -1.39 -6.28
C5N NAP DA . 14.14 -2.38 -6.29
C6N NAP DA . 13.77 -3.65 -6.72
P2B NAP DA . 0.89 -10.27 -10.54
O1X NAP DA . 0.52 -8.81 -10.39
O2X NAP DA . 0.26 -10.94 -11.71
O3X NAP DA . 0.51 -10.97 -9.27
C 9W7 EA . 12.29 0.07 -1.44
F 9W7 EA . 9.55 0.06 -3.67
N 9W7 EA . 5.44 -7.17 -1.38
O 9W7 EA . 11.69 -4.90 -3.63
CL 9W7 EA . 7.60 -6.52 -5.92
C1 9W7 EA . 12.33 -0.12 -2.96
O1 9W7 EA . 9.22 -4.58 -4.53
C2 9W7 EA . 11.45 -1.26 -3.34
O2 9W7 EA . 5.25 -6.80 -0.22
C3 9W7 EA . 11.95 -2.56 -3.23
O3 9W7 EA . 4.73 -7.96 -1.96
C4 9W7 EA . 11.18 -3.65 -3.60
C5 9W7 EA . 9.89 -3.46 -4.12
C6 9W7 EA . 8.36 -5.22 -3.66
C7 9W7 EA . 8.23 -4.91 -2.32
C8 9W7 EA . 7.29 -5.58 -1.55
C9 9W7 EA . 6.53 -6.56 -2.13
C10 9W7 EA . 6.66 -6.91 -3.45
C11 9W7 EA . 7.56 -6.23 -4.21
C12 9W7 EA . 9.40 -2.18 -4.24
C13 9W7 EA . 10.14 -1.13 -3.79
N GLU FA . 57.14 -17.76 -10.88
CA GLU FA . 57.67 -17.11 -12.09
C GLU FA . 57.58 -15.58 -11.93
O GLU FA . 57.56 -14.88 -12.96
CB GLU FA . 56.85 -17.60 -13.29
CG GLU FA . 55.41 -17.09 -13.13
CD GLU FA . 54.36 -17.85 -13.94
OE1 GLU FA . 54.01 -18.96 -13.49
OE2 GLU FA . 53.86 -17.24 -14.91
OXT GLU FA . 57.56 -15.15 -10.76
C1 MRD GA . 27.42 12.15 -22.75
C2 MRD GA . 27.06 10.82 -22.08
O2 MRD GA . 28.31 10.13 -21.79
CM MRD GA . 26.27 9.96 -23.06
C3 MRD GA . 26.26 11.03 -20.78
C4 MRD GA . 26.61 10.16 -19.55
O4 MRD GA . 25.83 8.97 -19.47
C5 MRD GA . 26.44 10.97 -18.26
C1 MRD HA . 46.79 -18.81 -8.33
C2 MRD HA . 47.37 -18.10 -7.11
O2 MRD HA . 46.76 -18.79 -5.98
CM MRD HA . 46.85 -16.67 -7.00
C3 MRD HA . 48.92 -18.14 -7.03
C4 MRD HA . 49.76 -17.25 -7.99
O4 MRD HA . 51.03 -17.83 -8.23
C5 MRD HA . 50.07 -15.81 -7.57
PA NAP IA . 49.76 -2.40 -20.56
O1A NAP IA . 49.32 -2.88 -21.90
O2A NAP IA . 51.20 -2.57 -20.23
O5B NAP IA . 49.30 -0.90 -20.29
C5B NAP IA . 49.70 -0.19 -19.14
C4B NAP IA . 49.80 1.26 -19.58
O4B NAP IA . 50.12 2.10 -18.49
C3B NAP IA . 50.90 1.47 -20.62
O3B NAP IA . 50.27 1.98 -21.76
C2B NAP IA . 51.80 2.52 -20.00
O2B NAP IA . 52.21 3.45 -20.98
C1B NAP IA . 50.85 3.19 -19.00
N9A NAP IA . 51.53 4.02 -17.99
C8A NAP IA . 52.23 3.61 -16.88
N7A NAP IA . 52.60 4.70 -16.17
C5A NAP IA . 52.21 5.81 -16.84
C6A NAP IA . 52.38 7.15 -16.57
N6A NAP IA . 53.11 7.56 -15.52
N1A NAP IA . 51.80 8.06 -17.43
C2A NAP IA . 51.13 7.63 -18.55
N3A NAP IA . 50.94 6.30 -18.79
C4A NAP IA . 51.50 5.39 -17.96
O3 NAP IA . 48.98 -3.34 -19.51
PN NAP IA . 47.43 -3.59 -19.19
O1N NAP IA . 47.33 -4.94 -18.62
O2N NAP IA . 46.66 -3.26 -20.42
O5D NAP IA . 47.23 -2.49 -18.04
C5D NAP IA . 46.35 -1.39 -18.09
C4D NAP IA . 45.39 -1.27 -16.90
O4D NAP IA . 44.62 -2.44 -16.70
C3D NAP IA . 46.09 -0.98 -15.56
O3D NAP IA . 45.27 -0.10 -14.80
C2D NAP IA . 46.15 -2.37 -14.93
O2D NAP IA . 46.42 -2.31 -13.55
C1D NAP IA . 44.78 -2.89 -15.37
N1N NAP IA . 44.56 -4.35 -15.27
C2N NAP IA . 45.33 -5.26 -15.92
C3N NAP IA . 45.05 -6.61 -15.73
C7N NAP IA . 45.67 -7.67 -16.57
O7N NAP IA . 45.42 -8.97 -16.14
N7N NAP IA . 46.46 -7.41 -17.60
C4N NAP IA . 44.01 -7.04 -14.96
C5N NAP IA . 43.23 -6.09 -14.31
C6N NAP IA . 43.53 -4.75 -14.47
P2B NAP IA . 53.77 3.52 -21.47
O1X NAP IA . 54.15 2.13 -21.92
O2X NAP IA . 53.73 4.49 -22.62
O3X NAP IA . 54.64 3.92 -20.31
C 9W7 JA . 46.99 -10.12 -11.94
F 9W7 JA . 48.28 -9.06 -15.03
N 9W7 JA . 53.71 -2.65 -12.72
O 9W7 JA . 46.90 -4.53 -12.38
CL 9W7 JA . 49.60 -2.00 -15.71
C1 9W7 JA . 46.27 -9.35 -13.00
O1 9W7 JA . 48.69 -4.40 -14.39
C2 9W7 JA . 46.97 -8.06 -13.34
O2 9W7 JA . 54.46 -3.41 -12.14
C3 9W7 JA . 46.66 -6.90 -12.65
O3 9W7 JA . 54.06 -1.56 -13.14
C4 9W7 JA . 47.25 -5.69 -13.00
C5 9W7 JA . 48.18 -5.64 -14.02
C6 9W7 JA . 49.90 -3.99 -13.92
C7 9W7 JA . 50.59 -4.65 -12.90
C8 9W7 JA . 51.86 -4.25 -12.54
C9 9W7 JA . 52.40 -3.14 -13.17
C10 9W7 JA . 51.74 -2.46 -14.16
C11 9W7 JA . 50.49 -2.89 -14.53
C12 9W7 JA . 48.53 -6.79 -14.70
C13 9W7 JA . 47.92 -7.95 -14.34
PA NAP KA . 44.06 12.32 17.46
O1A NAP KA . 43.84 12.17 18.91
O2A NAP KA . 44.34 13.69 17.04
O5B NAP KA . 45.23 11.29 17.11
C5B NAP KA . 45.86 11.31 15.84
C4B NAP KA . 47.32 11.00 16.17
O4B NAP KA . 48.05 10.78 14.98
C3B NAP KA . 47.94 12.19 16.89
O3B NAP KA . 48.54 11.67 18.05
C2B NAP KA . 48.98 12.66 15.90
O2B NAP KA . 50.12 13.23 16.51
C1B NAP KA . 49.31 11.33 15.27
N9A NAP KA . 50.07 11.59 14.06
C8A NAP KA . 49.72 12.33 12.97
N7A NAP KA . 50.76 12.33 12.12
C5A NAP KA . 51.76 11.63 12.69
C6A NAP KA . 53.05 11.33 12.28
N6A NAP KA . 53.46 11.79 11.10
N1A NAP KA . 53.84 10.54 13.09
C2A NAP KA . 53.41 10.08 14.31
N3A NAP KA . 52.14 10.41 14.73
C4A NAP KA . 51.36 11.15 13.93
O3 NAP KA . 42.79 11.76 16.62
PN NAP KA . 41.97 10.36 16.72
O1N NAP KA . 40.55 10.65 16.40
O2N NAP KA . 42.32 9.70 18.00
O5D NAP KA . 42.61 9.53 15.52
C5D NAP KA . 43.34 8.34 15.76
C4D NAP KA . 43.05 7.33 14.66
O4D NAP KA . 41.69 6.97 14.66
C3D NAP KA . 43.30 7.91 13.28
O3D NAP KA . 43.83 6.89 12.47
C2D NAP KA . 41.92 8.30 12.78
O2D NAP KA . 41.87 8.37 11.37
C1D NAP KA . 41.10 7.16 13.39
N1N NAP KA . 39.64 7.37 13.47
C2N NAP KA . 39.13 8.46 14.14
C3N NAP KA . 37.75 8.62 14.26
C7N NAP KA . 37.18 9.79 14.99
O7N NAP KA . 35.83 9.99 14.69
N7N NAP KA . 37.88 10.59 15.81
C4N NAP KA . 36.88 7.72 13.65
C5N NAP KA . 37.43 6.61 12.98
C6N NAP KA . 38.80 6.47 12.86
P2B NAP KA . 50.25 14.82 16.87
O1X NAP KA . 49.10 15.20 17.76
O2X NAP KA . 51.59 15.03 17.51
O3X NAP KA . 50.16 15.63 15.59
C1 MRD LA . 50.36 -13.10 22.14
C2 MRD LA . 49.26 -12.95 21.09
O2 MRD LA . 49.23 -11.53 20.75
CM MRD LA . 47.93 -13.35 21.75
C3 MRD LA . 49.55 -13.85 19.88
C4 MRD LA . 48.59 -13.80 18.66
O4 MRD LA . 47.32 -14.39 18.89
C5 MRD LA . 49.19 -14.52 17.45
C 9W7 MA . 34.57 11.64 10.55
F 9W7 MA . 36.35 12.58 13.12
N 9W7 MA . 43.68 15.21 9.38
O 9W7 MA . 39.77 9.39 10.37
CL 9W7 MA . 43.52 11.52 12.93
C1 9W7 MA . 35.18 10.55 11.38
O1 9W7 MA . 40.77 11.28 12.10
C2 9W7 MA . 36.64 10.76 11.68
O2 9W7 MA . 43.13 15.87 8.51
C3 9W7 MA . 37.55 10.00 10.94
O3 9W7 MA . 44.86 15.33 9.69
C4 9W7 MA . 38.91 10.19 11.06
C5 9W7 MA . 39.39 11.13 11.97
C6 9W7 MA . 41.43 12.26 11.35
C7 9W7 MA . 40.84 13.05 10.38
C8 9W7 MA . 41.57 14.02 9.73
C9 9W7 MA . 42.91 14.17 10.05
C10 9W7 MA . 43.54 13.38 10.98
C11 9W7 MA . 42.78 12.44 11.64
C12 9W7 MA . 38.52 11.86 12.75
C13 9W7 MA . 37.18 11.68 12.55
#